data_1PN5
#
_entry.id   1PN5
#
_cell.length_a   1.000
_cell.length_b   1.000
_cell.length_c   1.000
_cell.angle_alpha   90.00
_cell.angle_beta   90.00
_cell.angle_gamma   90.00
#
_symmetry.space_group_name_H-M   'P 1'
#
_entity_poly.entity_id   1
_entity_poly.type   'polypeptide(L)'
_entity_poly.pdbx_seq_one_letter_code
;MQYKLILNGKTLKGETTTEAVDAATAEKVFKQYANDNGVDGEWTYDDATKTFTVTEGSMAGGAWGRLACYLEFLKKEELK
EFQLLLANKAHSRSSSGETPAQPEKTSGMEVASYLVAQYGEQRAWDLALHTWEQMGLRSLCAQAQEGAGHSLEHHHHHH
;
_entity_poly.pdbx_strand_id   A
#
# COMPACT_ATOMS: atom_id res chain seq x y z
N MET A 59 14.74 12.32 1.60
CA MET A 59 15.34 11.13 2.18
C MET A 59 14.80 9.85 1.56
N ALA A 60 15.69 8.88 1.39
CA ALA A 60 15.35 7.49 1.12
C ALA A 60 14.74 6.85 2.37
N GLY A 61 14.31 5.59 2.27
CA GLY A 61 13.68 4.88 3.37
C GLY A 61 14.23 3.48 3.57
N GLY A 62 13.62 2.76 4.49
CA GLY A 62 13.82 1.33 4.71
C GLY A 62 13.66 0.57 3.40
N ALA A 63 12.61 0.88 2.65
CA ALA A 63 12.41 0.56 1.25
C ALA A 63 11.14 1.29 0.81
N TRP A 64 11.18 2.62 0.84
CA TRP A 64 10.01 3.43 0.56
C TRP A 64 10.40 4.77 -0.05
N GLY A 65 11.07 5.62 0.71
CA GLY A 65 11.29 7.02 0.37
C GLY A 65 9.96 7.65 -0.09
N ARG A 66 9.89 8.02 -1.38
CA ARG A 66 8.74 8.57 -2.09
C ARG A 66 7.45 7.78 -1.86
N LEU A 67 7.49 6.51 -1.47
CA LEU A 67 6.32 5.68 -1.20
C LEU A 67 5.35 6.44 -0.29
N ALA A 68 5.83 6.97 0.84
CA ALA A 68 4.97 7.66 1.80
C ALA A 68 4.50 9.04 1.32
N CYS A 69 5.04 9.60 0.23
CA CYS A 69 4.54 10.81 -0.41
C CYS A 69 3.25 10.50 -1.15
N TYR A 70 3.17 9.36 -1.87
CA TYR A 70 1.90 8.93 -2.46
C TYR A 70 0.88 8.79 -1.32
N LEU A 71 1.31 8.15 -0.23
CA LEU A 71 0.51 7.94 0.97
C LEU A 71 0.40 9.19 1.85
N GLU A 72 0.71 10.38 1.34
CA GLU A 72 0.41 11.65 2.02
C GLU A 72 -0.81 12.31 1.38
N PHE A 73 -1.13 12.01 0.12
CA PHE A 73 -2.27 12.59 -0.57
C PHE A 73 -3.57 12.10 0.09
N LEU A 74 -3.70 10.78 0.29
CA LEU A 74 -4.89 10.16 0.86
C LEU A 74 -4.72 9.91 2.36
N LYS A 75 -5.85 9.92 3.05
CA LYS A 75 -6.04 9.81 4.49
C LYS A 75 -7.04 8.68 4.74
N LYS A 76 -7.58 8.49 5.95
CA LYS A 76 -8.40 7.30 6.25
C LYS A 76 -9.54 7.10 5.27
N GLU A 77 -10.07 8.18 4.67
CA GLU A 77 -11.18 8.18 3.72
C GLU A 77 -11.02 7.09 2.66
N GLU A 78 -9.80 6.79 2.22
CA GLU A 78 -9.54 5.63 1.37
C GLU A 78 -8.21 4.92 1.67
N LEU A 79 -7.29 5.45 2.50
CA LEU A 79 -6.10 4.71 2.95
C LEU A 79 -6.47 3.44 3.74
N LYS A 80 -7.53 3.52 4.54
CA LYS A 80 -8.13 2.35 5.19
C LYS A 80 -8.66 1.40 4.12
N GLU A 81 -9.47 1.86 3.18
CA GLU A 81 -9.97 0.96 2.14
C GLU A 81 -8.81 0.34 1.37
N PHE A 82 -7.73 1.07 1.11
CA PHE A 82 -6.55 0.55 0.45
C PHE A 82 -5.98 -0.66 1.22
N GLN A 83 -5.61 -0.48 2.49
CA GLN A 83 -5.02 -1.57 3.27
C GLN A 83 -5.99 -2.75 3.46
N LEU A 84 -7.30 -2.51 3.36
CA LEU A 84 -8.39 -3.45 3.44
C LEU A 84 -8.45 -4.28 2.15
N LEU A 85 -8.78 -3.64 1.02
CA LEU A 85 -8.94 -4.23 -0.32
C LEU A 85 -7.75 -5.11 -0.69
N LEU A 86 -6.53 -4.60 -0.42
CA LEU A 86 -5.27 -5.31 -0.45
C LEU A 86 -5.40 -6.70 0.16
N ALA A 87 -5.82 -6.78 1.41
CA ALA A 87 -5.82 -8.03 2.17
C ALA A 87 -6.86 -9.02 1.64
N ASN A 88 -7.86 -8.54 0.89
CA ASN A 88 -8.84 -9.38 0.23
C ASN A 88 -8.23 -9.98 -1.03
N LYS A 89 -7.64 -9.13 -1.88
CA LYS A 89 -7.01 -9.50 -3.13
C LYS A 89 -5.88 -10.48 -2.86
N ALA A 90 -4.95 -10.10 -1.97
CA ALA A 90 -3.91 -10.88 -1.32
C ALA A 90 -3.52 -12.14 -2.10
N HIS A 91 -2.50 -12.00 -2.96
CA HIS A 91 -2.17 -12.86 -4.09
C HIS A 91 -2.01 -14.36 -3.80
N SER A 92 -2.01 -14.79 -2.54
CA SER A 92 -2.16 -16.18 -2.12
C SER A 92 -3.39 -16.81 -2.80
N ARG A 93 -4.59 -16.26 -2.56
CA ARG A 93 -5.90 -16.86 -2.80
C ARG A 93 -6.06 -18.15 -1.99
N SER A 94 -6.82 -18.09 -0.90
CA SER A 94 -7.22 -19.25 -0.11
C SER A 94 -8.57 -18.96 0.53
N SER A 95 -9.18 -19.98 1.13
CA SER A 95 -10.53 -20.02 1.67
C SER A 95 -10.68 -19.23 2.98
N SER A 96 -10.22 -17.98 3.02
CA SER A 96 -10.51 -17.03 4.10
C SER A 96 -10.52 -15.61 3.56
N GLY A 97 -9.51 -15.26 2.76
CA GLY A 97 -9.42 -13.96 2.11
C GLY A 97 -9.11 -12.83 3.08
N GLU A 98 -8.27 -13.11 4.08
CA GLU A 98 -7.65 -12.17 4.99
C GLU A 98 -6.18 -12.60 5.13
N THR A 99 -5.35 -11.81 5.80
CA THR A 99 -4.05 -12.21 6.30
C THR A 99 -4.10 -12.33 7.83
N PRO A 100 -3.17 -13.07 8.45
CA PRO A 100 -3.07 -13.12 9.90
C PRO A 100 -2.44 -11.84 10.47
N ALA A 101 -2.55 -11.69 11.80
CA ALA A 101 -2.15 -10.55 12.62
C ALA A 101 -2.76 -9.21 12.17
N GLN A 102 -3.61 -8.64 13.03
CA GLN A 102 -4.37 -7.44 12.76
C GLN A 102 -3.45 -6.25 12.50
N PRO A 103 -3.80 -5.35 11.57
CA PRO A 103 -2.98 -4.19 11.28
C PRO A 103 -3.06 -3.14 12.39
N GLU A 104 -2.02 -2.31 12.50
CA GLU A 104 -1.88 -1.32 13.58
C GLU A 104 -1.25 0.00 13.13
N LYS A 105 -1.20 0.21 11.82
CA LYS A 105 -0.42 1.28 11.23
C LYS A 105 -1.34 2.30 10.58
N THR A 106 -1.32 3.56 11.02
CA THR A 106 -2.32 4.55 10.65
C THR A 106 -1.82 5.65 9.72
N SER A 107 -0.58 6.10 9.82
CA SER A 107 -0.14 7.08 8.85
C SER A 107 0.24 6.34 7.57
N GLY A 108 0.32 7.06 6.45
CA GLY A 108 0.84 6.53 5.20
C GLY A 108 2.26 5.99 5.39
N MET A 109 3.10 6.72 6.12
CA MET A 109 4.48 6.29 6.44
C MET A 109 4.47 4.92 7.10
N GLU A 110 3.51 4.71 7.98
CA GLU A 110 3.44 3.50 8.76
C GLU A 110 2.95 2.35 7.86
N VAL A 111 1.95 2.61 7.02
CA VAL A 111 1.50 1.65 6.00
C VAL A 111 2.66 1.31 5.05
N ALA A 112 3.66 2.19 4.88
CA ALA A 112 4.85 1.91 4.09
C ALA A 112 5.70 0.81 4.73
N SER A 113 6.27 1.06 5.92
CA SER A 113 7.13 0.08 6.59
C SER A 113 6.36 -1.18 7.02
N TYR A 114 5.03 -1.11 7.06
CA TYR A 114 4.15 -2.24 7.23
C TYR A 114 4.18 -3.10 5.96
N LEU A 115 3.90 -2.51 4.80
CA LEU A 115 3.68 -3.30 3.60
C LEU A 115 4.95 -4.00 3.13
N VAL A 116 6.12 -3.37 3.29
CA VAL A 116 7.41 -4.00 3.02
C VAL A 116 7.69 -5.16 3.99
N ALA A 117 7.06 -5.15 5.17
CA ALA A 117 7.17 -6.25 6.11
C ALA A 117 6.28 -7.40 5.68
N GLN A 118 5.02 -7.09 5.33
CA GLN A 118 4.06 -8.06 4.82
C GLN A 118 4.67 -8.81 3.63
N TYR A 119 5.28 -8.10 2.70
CA TYR A 119 5.85 -8.67 1.49
C TYR A 119 7.35 -8.36 1.40
N GLY A 120 7.68 -7.14 1.02
CA GLY A 120 8.96 -6.66 0.53
C GLY A 120 8.63 -5.49 -0.39
N GLU A 121 9.58 -4.92 -1.13
CA GLU A 121 9.26 -3.90 -2.13
C GLU A 121 8.27 -4.46 -3.16
N GLN A 122 8.52 -5.70 -3.59
CA GLN A 122 7.86 -6.32 -4.72
C GLN A 122 6.37 -6.48 -4.47
N ARG A 123 5.95 -7.49 -3.70
CA ARG A 123 4.52 -7.69 -3.53
C ARG A 123 3.89 -6.60 -2.65
N ALA A 124 4.68 -5.67 -2.07
CA ALA A 124 4.08 -4.42 -1.62
C ALA A 124 3.57 -3.67 -2.85
N TRP A 125 4.48 -3.12 -3.66
CA TRP A 125 4.13 -2.14 -4.67
C TRP A 125 3.39 -2.78 -5.85
N ASP A 126 3.81 -3.96 -6.30
CA ASP A 126 3.17 -4.68 -7.41
C ASP A 126 1.68 -4.94 -7.11
N LEU A 127 1.36 -5.31 -5.86
CA LEU A 127 -0.01 -5.54 -5.38
C LEU A 127 -0.69 -4.20 -5.14
N ALA A 128 0.03 -3.18 -4.64
CA ALA A 128 -0.47 -1.83 -4.44
C ALA A 128 -1.03 -1.24 -5.74
N LEU A 129 -0.30 -1.42 -6.85
CA LEU A 129 -0.65 -0.98 -8.18
C LEU A 129 -1.87 -1.71 -8.75
N HIS A 130 -2.19 -2.89 -8.21
CA HIS A 130 -3.51 -3.50 -8.36
C HIS A 130 -4.53 -2.82 -7.44
N THR A 131 -4.23 -2.59 -6.17
CA THR A 131 -5.22 -2.16 -5.18
C THR A 131 -5.83 -0.80 -5.55
N TRP A 132 -5.11 0.03 -6.31
CA TRP A 132 -5.64 1.27 -6.85
C TRP A 132 -6.58 1.05 -8.06
N GLU A 133 -6.48 -0.09 -8.74
CA GLU A 133 -7.44 -0.57 -9.72
C GLU A 133 -8.77 -0.85 -9.03
N GLN A 134 -8.76 -1.37 -7.80
CA GLN A 134 -9.96 -1.60 -7.00
C GLN A 134 -10.60 -0.25 -6.65
N MET A 135 -9.90 0.65 -5.95
CA MET A 135 -10.49 1.93 -5.57
C MET A 135 -10.87 2.79 -6.78
N GLY A 136 -9.99 2.94 -7.77
CA GLY A 136 -10.17 3.88 -8.87
C GLY A 136 -9.26 5.09 -8.73
N LEU A 137 -7.99 4.89 -8.34
CA LEU A 137 -7.00 5.95 -8.33
C LEU A 137 -6.08 5.77 -9.52
N ARG A 138 -6.61 6.03 -10.71
CA ARG A 138 -5.81 6.01 -11.93
C ARG A 138 -4.70 7.05 -11.85
N SER A 139 -4.93 8.17 -11.17
CA SER A 139 -3.90 9.18 -10.95
C SER A 139 -2.69 8.57 -10.25
N LEU A 140 -2.90 7.71 -9.25
CA LEU A 140 -1.81 7.13 -8.47
C LEU A 140 -1.06 6.12 -9.32
N CYS A 141 -1.80 5.23 -9.96
CA CYS A 141 -1.29 4.27 -10.93
C CYS A 141 -0.51 4.96 -12.07
N ALA A 142 -0.85 6.21 -12.40
CA ALA A 142 -0.12 7.05 -13.32
C ALA A 142 1.14 7.59 -12.64
N GLN A 143 1.02 8.36 -11.56
CA GLN A 143 2.10 8.98 -10.79
C GLN A 143 3.20 7.97 -10.44
N ALA A 144 2.81 6.76 -10.04
CA ALA A 144 3.68 5.63 -9.70
C ALA A 144 4.58 5.19 -10.87
N GLN A 145 4.23 5.55 -12.11
CA GLN A 145 4.89 5.09 -13.33
C GLN A 145 5.30 6.26 -14.23
N GLU A 146 4.91 7.49 -13.91
CA GLU A 146 5.05 8.71 -14.71
C GLU A 146 6.50 9.17 -14.91
N GLY A 147 7.48 8.44 -14.38
CA GLY A 147 8.88 8.84 -14.40
C GLY A 147 9.14 10.09 -13.56
N ALA A 148 8.20 10.50 -12.69
CA ALA A 148 8.11 11.87 -12.20
C ALA A 148 8.35 12.02 -10.69
N GLY A 149 8.10 10.96 -9.92
CA GLY A 149 8.23 10.98 -8.47
C GLY A 149 7.20 11.87 -7.80
N HIS A 150 5.93 11.81 -8.26
CA HIS A 150 4.87 12.79 -7.99
C HIS A 150 5.20 14.13 -8.66
N SER A 151 4.44 15.19 -8.38
CA SER A 151 4.68 16.52 -8.93
C SER A 151 4.03 17.56 -8.02
N MET A 59 16.19 10.56 4.30
CA MET A 59 15.07 9.71 4.64
C MET A 59 14.82 8.74 3.48
N ALA A 60 13.91 7.80 3.71
CA ALA A 60 13.50 6.62 2.94
C ALA A 60 14.19 5.37 3.46
N GLY A 61 13.42 4.53 4.17
CA GLY A 61 13.83 3.29 4.81
C GLY A 61 14.43 2.20 3.91
N GLY A 62 14.57 2.41 2.60
CA GLY A 62 14.76 1.33 1.63
C GLY A 62 13.49 0.54 1.40
N ALA A 63 12.37 1.05 1.91
CA ALA A 63 11.09 0.40 1.96
C ALA A 63 9.98 1.34 1.51
N TRP A 64 10.27 2.60 1.20
CA TRP A 64 9.22 3.53 0.85
C TRP A 64 9.79 4.69 0.06
N GLY A 65 10.42 5.64 0.75
CA GLY A 65 10.85 6.90 0.17
C GLY A 65 9.69 7.57 -0.58
N ARG A 66 9.80 7.69 -1.90
CA ARG A 66 8.74 8.26 -2.75
C ARG A 66 7.42 7.51 -2.61
N LEU A 67 7.43 6.22 -2.24
CA LEU A 67 6.21 5.46 -1.94
C LEU A 67 5.32 6.21 -0.96
N ALA A 68 5.88 6.65 0.17
CA ALA A 68 5.11 7.35 1.18
C ALA A 68 4.56 8.69 0.66
N CYS A 69 5.14 9.29 -0.40
CA CYS A 69 4.65 10.53 -0.98
C CYS A 69 3.29 10.32 -1.67
N TYR A 70 3.05 9.16 -2.31
CA TYR A 70 1.72 8.87 -2.82
C TYR A 70 0.75 8.73 -1.65
N LEU A 71 1.17 8.02 -0.59
CA LEU A 71 0.34 7.75 0.59
C LEU A 71 0.16 9.01 1.47
N GLU A 72 0.78 10.13 1.12
CA GLU A 72 0.63 11.42 1.79
C GLU A 72 -0.52 12.24 1.20
N PHE A 73 -1.15 11.82 0.10
CA PHE A 73 -2.24 12.58 -0.51
C PHE A 73 -3.56 12.23 0.20
N LEU A 74 -4.05 11.00 0.03
CA LEU A 74 -5.26 10.48 0.65
C LEU A 74 -5.12 10.35 2.17
N LYS A 75 -6.25 10.16 2.85
CA LYS A 75 -6.38 9.83 4.26
C LYS A 75 -7.36 8.67 4.38
N LYS A 76 -7.84 8.34 5.59
CA LYS A 76 -8.56 7.10 5.90
C LYS A 76 -9.72 6.84 4.94
N GLU A 77 -10.31 7.91 4.41
CA GLU A 77 -11.37 7.91 3.41
C GLU A 77 -11.12 6.88 2.30
N GLU A 78 -9.89 6.77 1.80
CA GLU A 78 -9.50 5.80 0.80
C GLU A 78 -8.30 4.98 1.29
N LEU A 79 -7.41 5.52 2.13
CA LEU A 79 -6.34 4.74 2.79
C LEU A 79 -6.85 3.47 3.49
N LYS A 80 -8.07 3.52 4.06
CA LYS A 80 -8.72 2.33 4.62
C LYS A 80 -8.96 1.29 3.54
N GLU A 81 -9.59 1.67 2.42
CA GLU A 81 -9.73 0.75 1.29
C GLU A 81 -8.36 0.29 0.85
N PHE A 82 -7.34 1.14 0.72
CA PHE A 82 -6.02 0.70 0.29
C PHE A 82 -5.57 -0.51 1.12
N GLN A 83 -5.42 -0.39 2.44
CA GLN A 83 -4.90 -1.52 3.22
C GLN A 83 -5.86 -2.72 3.22
N LEU A 84 -7.16 -2.51 3.03
CA LEU A 84 -8.16 -3.57 3.03
C LEU A 84 -8.19 -4.29 1.70
N LEU A 85 -8.42 -3.58 0.61
CA LEU A 85 -8.38 -4.09 -0.75
C LEU A 85 -7.03 -4.72 -1.10
N LEU A 86 -5.96 -4.36 -0.37
CA LEU A 86 -4.64 -4.95 -0.47
C LEU A 86 -4.79 -6.39 0.02
N ALA A 87 -5.03 -6.53 1.32
CA ALA A 87 -5.10 -7.80 2.02
C ALA A 87 -6.12 -8.74 1.37
N ASN A 88 -7.33 -8.24 1.09
CA ASN A 88 -8.45 -8.98 0.54
C ASN A 88 -8.21 -9.46 -0.91
N LYS A 89 -7.26 -8.87 -1.65
CA LYS A 89 -6.74 -9.41 -2.89
C LYS A 89 -5.68 -10.44 -2.54
N ALA A 90 -4.70 -10.01 -1.75
CA ALA A 90 -3.44 -10.67 -1.49
C ALA A 90 -3.64 -12.13 -1.11
N HIS A 91 -4.36 -12.35 -0.01
CA HIS A 91 -4.79 -13.64 0.49
C HIS A 91 -5.71 -13.38 1.70
N SER A 92 -6.63 -14.31 1.94
CA SER A 92 -7.69 -14.17 2.93
C SER A 92 -8.59 -12.98 2.62
N ARG A 93 -9.38 -12.55 3.61
CA ARG A 93 -10.30 -11.42 3.52
C ARG A 93 -10.05 -10.45 4.66
N SER A 94 -9.94 -11.00 5.89
CA SER A 94 -9.51 -10.33 7.10
C SER A 94 -10.23 -9.02 7.35
N SER A 95 -11.38 -9.09 8.01
CA SER A 95 -12.01 -7.98 8.69
C SER A 95 -12.71 -8.55 9.92
N SER A 96 -12.12 -8.31 11.09
CA SER A 96 -12.66 -8.59 12.40
C SER A 96 -11.94 -7.60 13.34
N GLY A 97 -12.64 -7.07 14.35
CA GLY A 97 -12.14 -6.01 15.21
C GLY A 97 -11.68 -6.52 16.58
N GLU A 98 -11.76 -7.83 16.79
CA GLU A 98 -11.89 -8.42 18.12
C GLU A 98 -10.66 -8.18 19.00
N THR A 99 -10.85 -8.42 20.30
CA THR A 99 -9.88 -8.37 21.39
C THR A 99 -9.38 -6.93 21.66
N PRO A 100 -9.18 -6.56 22.93
CA PRO A 100 -8.65 -5.25 23.31
C PRO A 100 -7.16 -5.18 22.99
N ALA A 101 -6.53 -4.04 23.29
CA ALA A 101 -5.21 -3.67 22.78
C ALA A 101 -5.25 -3.72 21.25
N GLN A 102 -6.24 -3.03 20.67
CA GLN A 102 -6.35 -2.88 19.23
C GLN A 102 -5.18 -2.00 18.75
N PRO A 103 -4.56 -2.33 17.62
CA PRO A 103 -3.44 -1.61 17.05
C PRO A 103 -3.87 -0.29 16.42
N GLU A 104 -2.96 0.68 16.45
CA GLU A 104 -3.12 2.00 15.86
C GLU A 104 -1.82 2.34 15.14
N LYS A 105 -1.73 1.98 13.86
CA LYS A 105 -0.78 2.56 12.92
C LYS A 105 -1.55 2.94 11.67
N THR A 106 -1.86 4.23 11.52
CA THR A 106 -2.61 4.77 10.40
C THR A 106 -1.87 6.01 9.90
N SER A 107 -0.66 5.79 9.36
CA SER A 107 0.06 6.78 8.58
C SER A 107 0.59 6.08 7.34
N GLY A 108 0.63 6.77 6.20
CA GLY A 108 1.12 6.23 4.94
C GLY A 108 2.51 5.66 5.09
N MET A 109 3.44 6.45 5.65
CA MET A 109 4.83 6.06 5.89
C MET A 109 4.94 4.78 6.69
N GLU A 110 4.02 4.59 7.63
CA GLU A 110 4.11 3.56 8.65
C GLU A 110 3.46 2.28 8.19
N VAL A 111 2.30 2.38 7.52
CA VAL A 111 1.69 1.27 6.81
C VAL A 111 2.67 0.78 5.75
N ALA A 112 3.44 1.66 5.10
CA ALA A 112 4.50 1.27 4.18
C ALA A 112 5.60 0.47 4.87
N SER A 113 6.15 1.00 5.97
CA SER A 113 7.20 0.30 6.71
C SER A 113 6.72 -1.06 7.21
N TYR A 114 5.41 -1.21 7.48
CA TYR A 114 4.76 -2.47 7.84
C TYR A 114 4.64 -3.38 6.62
N LEU A 115 4.25 -2.82 5.47
CA LEU A 115 3.94 -3.59 4.28
C LEU A 115 5.20 -4.23 3.70
N VAL A 116 6.32 -3.50 3.65
CA VAL A 116 7.60 -4.07 3.25
C VAL A 116 8.03 -5.16 4.24
N ALA A 117 7.66 -5.04 5.52
CA ALA A 117 7.92 -6.05 6.55
C ALA A 117 6.96 -7.25 6.49
N GLN A 118 6.01 -7.28 5.56
CA GLN A 118 5.02 -8.34 5.40
C GLN A 118 5.20 -9.00 4.03
N TYR A 119 5.47 -8.19 3.00
CA TYR A 119 5.53 -8.59 1.58
C TYR A 119 6.91 -8.43 0.93
N GLY A 120 7.82 -7.66 1.51
CA GLY A 120 9.02 -7.20 0.83
C GLY A 120 8.68 -6.20 -0.27
N GLU A 121 9.64 -5.34 -0.65
CA GLU A 121 9.42 -4.21 -1.54
C GLU A 121 8.98 -4.58 -2.97
N GLN A 122 9.01 -5.85 -3.35
CA GLN A 122 8.37 -6.36 -4.57
C GLN A 122 6.85 -6.26 -4.41
N ARG A 123 6.23 -7.23 -3.74
CA ARG A 123 4.77 -7.27 -3.62
C ARG A 123 4.25 -6.04 -2.88
N ALA A 124 5.02 -5.46 -1.97
CA ALA A 124 4.55 -4.27 -1.26
C ALA A 124 4.28 -3.10 -2.20
N TRP A 125 4.79 -3.13 -3.45
CA TRP A 125 4.41 -2.15 -4.47
C TRP A 125 3.64 -2.80 -5.61
N ASP A 126 4.09 -3.93 -6.15
CA ASP A 126 3.45 -4.60 -7.30
C ASP A 126 1.98 -4.96 -7.01
N LEU A 127 1.66 -5.28 -5.76
CA LEU A 127 0.30 -5.60 -5.32
C LEU A 127 -0.47 -4.30 -5.07
N ALA A 128 0.19 -3.27 -4.53
CA ALA A 128 -0.39 -1.94 -4.35
C ALA A 128 -0.79 -1.34 -5.70
N LEU A 129 -0.03 -1.59 -6.78
CA LEU A 129 -0.38 -1.16 -8.13
C LEU A 129 -1.78 -1.69 -8.53
N HIS A 130 -2.17 -2.90 -8.09
CA HIS A 130 -3.55 -3.34 -8.21
C HIS A 130 -4.46 -2.55 -7.26
N THR A 131 -4.18 -2.56 -5.96
CA THR A 131 -5.08 -2.18 -4.86
C THR A 131 -5.94 -0.94 -5.17
N TRP A 132 -5.34 0.12 -5.69
CA TRP A 132 -6.02 1.41 -5.90
C TRP A 132 -6.65 1.61 -7.25
N GLU A 133 -6.45 0.63 -8.11
CA GLU A 133 -7.30 0.42 -9.27
C GLU A 133 -8.75 0.28 -8.80
N GLN A 134 -9.01 -0.63 -7.87
CA GLN A 134 -10.33 -0.85 -7.30
C GLN A 134 -10.83 0.33 -6.47
N MET A 135 -9.97 1.26 -6.03
CA MET A 135 -10.41 2.47 -5.34
C MET A 135 -10.91 3.56 -6.29
N GLY A 136 -10.74 3.42 -7.62
CA GLY A 136 -11.21 4.43 -8.56
C GLY A 136 -10.44 5.74 -8.44
N LEU A 137 -9.11 5.67 -8.32
CA LEU A 137 -8.18 6.81 -8.39
C LEU A 137 -7.07 6.58 -9.42
N ARG A 138 -7.44 6.35 -10.68
CA ARG A 138 -6.49 6.00 -11.74
C ARG A 138 -5.37 7.02 -11.95
N SER A 139 -5.56 8.30 -11.61
CA SER A 139 -4.47 9.26 -11.68
C SER A 139 -3.29 8.94 -10.74
N LEU A 140 -3.52 8.17 -9.65
CA LEU A 140 -2.48 7.59 -8.78
C LEU A 140 -1.68 6.60 -9.61
N CYS A 141 -2.37 5.62 -10.17
CA CYS A 141 -1.83 4.59 -11.04
C CYS A 141 -0.96 5.23 -12.10
N ALA A 142 -1.48 6.27 -12.74
CA ALA A 142 -0.79 6.89 -13.83
C ALA A 142 0.50 7.49 -13.29
N GLN A 143 0.44 8.36 -12.27
CA GLN A 143 1.63 8.96 -11.64
C GLN A 143 2.62 7.90 -11.16
N ALA A 144 2.15 6.76 -10.65
CA ALA A 144 2.96 5.62 -10.24
C ALA A 144 3.88 5.11 -11.35
N GLN A 145 3.61 5.39 -12.63
CA GLN A 145 4.38 4.90 -13.77
C GLN A 145 4.68 6.03 -14.77
N GLU A 146 4.53 7.29 -14.35
CA GLU A 146 4.71 8.47 -15.17
C GLU A 146 5.64 9.43 -14.42
N GLY A 147 6.93 9.13 -14.41
CA GLY A 147 7.94 9.98 -13.79
C GLY A 147 7.92 9.94 -12.26
N ALA A 148 6.81 9.50 -11.64
CA ALA A 148 6.46 9.46 -10.21
C ALA A 148 5.64 10.69 -9.79
N GLY A 149 5.23 11.54 -10.74
CA GLY A 149 4.62 12.84 -10.47
C GLY A 149 5.64 13.94 -10.76
N HIS A 150 5.37 15.14 -10.23
CA HIS A 150 6.31 16.24 -10.21
C HIS A 150 7.48 15.91 -9.27
N SER A 151 8.48 16.77 -9.23
CA SER A 151 9.67 16.56 -8.42
C SER A 151 9.60 17.40 -7.14
N MET A 59 15.93 6.78 0.28
CA MET A 59 15.69 7.56 1.49
C MET A 59 16.01 6.68 2.70
N ALA A 60 15.91 7.25 3.91
CA ALA A 60 16.12 6.55 5.17
C ALA A 60 14.76 6.19 5.78
N GLY A 61 14.37 4.93 5.64
CA GLY A 61 13.11 4.38 6.10
C GLY A 61 13.23 2.87 6.25
N GLY A 62 13.12 2.13 5.16
CA GLY A 62 13.19 0.68 5.16
C GLY A 62 12.85 0.09 3.81
N ALA A 63 13.60 0.42 2.76
CA ALA A 63 13.31 0.08 1.36
C ALA A 63 11.91 0.56 0.93
N TRP A 64 11.53 1.77 1.35
CA TRP A 64 10.33 2.47 0.92
C TRP A 64 10.72 3.91 0.62
N GLY A 65 9.75 4.81 0.57
CA GLY A 65 9.96 6.23 0.36
C GLY A 65 8.92 6.73 -0.62
N ARG A 66 9.16 6.48 -1.91
CA ARG A 66 8.29 6.86 -3.02
C ARG A 66 6.82 6.62 -2.68
N LEU A 67 6.46 5.40 -2.25
CA LEU A 67 5.09 5.07 -1.90
C LEU A 67 4.50 6.01 -0.85
N ALA A 68 5.23 6.33 0.22
CA ALA A 68 4.73 7.13 1.32
C ALA A 68 4.38 8.57 0.88
N CYS A 69 4.85 9.01 -0.30
CA CYS A 69 4.44 10.24 -0.96
C CYS A 69 2.96 10.14 -1.37
N TYR A 70 2.62 9.16 -2.20
CA TYR A 70 1.25 9.00 -2.73
C TYR A 70 0.27 8.69 -1.61
N LEU A 71 0.72 7.89 -0.64
CA LEU A 71 -0.03 7.46 0.54
C LEU A 71 -0.28 8.64 1.51
N GLU A 72 0.21 9.84 1.22
CA GLU A 72 -0.01 11.02 2.03
C GLU A 72 -1.10 11.92 1.39
N PHE A 73 -1.38 11.78 0.08
CA PHE A 73 -2.43 12.59 -0.54
C PHE A 73 -3.77 12.21 0.09
N LEU A 74 -4.09 10.91 0.10
CA LEU A 74 -5.31 10.39 0.68
C LEU A 74 -5.14 10.19 2.17
N LYS A 75 -6.26 10.25 2.88
CA LYS A 75 -6.40 10.06 4.31
C LYS A 75 -7.33 8.88 4.53
N LYS A 76 -7.61 8.51 5.78
CA LYS A 76 -8.38 7.32 6.18
C LYS A 76 -9.67 7.12 5.37
N GLU A 77 -10.24 8.21 4.86
CA GLU A 77 -11.25 8.25 3.82
C GLU A 77 -11.08 7.10 2.80
N GLU A 78 -9.93 7.04 2.12
CA GLU A 78 -9.63 6.10 1.04
C GLU A 78 -8.44 5.19 1.41
N LEU A 79 -7.57 5.70 2.30
CA LEU A 79 -6.38 5.01 2.77
C LEU A 79 -6.74 3.71 3.48
N LYS A 80 -7.91 3.66 4.15
CA LYS A 80 -8.44 2.43 4.74
C LYS A 80 -8.67 1.39 3.66
N GLU A 81 -9.63 1.60 2.76
CA GLU A 81 -9.83 0.87 1.50
C GLU A 81 -8.49 0.38 1.00
N PHE A 82 -7.52 1.24 0.69
CA PHE A 82 -6.26 0.75 0.15
C PHE A 82 -5.62 -0.37 0.98
N GLN A 83 -5.17 -0.12 2.21
CA GLN A 83 -4.45 -1.12 2.97
C GLN A 83 -5.32 -2.36 3.27
N LEU A 84 -6.62 -2.18 3.44
CA LEU A 84 -7.61 -3.18 3.78
C LEU A 84 -7.85 -4.10 2.57
N LEU A 85 -8.34 -3.55 1.45
CA LEU A 85 -8.60 -4.18 0.18
C LEU A 85 -7.34 -4.82 -0.42
N LEU A 86 -6.14 -4.28 -0.17
CA LEU A 86 -4.86 -4.87 -0.55
C LEU A 86 -4.67 -6.18 0.22
N ALA A 87 -4.73 -6.12 1.56
CA ALA A 87 -4.55 -7.28 2.41
C ALA A 87 -5.57 -8.36 2.07
N ASN A 88 -6.83 -7.96 1.80
CA ASN A 88 -7.88 -8.83 1.29
C ASN A 88 -7.43 -9.50 0.00
N LYS A 89 -7.09 -8.70 -1.03
CA LYS A 89 -6.79 -9.16 -2.37
C LYS A 89 -5.74 -10.25 -2.33
N ALA A 90 -4.66 -10.07 -1.56
CA ALA A 90 -3.71 -11.13 -1.36
C ALA A 90 -4.39 -12.29 -0.62
N HIS A 91 -4.67 -12.10 0.68
CA HIS A 91 -5.24 -13.07 1.60
C HIS A 91 -5.52 -12.42 2.95
N SER A 92 -6.78 -12.16 3.27
CA SER A 92 -7.19 -11.87 4.64
C SER A 92 -8.62 -12.39 4.85
N ARG A 93 -9.66 -11.70 4.36
CA ARG A 93 -11.01 -12.26 4.22
C ARG A 93 -11.83 -11.46 3.21
N SER A 94 -12.72 -12.11 2.45
CA SER A 94 -13.54 -11.49 1.43
C SER A 94 -14.78 -10.77 2.00
N SER A 95 -14.56 -9.88 2.98
CA SER A 95 -15.52 -9.01 3.64
C SER A 95 -14.72 -7.82 4.24
N SER A 96 -15.29 -7.08 5.19
CA SER A 96 -14.57 -6.27 6.16
C SER A 96 -14.90 -6.82 7.55
N GLY A 97 -13.94 -6.75 8.47
CA GLY A 97 -14.01 -7.27 9.83
C GLY A 97 -13.27 -6.37 10.81
N GLU A 98 -13.19 -5.07 10.52
CA GLU A 98 -12.68 -3.98 11.31
C GLU A 98 -11.21 -4.17 11.74
N THR A 99 -10.27 -3.60 10.97
CA THR A 99 -8.84 -3.80 11.15
C THR A 99 -8.43 -3.35 12.57
N PRO A 100 -7.64 -4.11 13.34
CA PRO A 100 -7.52 -3.89 14.77
C PRO A 100 -6.61 -2.72 15.13
N ALA A 101 -6.58 -2.36 16.42
CA ALA A 101 -5.70 -1.36 17.00
C ALA A 101 -4.29 -1.92 17.16
N GLN A 102 -3.61 -2.23 16.06
CA GLN A 102 -2.17 -2.34 15.99
C GLN A 102 -1.59 -0.94 15.77
N PRO A 103 -0.31 -0.73 16.08
CA PRO A 103 0.52 0.38 15.60
C PRO A 103 0.97 0.10 14.16
N GLU A 104 1.91 0.91 13.70
CA GLU A 104 2.53 0.85 12.40
C GLU A 104 1.50 0.76 11.29
N LYS A 105 0.60 1.75 11.29
CA LYS A 105 -0.54 1.89 10.41
C LYS A 105 -0.99 3.34 10.37
N THR A 106 -2.14 3.62 9.76
CA THR A 106 -2.86 4.91 9.72
C THR A 106 -2.09 6.07 9.06
N SER A 107 -0.80 5.94 8.80
CA SER A 107 -0.02 7.02 8.20
C SER A 107 0.84 6.45 7.07
N GLY A 108 1.06 7.22 6.01
CA GLY A 108 1.67 6.73 4.78
C GLY A 108 3.04 6.13 5.03
N MET A 109 3.91 6.83 5.75
CA MET A 109 5.26 6.37 6.09
C MET A 109 5.28 5.19 7.07
N GLU A 110 4.20 4.96 7.83
CA GLU A 110 4.14 3.81 8.72
C GLU A 110 3.75 2.59 7.90
N VAL A 111 2.64 2.72 7.17
CA VAL A 111 2.11 1.68 6.29
C VAL A 111 3.19 1.30 5.28
N ALA A 112 4.03 2.24 4.85
CA ALA A 112 5.16 2.00 4.00
C ALA A 112 6.10 0.94 4.57
N SER A 113 6.60 1.15 5.78
CA SER A 113 7.46 0.19 6.45
C SER A 113 6.75 -1.15 6.62
N TYR A 114 5.44 -1.11 6.87
CA TYR A 114 4.64 -2.31 7.04
C TYR A 114 4.55 -3.08 5.71
N LEU A 115 4.50 -2.37 4.58
CA LEU A 115 4.33 -2.95 3.26
C LEU A 115 5.57 -3.75 2.86
N VAL A 116 6.75 -3.18 3.10
CA VAL A 116 8.04 -3.86 2.89
C VAL A 116 8.21 -4.99 3.92
N ALA A 117 7.54 -4.96 5.07
CA ALA A 117 7.56 -6.07 6.02
C ALA A 117 6.59 -7.20 5.59
N GLN A 118 5.50 -6.86 4.91
CA GLN A 118 4.51 -7.81 4.42
C GLN A 118 5.00 -8.50 3.16
N TYR A 119 5.51 -7.75 2.18
CA TYR A 119 5.87 -8.27 0.86
C TYR A 119 7.29 -7.91 0.43
N GLY A 120 7.79 -6.72 0.75
CA GLY A 120 9.12 -6.25 0.34
C GLY A 120 9.03 -5.01 -0.55
N GLU A 121 9.57 -5.09 -1.75
CA GLU A 121 9.59 -4.02 -2.74
C GLU A 121 8.86 -4.41 -4.03
N GLN A 122 8.72 -5.70 -4.33
CA GLN A 122 7.91 -6.20 -5.45
C GLN A 122 6.44 -6.06 -5.08
N ARG A 123 5.81 -7.07 -4.47
CA ARG A 123 4.36 -7.07 -4.23
C ARG A 123 3.90 -5.91 -3.36
N ALA A 124 4.78 -5.37 -2.51
CA ALA A 124 4.42 -4.25 -1.67
C ALA A 124 4.03 -3.03 -2.50
N TRP A 125 4.40 -2.99 -3.78
CA TRP A 125 3.96 -1.97 -4.69
C TRP A 125 3.18 -2.63 -5.82
N ASP A 126 3.72 -3.64 -6.50
CA ASP A 126 3.09 -4.38 -7.60
C ASP A 126 1.62 -4.79 -7.35
N LEU A 127 1.21 -5.13 -6.11
CA LEU A 127 -0.18 -5.48 -5.79
C LEU A 127 -0.94 -4.23 -5.34
N ALA A 128 -0.24 -3.40 -4.58
CA ALA A 128 -0.69 -2.09 -4.12
C ALA A 128 -1.16 -1.21 -5.30
N LEU A 129 -0.43 -1.15 -6.41
CA LEU A 129 -0.78 -0.36 -7.59
C LEU A 129 -2.15 -0.78 -8.12
N HIS A 130 -2.39 -2.09 -8.27
CA HIS A 130 -3.70 -2.66 -8.62
C HIS A 130 -4.77 -2.22 -7.60
N THR A 131 -4.44 -2.05 -6.32
CA THR A 131 -5.44 -1.74 -5.29
C THR A 131 -6.00 -0.34 -5.51
N TRP A 132 -5.23 0.56 -6.12
CA TRP A 132 -5.76 1.86 -6.52
C TRP A 132 -6.74 1.71 -7.68
N GLU A 133 -6.60 0.67 -8.49
CA GLU A 133 -7.56 0.32 -9.52
C GLU A 133 -8.86 -0.20 -8.89
N GLN A 134 -8.79 -0.95 -7.76
CA GLN A 134 -9.98 -1.32 -6.99
C GLN A 134 -10.72 -0.05 -6.52
N MET A 135 -9.99 0.95 -6.02
CA MET A 135 -10.58 2.19 -5.52
C MET A 135 -11.07 3.12 -6.63
N GLY A 136 -10.75 2.86 -7.90
CA GLY A 136 -11.19 3.69 -9.02
C GLY A 136 -10.25 4.87 -9.35
N LEU A 137 -9.02 4.91 -8.82
CA LEU A 137 -8.04 5.99 -9.04
C LEU A 137 -6.74 5.55 -9.72
N ARG A 138 -6.83 5.06 -10.97
CA ARG A 138 -5.66 4.71 -11.77
C ARG A 138 -4.66 5.87 -11.94
N SER A 139 -5.06 7.13 -11.72
CA SER A 139 -4.15 8.27 -11.56
C SER A 139 -2.94 7.97 -10.68
N LEU A 140 -3.16 7.35 -9.52
CA LEU A 140 -2.07 7.10 -8.58
C LEU A 140 -1.17 5.99 -9.15
N CYS A 141 -1.78 4.94 -9.74
CA CYS A 141 -1.09 3.85 -10.42
C CYS A 141 -0.22 4.39 -11.57
N ALA A 142 -0.75 5.35 -12.32
CA ALA A 142 -0.11 6.05 -13.41
C ALA A 142 1.07 6.84 -12.88
N GLN A 143 0.86 7.91 -12.11
CA GLN A 143 1.96 8.76 -11.63
C GLN A 143 3.04 7.95 -10.91
N ALA A 144 2.66 6.90 -10.18
CA ALA A 144 3.59 5.97 -9.53
C ALA A 144 4.52 5.25 -10.51
N GLN A 145 4.14 5.00 -11.76
CA GLN A 145 4.98 4.35 -12.77
C GLN A 145 5.60 5.37 -13.73
N GLU A 146 4.96 6.52 -13.86
CA GLU A 146 5.25 7.54 -14.85
C GLU A 146 6.45 8.41 -14.41
N GLY A 147 7.16 8.00 -13.37
CA GLY A 147 8.34 8.67 -12.82
C GLY A 147 8.60 8.25 -11.37
N ALA A 148 7.57 7.79 -10.67
CA ALA A 148 7.62 7.27 -9.31
C ALA A 148 8.01 8.36 -8.30
N GLY A 149 9.29 8.58 -8.14
CA GLY A 149 9.91 9.62 -7.32
C GLY A 149 11.40 9.42 -7.32
N HIS A 150 12.16 10.42 -6.87
CA HIS A 150 13.60 10.35 -6.70
C HIS A 150 13.89 10.81 -5.27
N SER A 151 14.09 12.11 -5.10
CA SER A 151 14.25 12.85 -3.86
C SER A 151 13.88 14.28 -4.19
N MET A 59 16.54 1.16 8.63
CA MET A 59 15.43 1.60 9.46
C MET A 59 14.08 1.35 8.80
N ALA A 60 14.09 0.36 7.94
CA ALA A 60 12.91 -0.08 7.21
C ALA A 60 12.33 1.04 6.33
N GLY A 61 13.19 1.95 5.87
CA GLY A 61 12.80 3.16 5.18
C GLY A 61 13.79 3.41 4.06
N GLY A 62 13.90 2.42 3.19
CA GLY A 62 14.77 2.42 2.03
C GLY A 62 13.98 2.24 0.76
N ALA A 63 13.04 1.29 0.74
CA ALA A 63 12.37 0.91 -0.51
C ALA A 63 11.25 1.84 -0.90
N TRP A 64 10.75 2.65 0.03
CA TRP A 64 9.53 3.38 -0.22
C TRP A 64 9.84 4.84 -0.55
N GLY A 65 10.34 5.59 0.43
CA GLY A 65 10.69 7.00 0.31
C GLY A 65 9.54 7.84 -0.22
N ARG A 66 9.63 8.29 -1.47
CA ARG A 66 8.62 9.08 -2.19
C ARG A 66 7.22 8.51 -2.09
N LEU A 67 7.10 7.18 -1.94
CA LEU A 67 5.88 6.44 -1.70
C LEU A 67 4.92 7.17 -0.77
N ALA A 68 5.45 7.66 0.36
CA ALA A 68 4.63 8.21 1.42
C ALA A 68 3.79 9.40 0.95
N CYS A 69 4.21 10.13 -0.09
CA CYS A 69 3.45 11.26 -0.61
C CYS A 69 2.20 10.78 -1.38
N TYR A 70 2.32 9.68 -2.13
CA TYR A 70 1.19 9.00 -2.79
C TYR A 70 0.18 8.49 -1.75
N LEU A 71 0.58 8.43 -0.47
CA LEU A 71 -0.16 7.91 0.66
C LEU A 71 -0.40 9.01 1.71
N GLU A 72 -0.14 10.26 1.34
CA GLU A 72 -0.43 11.46 2.12
C GLU A 72 -1.49 12.29 1.40
N PHE A 73 -1.58 12.18 0.07
CA PHE A 73 -2.58 12.90 -0.72
C PHE A 73 -4.01 12.55 -0.23
N LEU A 74 -4.20 11.32 0.27
CA LEU A 74 -5.44 10.80 0.80
C LEU A 74 -5.29 10.50 2.29
N LYS A 75 -6.43 10.43 2.97
CA LYS A 75 -6.56 10.13 4.39
C LYS A 75 -7.49 8.94 4.51
N LYS A 76 -7.90 8.60 5.73
CA LYS A 76 -8.78 7.49 6.08
C LYS A 76 -10.10 7.42 5.30
N GLU A 77 -10.41 8.47 4.58
CA GLU A 77 -11.29 8.48 3.41
C GLU A 77 -11.13 7.22 2.55
N GLU A 78 -9.90 6.93 2.10
CA GLU A 78 -9.61 5.86 1.16
C GLU A 78 -8.25 5.20 1.47
N LEU A 79 -7.37 5.85 2.25
CA LEU A 79 -6.15 5.23 2.78
C LEU A 79 -6.47 3.96 3.58
N LYS A 80 -7.61 3.97 4.28
CA LYS A 80 -8.30 2.80 4.85
C LYS A 80 -8.65 1.79 3.78
N GLU A 81 -9.48 2.13 2.81
CA GLU A 81 -9.88 1.20 1.76
C GLU A 81 -8.64 0.59 1.11
N PHE A 82 -7.54 1.32 0.98
CA PHE A 82 -6.31 0.78 0.46
C PHE A 82 -5.83 -0.40 1.31
N GLN A 83 -5.57 -0.20 2.61
CA GLN A 83 -5.08 -1.29 3.47
C GLN A 83 -6.11 -2.42 3.64
N LEU A 84 -7.36 -2.18 3.27
CA LEU A 84 -8.43 -3.16 3.34
C LEU A 84 -8.44 -3.98 2.06
N LEU A 85 -8.66 -3.32 0.94
CA LEU A 85 -8.70 -3.94 -0.38
C LEU A 85 -7.36 -4.61 -0.71
N LEU A 86 -6.30 -4.19 -0.03
CA LEU A 86 -4.97 -4.79 -0.09
C LEU A 86 -5.08 -6.25 0.31
N ALA A 87 -5.51 -6.50 1.55
CA ALA A 87 -5.68 -7.84 2.06
C ALA A 87 -6.74 -8.61 1.27
N ASN A 88 -7.64 -7.91 0.58
CA ASN A 88 -8.72 -8.49 -0.22
C ASN A 88 -8.20 -9.14 -1.51
N LYS A 89 -7.05 -8.69 -2.04
CA LYS A 89 -6.31 -9.39 -3.10
C LYS A 89 -5.38 -10.42 -2.45
N ALA A 90 -4.71 -10.08 -1.35
CA ALA A 90 -3.67 -10.92 -0.74
C ALA A 90 -4.21 -12.27 -0.25
N HIS A 91 -3.30 -13.19 0.08
CA HIS A 91 -3.59 -14.62 0.28
C HIS A 91 -2.95 -15.15 1.56
N SER A 92 -1.65 -14.94 1.72
CA SER A 92 -0.83 -15.57 2.76
C SER A 92 0.23 -14.61 3.28
N ARG A 93 0.59 -14.73 4.57
CA ARG A 93 1.52 -13.85 5.28
C ARG A 93 2.61 -14.69 5.94
N SER A 94 2.59 -14.93 7.25
CA SER A 94 3.51 -15.84 7.92
C SER A 94 2.64 -16.72 8.81
N SER A 95 1.93 -17.66 8.18
CA SER A 95 0.75 -18.31 8.75
C SER A 95 -0.31 -17.28 9.20
N SER A 96 -1.39 -17.77 9.82
CA SER A 96 -2.28 -16.95 10.63
C SER A 96 -1.51 -16.57 11.89
N GLY A 97 -0.87 -15.40 11.90
CA GLY A 97 0.08 -14.98 12.93
C GLY A 97 -0.31 -13.70 13.64
N GLU A 98 -1.51 -13.16 13.40
CA GLU A 98 -1.95 -11.87 13.93
C GLU A 98 -1.90 -11.85 15.46
N THR A 99 -1.38 -10.77 16.05
CA THR A 99 -1.72 -10.44 17.41
C THR A 99 -3.17 -9.89 17.40
N PRO A 100 -3.96 -10.09 18.46
CA PRO A 100 -5.33 -9.58 18.53
C PRO A 100 -5.37 -8.05 18.60
N ALA A 101 -6.57 -7.50 18.39
CA ALA A 101 -6.92 -6.10 18.20
C ALA A 101 -6.36 -5.52 16.90
N GLN A 102 -7.06 -4.51 16.39
CA GLN A 102 -6.70 -3.86 15.15
C GLN A 102 -5.50 -2.92 15.39
N PRO A 103 -4.53 -2.90 14.46
CA PRO A 103 -3.41 -1.97 14.51
C PRO A 103 -3.87 -0.57 14.14
N GLU A 104 -3.49 0.39 14.97
CA GLU A 104 -3.78 1.80 14.77
C GLU A 104 -2.61 2.42 14.05
N LYS A 105 -2.50 2.10 12.76
CA LYS A 105 -1.58 2.75 11.84
C LYS A 105 -2.41 3.05 10.59
N THR A 106 -2.62 4.32 10.29
CA THR A 106 -3.10 4.76 8.99
C THR A 106 -2.32 6.03 8.66
N SER A 107 -1.05 5.81 8.30
CA SER A 107 -0.10 6.85 7.94
C SER A 107 0.72 6.29 6.77
N GLY A 108 0.95 7.12 5.76
CA GLY A 108 1.61 6.71 4.52
C GLY A 108 2.96 6.05 4.79
N MET A 109 3.85 6.73 5.51
CA MET A 109 5.20 6.29 5.81
C MET A 109 5.24 5.05 6.72
N GLU A 110 4.13 4.75 7.40
CA GLU A 110 4.05 3.61 8.30
C GLU A 110 3.64 2.39 7.50
N VAL A 111 2.46 2.44 6.87
CA VAL A 111 1.96 1.39 5.99
C VAL A 111 3.01 1.09 4.89
N ALA A 112 3.84 2.08 4.53
CA ALA A 112 5.00 1.92 3.67
C ALA A 112 6.08 1.00 4.25
N SER A 113 6.60 1.32 5.44
CA SER A 113 7.54 0.47 6.15
C SER A 113 6.95 -0.93 6.32
N TYR A 114 5.64 -0.99 6.59
CA TYR A 114 4.93 -2.21 6.95
C TYR A 114 4.83 -3.13 5.74
N LEU A 115 4.42 -2.62 4.57
CA LEU A 115 4.30 -3.43 3.35
C LEU A 115 5.65 -4.03 2.98
N VAL A 116 6.69 -3.20 2.95
CA VAL A 116 8.04 -3.61 2.61
C VAL A 116 8.53 -4.65 3.63
N ALA A 117 8.20 -4.49 4.92
CA ALA A 117 8.54 -5.47 5.96
C ALA A 117 7.81 -6.79 5.72
N GLN A 118 6.50 -6.74 5.48
CA GLN A 118 5.63 -7.92 5.38
C GLN A 118 5.95 -8.73 4.13
N TYR A 119 5.80 -8.13 2.95
CA TYR A 119 5.80 -8.89 1.72
C TYR A 119 7.19 -8.93 1.10
N GLY A 120 8.10 -8.04 1.47
CA GLY A 120 9.30 -7.74 0.71
C GLY A 120 8.95 -6.70 -0.36
N GLU A 121 9.99 -6.14 -0.99
CA GLU A 121 9.91 -4.88 -1.72
C GLU A 121 9.06 -4.95 -3.00
N GLN A 122 8.94 -6.12 -3.67
CA GLN A 122 8.20 -6.22 -4.91
C GLN A 122 6.72 -5.94 -4.68
N ARG A 123 6.01 -6.85 -4.01
CA ARG A 123 4.56 -6.81 -3.79
C ARG A 123 4.18 -5.54 -3.05
N ALA A 124 5.11 -4.99 -2.29
CA ALA A 124 4.89 -3.72 -1.60
C ALA A 124 4.62 -2.56 -2.56
N TRP A 125 4.86 -2.72 -3.86
CA TRP A 125 4.29 -1.88 -4.91
C TRP A 125 3.48 -2.73 -5.89
N ASP A 126 4.06 -3.83 -6.40
CA ASP A 126 3.56 -4.75 -7.43
C ASP A 126 2.18 -5.39 -7.13
N LEU A 127 1.77 -5.44 -5.86
CA LEU A 127 0.42 -5.80 -5.43
C LEU A 127 -0.36 -4.51 -5.13
N ALA A 128 0.26 -3.61 -4.36
CA ALA A 128 -0.30 -2.30 -4.00
C ALA A 128 -0.93 -1.55 -5.19
N LEU A 129 -0.24 -1.49 -6.33
CA LEU A 129 -0.68 -0.82 -7.55
C LEU A 129 -2.02 -1.38 -8.03
N HIS A 130 -2.19 -2.70 -8.00
CA HIS A 130 -3.44 -3.34 -8.38
C HIS A 130 -4.56 -2.86 -7.46
N THR A 131 -4.33 -2.79 -6.15
CA THR A 131 -5.32 -2.36 -5.19
C THR A 131 -5.81 -0.93 -5.47
N TRP A 132 -5.05 -0.12 -6.20
CA TRP A 132 -5.53 1.20 -6.62
C TRP A 132 -6.57 1.11 -7.73
N GLU A 133 -6.51 0.09 -8.58
CA GLU A 133 -7.53 -0.16 -9.59
C GLU A 133 -8.88 -0.49 -8.92
N GLN A 134 -8.82 -1.10 -7.74
CA GLN A 134 -9.97 -1.40 -6.89
C GLN A 134 -10.40 -0.21 -6.03
N MET A 135 -9.48 0.68 -5.62
CA MET A 135 -9.83 1.93 -4.99
C MET A 135 -10.57 2.87 -5.93
N GLY A 136 -10.22 2.84 -7.22
CA GLY A 136 -10.76 3.75 -8.21
C GLY A 136 -9.73 4.70 -8.81
N LEU A 137 -8.46 4.65 -8.38
CA LEU A 137 -7.59 5.81 -8.47
C LEU A 137 -6.65 5.61 -9.65
N ARG A 138 -7.10 5.99 -10.85
CA ARG A 138 -6.33 5.85 -12.05
C ARG A 138 -5.04 6.65 -11.89
N SER A 139 -5.14 7.89 -11.42
CA SER A 139 -4.00 8.80 -11.34
C SER A 139 -2.90 8.22 -10.47
N LEU A 140 -3.26 7.53 -9.38
CA LEU A 140 -2.32 6.96 -8.43
C LEU A 140 -1.47 5.90 -9.13
N CYS A 141 -2.14 4.96 -9.82
CA CYS A 141 -1.47 3.93 -10.61
C CYS A 141 -0.65 4.56 -11.74
N ALA A 142 -1.25 5.52 -12.45
CA ALA A 142 -0.65 6.19 -13.59
C ALA A 142 0.66 6.85 -13.15
N GLN A 143 0.65 7.65 -12.10
CA GLN A 143 1.85 8.30 -11.56
C GLN A 143 2.89 7.30 -11.04
N ALA A 144 2.54 6.01 -10.91
CA ALA A 144 3.46 4.92 -10.60
C ALA A 144 3.94 4.15 -11.86
N GLN A 145 3.42 4.45 -13.06
CA GLN A 145 3.69 3.76 -14.31
C GLN A 145 3.59 4.75 -15.49
N GLU A 146 4.24 5.90 -15.38
CA GLU A 146 4.32 6.97 -16.38
C GLU A 146 5.71 7.61 -16.45
N GLY A 147 6.76 6.92 -15.99
CA GLY A 147 8.14 7.37 -16.09
C GLY A 147 8.67 7.97 -14.78
N ALA A 148 7.91 7.78 -13.69
CA ALA A 148 8.26 8.25 -12.37
C ALA A 148 9.37 7.37 -11.80
N GLY A 149 10.60 7.64 -12.22
CA GLY A 149 11.80 6.95 -11.83
C GLY A 149 12.39 6.23 -13.03
N HIS A 150 12.06 4.95 -13.18
CA HIS A 150 12.68 4.01 -14.12
C HIS A 150 14.21 3.94 -13.96
N SER A 151 14.85 3.12 -14.80
CA SER A 151 16.28 3.03 -15.05
C SER A 151 16.46 2.69 -16.53
N MET A 59 14.10 4.52 -1.83
CA MET A 59 15.12 4.98 -0.88
C MET A 59 15.14 4.11 0.39
N ALA A 60 15.84 4.59 1.42
CA ALA A 60 15.92 4.01 2.76
C ALA A 60 14.60 4.16 3.53
N GLY A 61 14.57 3.66 4.76
CA GLY A 61 13.35 3.43 5.53
C GLY A 61 12.93 1.95 5.49
N GLY A 62 13.72 1.09 4.84
CA GLY A 62 13.25 -0.18 4.35
C GLY A 62 12.51 0.03 3.04
N ALA A 63 13.24 0.44 2.00
CA ALA A 63 12.90 0.25 0.59
C ALA A 63 11.60 0.90 0.09
N TRP A 64 11.14 2.00 0.68
CA TRP A 64 10.07 2.82 0.13
C TRP A 64 10.64 4.21 -0.17
N GLY A 65 9.81 5.12 -0.66
CA GLY A 65 10.22 6.51 -0.84
C GLY A 65 8.99 7.38 -1.00
N ARG A 66 8.74 7.87 -2.22
CA ARG A 66 7.58 8.70 -2.54
C ARG A 66 6.25 7.97 -2.32
N LEU A 67 6.27 6.66 -2.04
CA LEU A 67 5.12 5.91 -1.52
C LEU A 67 4.41 6.71 -0.44
N ALA A 68 5.13 7.14 0.60
CA ALA A 68 4.58 7.87 1.73
C ALA A 68 4.17 9.32 1.40
N CYS A 69 4.31 9.77 0.15
CA CYS A 69 3.75 11.01 -0.37
C CYS A 69 2.39 10.70 -1.04
N TYR A 70 2.33 9.65 -1.87
CA TYR A 70 1.10 9.20 -2.51
C TYR A 70 0.08 8.78 -1.45
N LEU A 71 0.53 8.00 -0.46
CA LEU A 71 -0.27 7.54 0.66
C LEU A 71 -0.55 8.68 1.67
N GLU A 72 -0.18 9.92 1.36
CA GLU A 72 -0.37 11.15 2.12
C GLU A 72 -1.02 12.21 1.20
N PHE A 73 -1.59 11.79 0.05
CA PHE A 73 -2.70 12.50 -0.56
C PHE A 73 -3.96 12.10 0.21
N LEU A 74 -4.29 10.82 0.21
CA LEU A 74 -5.56 10.30 0.70
C LEU A 74 -5.58 10.18 2.23
N LYS A 75 -6.78 9.97 2.77
CA LYS A 75 -7.08 9.90 4.20
C LYS A 75 -7.95 8.68 4.48
N LYS A 76 -8.64 8.60 5.62
CA LYS A 76 -9.37 7.41 6.07
C LYS A 76 -10.44 6.99 5.06
N GLU A 77 -10.89 7.89 4.19
CA GLU A 77 -11.72 7.57 3.03
C GLU A 77 -11.12 6.36 2.30
N GLU A 78 -9.87 6.47 1.87
CA GLU A 78 -9.32 5.69 0.79
C GLU A 78 -8.07 4.95 1.25
N LEU A 79 -7.30 5.51 2.18
CA LEU A 79 -6.13 4.86 2.78
C LEU A 79 -6.56 3.55 3.42
N LYS A 80 -7.71 3.60 4.11
CA LYS A 80 -8.29 2.49 4.85
C LYS A 80 -8.80 1.45 3.87
N GLU A 81 -9.54 1.83 2.83
CA GLU A 81 -9.88 0.92 1.75
C GLU A 81 -8.62 0.26 1.22
N PHE A 82 -7.62 1.04 0.83
CA PHE A 82 -6.37 0.53 0.27
C PHE A 82 -5.53 -0.27 1.26
N GLN A 83 -5.83 -0.24 2.57
CA GLN A 83 -5.23 -1.13 3.56
C GLN A 83 -5.99 -2.46 3.55
N LEU A 84 -7.32 -2.36 3.51
CA LEU A 84 -8.26 -3.45 3.68
C LEU A 84 -8.34 -4.27 2.41
N LEU A 85 -8.63 -3.65 1.28
CA LEU A 85 -8.67 -4.28 -0.02
C LEU A 85 -7.32 -4.89 -0.37
N LEU A 86 -6.24 -4.41 0.24
CA LEU A 86 -4.89 -4.94 0.14
C LEU A 86 -4.88 -6.31 0.79
N ALA A 87 -5.23 -6.40 2.07
CA ALA A 87 -5.24 -7.67 2.80
C ALA A 87 -6.24 -8.64 2.17
N ASN A 88 -7.33 -8.10 1.62
CA ASN A 88 -8.36 -8.86 0.91
C ASN A 88 -7.77 -9.53 -0.32
N LYS A 89 -6.92 -8.80 -1.07
CA LYS A 89 -6.15 -9.32 -2.19
C LYS A 89 -5.19 -10.40 -1.67
N ALA A 90 -4.10 -9.98 -1.02
CA ALA A 90 -2.91 -10.77 -0.68
C ALA A 90 -2.49 -11.76 -1.79
N HIS A 91 -1.57 -12.68 -1.49
CA HIS A 91 -1.15 -13.72 -2.45
C HIS A 91 -0.69 -14.98 -1.74
N SER A 92 -0.06 -14.83 -0.59
CA SER A 92 0.42 -15.88 0.30
C SER A 92 0.40 -15.29 1.70
N ARG A 93 0.15 -16.12 2.72
CA ARG A 93 0.53 -15.87 4.09
C ARG A 93 1.09 -17.18 4.61
N SER A 94 0.23 -18.06 5.13
CA SER A 94 0.51 -19.43 5.52
C SER A 94 -0.72 -20.28 5.14
N SER A 95 -0.77 -21.55 5.56
CA SER A 95 -1.86 -22.47 5.32
C SER A 95 -3.19 -21.95 5.87
N SER A 96 -4.27 -22.72 5.73
CA SER A 96 -5.65 -22.42 6.11
C SER A 96 -5.80 -21.66 7.44
N GLY A 97 -5.81 -20.34 7.40
CA GLY A 97 -5.63 -19.50 8.59
C GLY A 97 -6.75 -18.49 8.72
N GLU A 98 -8.00 -18.90 8.49
CA GLU A 98 -9.14 -18.02 8.71
C GLU A 98 -9.23 -17.64 10.19
N THR A 99 -9.17 -16.34 10.46
CA THR A 99 -9.37 -15.70 11.75
C THR A 99 -9.54 -14.20 11.51
N PRO A 100 -10.18 -13.48 12.44
CA PRO A 100 -10.30 -12.03 12.38
C PRO A 100 -8.98 -11.36 12.77
N ALA A 101 -8.71 -10.14 12.30
CA ALA A 101 -7.52 -9.38 12.67
C ALA A 101 -7.62 -7.93 12.21
N GLN A 102 -6.82 -7.04 12.81
CA GLN A 102 -6.90 -5.59 12.63
C GLN A 102 -5.50 -4.98 12.48
N PRO A 103 -5.36 -3.88 11.72
CA PRO A 103 -4.08 -3.23 11.46
C PRO A 103 -3.64 -2.34 12.61
N GLU A 104 -2.34 -2.02 12.67
CA GLU A 104 -1.76 -1.12 13.66
C GLU A 104 -1.24 0.17 13.05
N LYS A 105 -1.63 0.43 11.80
CA LYS A 105 -1.27 1.65 11.10
C LYS A 105 -2.30 2.73 11.36
N THR A 106 -1.90 3.99 11.13
CA THR A 106 -2.83 5.09 10.94
C THR A 106 -2.42 6.03 9.82
N SER A 107 -1.14 6.07 9.42
CA SER A 107 -0.71 6.97 8.36
C SER A 107 0.00 6.21 7.26
N GLY A 108 -0.10 6.73 6.03
CA GLY A 108 0.46 6.13 4.83
C GLY A 108 1.98 6.08 4.82
N MET A 109 2.64 6.92 5.62
CA MET A 109 4.06 6.79 5.88
C MET A 109 4.42 5.48 6.56
N GLU A 110 3.54 4.90 7.37
CA GLU A 110 3.87 3.79 8.23
C GLU A 110 3.39 2.47 7.65
N VAL A 111 2.39 2.47 6.75
CA VAL A 111 2.06 1.30 5.99
C VAL A 111 3.20 0.93 5.04
N ALA A 112 3.89 1.93 4.51
CA ALA A 112 4.99 1.73 3.58
C ALA A 112 6.11 0.86 4.18
N SER A 113 6.56 1.17 5.40
CA SER A 113 7.50 0.35 6.14
C SER A 113 6.90 -1.02 6.47
N TYR A 114 5.59 -1.07 6.75
CA TYR A 114 4.89 -2.30 7.12
C TYR A 114 4.91 -3.26 5.93
N LEU A 115 4.63 -2.76 4.74
CA LEU A 115 4.48 -3.56 3.53
C LEU A 115 5.80 -4.18 3.09
N VAL A 116 6.92 -3.45 3.20
CA VAL A 116 8.22 -4.05 2.91
C VAL A 116 8.54 -5.14 3.96
N ALA A 117 8.01 -5.06 5.19
CA ALA A 117 8.10 -6.17 6.13
C ALA A 117 7.19 -7.34 5.68
N GLN A 118 5.94 -7.05 5.33
CA GLN A 118 4.96 -8.07 4.94
C GLN A 118 5.40 -8.88 3.71
N TYR A 119 5.97 -8.23 2.68
CA TYR A 119 6.26 -8.91 1.41
C TYR A 119 7.61 -8.57 0.75
N GLY A 120 8.37 -7.60 1.24
CA GLY A 120 9.47 -7.03 0.48
C GLY A 120 8.95 -6.06 -0.59
N GLU A 121 9.84 -5.20 -1.06
CA GLU A 121 9.55 -4.03 -1.88
C GLU A 121 8.86 -4.33 -3.21
N GLN A 122 8.99 -5.54 -3.75
CA GLN A 122 8.26 -6.00 -4.93
C GLN A 122 6.76 -5.93 -4.65
N ARG A 123 6.27 -6.87 -3.86
CA ARG A 123 4.84 -7.04 -3.60
C ARG A 123 4.29 -5.88 -2.81
N ALA A 124 5.11 -5.24 -2.01
CA ALA A 124 4.72 -4.07 -1.25
C ALA A 124 4.16 -2.97 -2.13
N TRP A 125 4.56 -2.92 -3.41
CA TRP A 125 4.03 -1.94 -4.34
C TRP A 125 3.24 -2.61 -5.45
N ASP A 126 3.69 -3.72 -6.04
CA ASP A 126 2.96 -4.46 -7.07
C ASP A 126 1.49 -4.71 -6.68
N LEU A 127 1.25 -5.11 -5.42
CA LEU A 127 -0.11 -5.39 -4.96
C LEU A 127 -0.86 -4.09 -4.66
N ALA A 128 -0.14 -3.11 -4.12
CA ALA A 128 -0.57 -1.74 -3.88
C ALA A 128 -1.14 -1.09 -5.15
N LEU A 129 -0.34 -1.01 -6.20
CA LEU A 129 -0.64 -0.35 -7.46
C LEU A 129 -1.93 -0.92 -8.06
N HIS A 130 -2.07 -2.25 -8.02
CA HIS A 130 -3.29 -2.93 -8.42
C HIS A 130 -4.47 -2.53 -7.53
N THR A 131 -4.29 -2.40 -6.21
CA THR A 131 -5.36 -2.06 -5.24
C THR A 131 -6.03 -0.71 -5.61
N TRP A 132 -5.36 0.16 -6.36
CA TRP A 132 -5.96 1.41 -6.83
C TRP A 132 -6.94 1.21 -7.99
N GLU A 133 -6.96 0.05 -8.66
CA GLU A 133 -7.92 -0.24 -9.71
C GLU A 133 -9.33 -0.47 -9.15
N GLN A 134 -9.45 -0.85 -7.86
CA GLN A 134 -10.73 -0.82 -7.15
C GLN A 134 -11.22 0.63 -7.04
N MET A 135 -10.39 1.47 -6.41
CA MET A 135 -10.80 2.76 -5.87
C MET A 135 -10.88 3.88 -6.92
N GLY A 136 -10.25 3.74 -8.10
CA GLY A 136 -10.38 4.71 -9.19
C GLY A 136 -9.17 5.63 -9.37
N LEU A 137 -8.04 5.31 -8.74
CA LEU A 137 -6.91 6.23 -8.62
C LEU A 137 -5.85 5.93 -9.69
N ARG A 138 -6.23 6.12 -10.95
CA ARG A 138 -5.29 5.94 -12.05
C ARG A 138 -4.10 6.88 -11.89
N SER A 139 -4.36 8.16 -11.65
CA SER A 139 -3.32 9.17 -11.57
C SER A 139 -2.35 8.93 -10.39
N LEU A 140 -2.68 8.07 -9.41
CA LEU A 140 -1.73 7.63 -8.40
C LEU A 140 -0.81 6.56 -9.00
N CYS A 141 -1.40 5.54 -9.64
CA CYS A 141 -0.66 4.46 -10.30
C CYS A 141 0.25 5.01 -11.40
N ALA A 142 -0.18 6.09 -12.04
CA ALA A 142 0.58 6.93 -12.94
C ALA A 142 1.75 7.55 -12.18
N GLN A 143 1.50 8.52 -11.28
CA GLN A 143 2.54 9.27 -10.54
C GLN A 143 3.63 8.36 -9.95
N ALA A 144 3.23 7.25 -9.34
CA ALA A 144 4.11 6.25 -8.73
C ALA A 144 5.20 5.73 -9.68
N GLN A 145 4.97 5.85 -10.99
CA GLN A 145 5.71 5.25 -12.09
C GLN A 145 6.11 6.32 -13.11
N GLU A 146 5.83 7.60 -12.86
CA GLU A 146 5.92 8.69 -13.82
C GLU A 146 6.67 9.87 -13.22
N GLY A 147 7.94 9.63 -12.92
CA GLY A 147 8.90 10.63 -12.49
C GLY A 147 9.22 10.55 -11.00
N ALA A 148 8.57 9.64 -10.28
CA ALA A 148 8.69 9.29 -8.87
C ALA A 148 9.20 10.44 -8.01
N GLY A 149 10.52 10.49 -7.75
CA GLY A 149 11.16 11.61 -7.09
C GLY A 149 12.46 11.22 -6.41
N HIS A 150 13.56 11.40 -7.12
CA HIS A 150 14.95 11.13 -6.75
C HIS A 150 15.25 9.63 -6.57
N SER A 151 16.52 9.28 -6.61
CA SER A 151 17.06 7.92 -6.59
C SER A 151 18.21 7.81 -5.56
N MET A 59 14.48 8.23 0.73
CA MET A 59 14.32 8.58 2.14
C MET A 59 14.85 7.43 3.01
N ALA A 60 15.03 7.70 4.30
CA ALA A 60 15.40 6.71 5.28
C ALA A 60 14.18 5.92 5.75
N GLY A 61 14.44 4.74 6.29
CA GLY A 61 13.48 3.77 6.76
C GLY A 61 13.94 2.41 6.25
N GLY A 62 13.05 1.42 6.32
CA GLY A 62 13.40 0.04 6.00
C GLY A 62 13.82 -0.20 4.56
N ALA A 63 13.26 0.54 3.59
CA ALA A 63 13.32 0.31 2.12
C ALA A 63 12.10 0.95 1.42
N TRP A 64 11.83 2.22 1.70
CA TRP A 64 10.76 3.00 1.11
C TRP A 64 11.14 4.47 1.15
N GLY A 65 10.78 5.21 0.10
CA GLY A 65 10.76 6.65 0.16
C GLY A 65 9.48 7.14 -0.49
N ARG A 66 9.53 7.40 -1.80
CA ARG A 66 8.37 7.91 -2.52
C ARG A 66 7.20 6.94 -2.55
N LEU A 67 7.37 5.68 -2.15
CA LEU A 67 6.23 4.81 -1.83
C LEU A 67 5.28 5.52 -0.85
N ALA A 68 5.79 6.10 0.25
CA ALA A 68 4.97 6.85 1.20
C ALA A 68 4.38 8.13 0.59
N CYS A 69 5.02 8.70 -0.44
CA CYS A 69 4.63 9.98 -1.01
C CYS A 69 3.22 9.91 -1.61
N TYR A 70 2.84 8.80 -2.27
CA TYR A 70 1.50 8.59 -2.85
C TYR A 70 0.41 8.35 -1.79
N LEU A 71 0.74 8.35 -0.50
CA LEU A 71 -0.17 7.94 0.57
C LEU A 71 -0.46 9.10 1.53
N GLU A 72 -0.16 10.35 1.13
CA GLU A 72 -0.37 11.53 1.95
C GLU A 72 -1.38 12.49 1.33
N PHE A 73 -1.67 12.40 0.03
CA PHE A 73 -2.76 13.14 -0.60
C PHE A 73 -4.09 12.59 -0.05
N LEU A 74 -4.21 11.27 0.01
CA LEU A 74 -5.39 10.61 0.54
C LEU A 74 -5.34 10.57 2.06
N LYS A 75 -6.53 10.46 2.63
CA LYS A 75 -6.79 10.44 4.06
C LYS A 75 -7.60 9.19 4.36
N LYS A 76 -8.01 9.00 5.62
CA LYS A 76 -8.53 7.71 6.10
C LYS A 76 -9.76 7.20 5.34
N GLU A 77 -10.45 8.05 4.58
CA GLU A 77 -11.44 7.64 3.59
C GLU A 77 -10.86 6.53 2.71
N GLU A 78 -9.78 6.81 1.97
CA GLU A 78 -9.21 5.90 1.00
C GLU A 78 -7.99 5.20 1.58
N LEU A 79 -7.21 5.84 2.47
CA LEU A 79 -6.02 5.27 3.08
C LEU A 79 -6.38 3.98 3.80
N LYS A 80 -7.53 3.99 4.50
CA LYS A 80 -7.98 2.77 5.15
C LYS A 80 -8.40 1.78 4.08
N GLU A 81 -9.26 2.18 3.13
CA GLU A 81 -9.74 1.27 2.10
C GLU A 81 -8.59 0.58 1.39
N PHE A 82 -7.55 1.31 0.99
CA PHE A 82 -6.40 0.73 0.33
C PHE A 82 -5.80 -0.42 1.15
N GLN A 83 -5.42 -0.16 2.41
CA GLN A 83 -4.85 -1.18 3.30
C GLN A 83 -5.85 -2.32 3.59
N LEU A 84 -7.15 -2.03 3.66
CA LEU A 84 -8.19 -2.99 3.92
C LEU A 84 -8.33 -3.91 2.71
N LEU A 85 -8.66 -3.34 1.57
CA LEU A 85 -8.88 -4.00 0.29
C LEU A 85 -7.64 -4.79 -0.11
N LEU A 86 -6.43 -4.22 -0.06
CA LEU A 86 -5.19 -4.88 -0.48
C LEU A 86 -4.98 -6.14 0.36
N ALA A 87 -5.04 -6.02 1.69
CA ALA A 87 -4.85 -7.18 2.55
C ALA A 87 -5.97 -8.22 2.36
N ASN A 88 -7.19 -7.81 1.99
CA ASN A 88 -8.25 -8.74 1.59
C ASN A 88 -7.87 -9.45 0.28
N LYS A 89 -7.41 -8.68 -0.73
CA LYS A 89 -6.96 -9.14 -2.03
C LYS A 89 -5.95 -10.27 -1.87
N ALA A 90 -4.85 -9.97 -1.15
CA ALA A 90 -3.77 -10.90 -0.90
C ALA A 90 -4.15 -12.04 0.04
N HIS A 91 -5.22 -11.85 0.83
CA HIS A 91 -5.65 -12.65 1.97
C HIS A 91 -4.46 -13.35 2.64
N SER A 92 -4.55 -14.67 2.81
CA SER A 92 -3.49 -15.64 3.04
C SER A 92 -2.22 -15.08 3.67
N ARG A 93 -2.25 -14.84 4.98
CA ARG A 93 -1.05 -14.78 5.79
C ARG A 93 -1.31 -15.57 7.07
N SER A 94 -1.62 -16.86 6.92
CA SER A 94 -1.68 -17.84 8.00
C SER A 94 -2.51 -17.36 9.21
N SER A 95 -2.26 -17.94 10.38
CA SER A 95 -2.78 -17.47 11.65
C SER A 95 -2.42 -16.00 11.87
N SER A 96 -3.26 -15.27 12.60
CA SER A 96 -3.02 -13.90 13.02
C SER A 96 -1.94 -13.85 14.11
N GLY A 97 -1.60 -12.65 14.59
CA GLY A 97 -0.57 -12.49 15.60
C GLY A 97 -0.43 -11.05 16.10
N GLU A 98 -0.73 -10.04 15.27
CA GLU A 98 -0.88 -8.63 15.60
C GLU A 98 0.19 -8.06 16.56
N THR A 99 1.26 -7.47 16.01
CA THR A 99 2.44 -7.13 16.77
C THR A 99 2.22 -6.00 17.80
N PRO A 100 3.10 -5.84 18.81
CA PRO A 100 3.00 -4.78 19.82
C PRO A 100 3.43 -3.43 19.23
N ALA A 101 3.56 -2.42 20.10
CA ALA A 101 3.70 -1.00 19.83
C ALA A 101 2.43 -0.42 19.19
N GLN A 102 2.37 0.89 19.01
CA GLN A 102 1.25 1.53 18.32
C GLN A 102 1.32 1.10 16.85
N PRO A 103 0.21 0.59 16.27
CA PRO A 103 0.26 -0.14 15.02
C PRO A 103 0.52 0.82 13.85
N GLU A 104 1.32 0.36 12.90
CA GLU A 104 1.79 1.07 11.71
C GLU A 104 0.68 1.17 10.65
N LYS A 105 -0.44 1.79 11.02
CA LYS A 105 -1.59 2.06 10.17
C LYS A 105 -2.06 3.50 10.34
N THR A 106 -3.02 3.87 9.50
CA THR A 106 -3.74 5.14 9.42
C THR A 106 -2.88 6.32 9.02
N SER A 107 -1.58 6.29 9.31
CA SER A 107 -0.68 7.28 8.76
C SER A 107 -0.11 6.75 7.44
N GLY A 108 -0.04 7.60 6.42
CA GLY A 108 0.36 7.23 5.05
C GLY A 108 1.67 6.47 5.02
N MET A 109 2.73 7.08 5.56
CA MET A 109 4.07 6.51 5.58
C MET A 109 4.14 5.18 6.32
N GLU A 110 3.31 4.95 7.34
CA GLU A 110 3.45 3.77 8.16
C GLU A 110 3.01 2.52 7.40
N VAL A 111 2.07 2.64 6.46
CA VAL A 111 1.68 1.52 5.63
C VAL A 111 2.85 1.08 4.74
N ALA A 112 3.80 1.98 4.41
CA ALA A 112 5.03 1.60 3.72
C ALA A 112 5.87 0.67 4.59
N SER A 113 6.09 1.06 5.85
CA SER A 113 6.79 0.24 6.84
C SER A 113 6.14 -1.13 7.00
N TYR A 114 4.82 -1.26 6.81
CA TYR A 114 4.13 -2.55 6.89
C TYR A 114 4.25 -3.33 5.58
N LEU A 115 4.01 -2.71 4.42
CA LEU A 115 3.93 -3.43 3.15
C LEU A 115 5.28 -4.00 2.74
N VAL A 116 6.37 -3.23 2.86
CA VAL A 116 7.71 -3.74 2.56
C VAL A 116 8.08 -4.86 3.54
N ALA A 117 7.55 -4.86 4.77
CA ALA A 117 7.75 -5.92 5.75
C ALA A 117 6.89 -7.17 5.49
N GLN A 118 5.89 -7.10 4.61
CA GLN A 118 5.17 -8.27 4.10
C GLN A 118 5.85 -8.80 2.84
N TYR A 119 6.19 -7.90 1.89
CA TYR A 119 6.37 -8.27 0.50
C TYR A 119 7.75 -7.99 -0.09
N GLY A 120 8.55 -7.16 0.57
CA GLY A 120 9.73 -6.59 -0.04
C GLY A 120 9.35 -5.67 -1.21
N GLU A 121 10.38 -5.00 -1.71
CA GLU A 121 10.35 -4.02 -2.80
C GLU A 121 9.74 -4.55 -4.12
N GLN A 122 9.51 -5.86 -4.29
CA GLN A 122 8.70 -6.39 -5.37
C GLN A 122 7.22 -6.14 -5.09
N ARG A 123 6.54 -7.07 -4.38
CA ARG A 123 5.09 -7.03 -4.27
C ARG A 123 4.60 -5.82 -3.46
N ALA A 124 5.45 -5.13 -2.68
CA ALA A 124 5.01 -3.92 -2.00
C ALA A 124 4.58 -2.80 -2.97
N TRP A 125 4.86 -2.97 -4.27
CA TRP A 125 4.24 -2.18 -5.33
C TRP A 125 3.39 -3.06 -6.21
N ASP A 126 3.93 -4.16 -6.73
CA ASP A 126 3.30 -4.97 -7.76
C ASP A 126 1.88 -5.44 -7.40
N LEU A 127 1.61 -5.75 -6.13
CA LEU A 127 0.29 -6.13 -5.64
C LEU A 127 -0.53 -4.85 -5.43
N ALA A 128 0.07 -3.88 -4.73
CA ALA A 128 -0.54 -2.61 -4.40
C ALA A 128 -1.12 -1.89 -5.63
N LEU A 129 -0.45 -1.95 -6.79
CA LEU A 129 -0.86 -1.37 -8.07
C LEU A 129 -2.32 -1.69 -8.39
N HIS A 130 -2.73 -2.96 -8.28
CA HIS A 130 -4.11 -3.38 -8.55
C HIS A 130 -5.10 -2.61 -7.67
N THR A 131 -4.75 -2.29 -6.42
CA THR A 131 -5.71 -1.80 -5.44
C THR A 131 -6.19 -0.38 -5.84
N TRP A 132 -5.42 0.32 -6.66
CA TRP A 132 -5.88 1.58 -7.23
C TRP A 132 -7.02 1.35 -8.22
N GLU A 133 -7.00 0.24 -8.96
CA GLU A 133 -8.09 -0.13 -9.85
C GLU A 133 -9.34 -0.38 -9.01
N GLN A 134 -9.19 -1.08 -7.89
CA GLN A 134 -10.24 -1.38 -6.93
C GLN A 134 -10.83 -0.09 -6.33
N MET A 135 -10.00 0.86 -5.87
CA MET A 135 -10.48 2.14 -5.34
C MET A 135 -10.94 3.11 -6.44
N GLY A 136 -10.68 2.83 -7.72
CA GLY A 136 -11.04 3.71 -8.83
C GLY A 136 -10.02 4.81 -9.12
N LEU A 137 -8.91 4.93 -8.36
CA LEU A 137 -7.97 6.06 -8.40
C LEU A 137 -7.04 5.90 -9.59
N ARG A 138 -7.50 6.33 -10.75
CA ARG A 138 -6.77 6.15 -12.00
C ARG A 138 -5.45 6.89 -11.96
N SER A 139 -5.47 8.16 -11.55
CA SER A 139 -4.30 9.01 -11.67
C SER A 139 -3.19 8.56 -10.72
N LEU A 140 -3.47 8.01 -9.53
CA LEU A 140 -2.43 7.44 -8.67
C LEU A 140 -1.75 6.27 -9.36
N CYS A 141 -2.53 5.35 -9.91
CA CYS A 141 -2.00 4.20 -10.64
C CYS A 141 -1.19 4.66 -11.87
N ALA A 142 -1.61 5.75 -12.50
CA ALA A 142 -0.92 6.38 -13.60
C ALA A 142 0.43 6.91 -13.10
N GLN A 143 0.45 7.71 -12.04
CA GLN A 143 1.65 8.28 -11.44
C GLN A 143 2.62 7.20 -10.96
N ALA A 144 2.13 5.99 -10.64
CA ALA A 144 2.94 4.83 -10.32
C ALA A 144 3.64 4.21 -11.54
N GLN A 145 3.31 4.59 -12.78
CA GLN A 145 3.74 3.92 -14.02
C GLN A 145 4.15 4.91 -15.11
N GLU A 146 4.15 6.22 -14.83
CA GLU A 146 4.26 7.25 -15.87
C GLU A 146 5.28 8.35 -15.54
N GLY A 147 5.93 8.25 -14.38
CA GLY A 147 6.89 9.23 -13.91
C GLY A 147 6.31 10.63 -13.80
N ALA A 148 5.02 10.76 -13.48
CA ALA A 148 4.39 12.02 -13.14
C ALA A 148 4.81 12.40 -11.72
N GLY A 149 6.08 12.80 -11.59
CA GLY A 149 6.64 13.43 -10.41
C GLY A 149 6.81 14.92 -10.68
N HIS A 150 7.28 15.67 -9.68
CA HIS A 150 7.75 17.04 -9.85
C HIS A 150 9.24 17.01 -10.17
N SER A 151 9.84 18.19 -10.27
CA SER A 151 11.26 18.42 -10.09
C SER A 151 11.36 19.56 -9.09
N MET A 59 12.88 11.92 3.79
CA MET A 59 13.97 10.98 3.98
C MET A 59 13.93 9.76 3.03
N ALA A 60 14.82 8.83 3.31
CA ALA A 60 14.86 7.48 2.76
C ALA A 60 14.56 6.52 3.91
N GLY A 61 13.36 5.93 3.89
CA GLY A 61 12.91 4.93 4.84
C GLY A 61 13.71 3.64 4.71
N GLY A 62 13.26 2.57 5.37
CA GLY A 62 13.93 1.28 5.32
C GLY A 62 14.16 0.81 3.89
N ALA A 63 13.16 0.96 3.02
CA ALA A 63 13.16 0.48 1.64
C ALA A 63 11.87 0.92 0.95
N TRP A 64 11.49 2.18 1.16
CA TRP A 64 10.23 2.72 0.68
C TRP A 64 10.47 4.13 0.13
N GLY A 65 10.91 5.07 0.97
CA GLY A 65 11.33 6.37 0.49
C GLY A 65 10.11 7.18 0.06
N ARG A 66 9.93 7.36 -1.25
CA ARG A 66 8.83 8.14 -1.82
C ARG A 66 7.47 7.47 -1.57
N LEU A 67 7.39 6.18 -1.25
CA LEU A 67 6.09 5.48 -1.24
C LEU A 67 5.06 6.25 -0.41
N ALA A 68 5.46 6.74 0.77
CA ALA A 68 4.62 7.53 1.67
C ALA A 68 3.94 8.72 0.98
N CYS A 69 4.60 9.40 0.04
CA CYS A 69 4.10 10.58 -0.64
C CYS A 69 2.80 10.27 -1.39
N TYR A 70 2.77 9.13 -2.09
CA TYR A 70 1.56 8.71 -2.78
C TYR A 70 0.44 8.38 -1.76
N LEU A 71 0.81 8.00 -0.53
CA LEU A 71 -0.09 7.59 0.55
C LEU A 71 -0.43 8.77 1.47
N GLU A 72 -0.06 9.99 1.07
CA GLU A 72 -0.28 11.21 1.83
C GLU A 72 -1.28 12.13 1.16
N PHE A 73 -1.54 11.97 -0.15
CA PHE A 73 -2.58 12.75 -0.81
C PHE A 73 -3.94 12.37 -0.21
N LEU A 74 -4.26 11.08 -0.21
CA LEU A 74 -5.45 10.52 0.42
C LEU A 74 -5.22 10.33 1.91
N LYS A 75 -6.32 10.40 2.65
CA LYS A 75 -6.38 10.22 4.10
C LYS A 75 -7.29 9.06 4.40
N LYS A 76 -7.52 8.77 5.69
CA LYS A 76 -8.29 7.61 6.18
C LYS A 76 -9.54 7.28 5.39
N GLU A 77 -10.23 8.31 4.90
CA GLU A 77 -11.26 8.30 3.87
C GLU A 77 -11.12 7.11 2.90
N GLU A 78 -10.03 7.01 2.14
CA GLU A 78 -9.76 5.91 1.23
C GLU A 78 -8.45 5.19 1.59
N LEU A 79 -7.56 5.80 2.38
CA LEU A 79 -6.37 5.16 2.91
C LEU A 79 -6.74 3.98 3.83
N LYS A 80 -7.97 3.93 4.34
CA LYS A 80 -8.58 2.73 4.95
C LYS A 80 -8.98 1.71 3.91
N GLU A 81 -9.79 2.09 2.92
CA GLU A 81 -10.24 1.13 1.93
C GLU A 81 -9.04 0.43 1.32
N PHE A 82 -8.02 1.19 0.91
CA PHE A 82 -6.83 0.62 0.31
C PHE A 82 -6.23 -0.51 1.17
N GLN A 83 -5.82 -0.23 2.40
CA GLN A 83 -5.14 -1.22 3.24
C GLN A 83 -6.00 -2.48 3.48
N LEU A 84 -7.32 -2.34 3.42
CA LEU A 84 -8.28 -3.39 3.67
C LEU A 84 -8.49 -4.21 2.41
N LEU A 85 -8.85 -3.57 1.30
CA LEU A 85 -9.05 -4.22 0.03
C LEU A 85 -7.78 -4.96 -0.37
N LEU A 86 -6.62 -4.46 0.09
CA LEU A 86 -5.33 -5.04 -0.22
C LEU A 86 -5.22 -6.38 0.50
N ALA A 87 -5.44 -6.37 1.81
CA ALA A 87 -5.31 -7.55 2.64
C ALA A 87 -6.31 -8.62 2.21
N ASN A 88 -7.54 -8.23 1.87
CA ASN A 88 -8.56 -9.17 1.42
C ASN A 88 -8.11 -9.86 0.13
N LYS A 89 -7.43 -9.15 -0.78
CA LYS A 89 -6.86 -9.69 -2.01
C LYS A 89 -5.69 -10.61 -1.67
N ALA A 90 -4.80 -10.18 -0.78
CA ALA A 90 -3.59 -10.90 -0.43
C ALA A 90 -3.88 -12.22 0.28
N HIS A 91 -4.84 -12.20 1.20
CA HIS A 91 -5.10 -13.13 2.29
C HIS A 91 -3.84 -13.80 2.86
N SER A 92 -4.04 -14.93 3.51
CA SER A 92 -3.05 -15.89 3.97
C SER A 92 -2.09 -16.31 2.86
N ARG A 93 -0.96 -16.93 3.22
CA ARG A 93 -0.02 -17.42 2.22
C ARG A 93 -0.49 -18.68 1.51
N SER A 94 -1.50 -19.38 2.04
CA SER A 94 -2.11 -20.56 1.49
C SER A 94 -3.61 -20.49 1.83
N SER A 95 -4.41 -21.37 1.22
CA SER A 95 -5.87 -21.37 1.24
C SER A 95 -6.42 -21.11 2.66
N SER A 96 -6.30 -22.08 3.56
CA SER A 96 -6.79 -22.01 4.94
C SER A 96 -8.24 -21.47 5.00
N GLY A 97 -8.71 -20.94 6.13
CA GLY A 97 -10.09 -20.45 6.23
C GLY A 97 -10.36 -19.58 7.45
N GLU A 98 -9.33 -19.14 8.17
CA GLU A 98 -9.52 -18.35 9.38
C GLU A 98 -9.96 -16.93 9.01
N THR A 99 -10.50 -16.20 9.98
CA THR A 99 -11.19 -14.93 9.72
C THR A 99 -10.12 -13.84 9.50
N PRO A 100 -10.31 -12.89 8.59
CA PRO A 100 -9.31 -11.90 8.22
C PRO A 100 -9.13 -10.87 9.34
N ALA A 101 -8.06 -10.06 9.29
CA ALA A 101 -7.68 -9.15 10.35
C ALA A 101 -6.93 -7.94 9.79
N GLN A 102 -6.77 -6.89 10.60
CA GLN A 102 -5.92 -5.75 10.30
C GLN A 102 -5.18 -5.30 11.57
N PRO A 103 -3.97 -4.73 11.44
CA PRO A 103 -3.16 -4.20 12.54
C PRO A 103 -3.64 -2.80 12.95
N GLU A 104 -2.82 -2.09 13.73
CA GLU A 104 -3.08 -0.77 14.29
C GLU A 104 -2.18 0.26 13.62
N LYS A 105 -2.37 0.47 12.32
CA LYS A 105 -1.48 1.22 11.45
C LYS A 105 -2.29 1.96 10.39
N THR A 106 -2.30 3.29 10.36
CA THR A 106 -3.14 4.08 9.44
C THR A 106 -2.49 5.39 8.94
N SER A 107 -1.17 5.55 9.04
CA SER A 107 -0.45 6.62 8.32
C SER A 107 0.53 6.03 7.32
N GLY A 108 0.60 6.65 6.15
CA GLY A 108 1.25 6.16 4.94
C GLY A 108 2.62 5.55 5.17
N MET A 109 3.53 6.29 5.81
CA MET A 109 4.91 5.86 5.99
C MET A 109 5.00 4.61 6.88
N GLU A 110 4.05 4.43 7.80
CA GLU A 110 4.00 3.26 8.67
C GLU A 110 3.27 2.08 8.04
N VAL A 111 2.30 2.29 7.12
CA VAL A 111 1.76 1.16 6.35
C VAL A 111 2.88 0.67 5.43
N ALA A 112 3.70 1.57 4.89
CA ALA A 112 4.78 1.24 3.97
C ALA A 112 5.80 0.29 4.58
N SER A 113 6.38 0.64 5.73
CA SER A 113 7.35 -0.22 6.40
C SER A 113 6.76 -1.57 6.81
N TYR A 114 5.44 -1.65 7.00
CA TYR A 114 4.71 -2.88 7.27
C TYR A 114 4.51 -3.67 5.97
N LEU A 115 4.27 -3.02 4.83
CA LEU A 115 3.99 -3.68 3.57
C LEU A 115 5.28 -4.28 2.97
N VAL A 116 6.39 -3.55 3.08
CA VAL A 116 7.71 -4.08 2.74
C VAL A 116 8.10 -5.21 3.72
N ALA A 117 7.58 -5.21 4.95
CA ALA A 117 7.81 -6.30 5.90
C ALA A 117 7.06 -7.55 5.46
N GLN A 118 5.82 -7.39 5.01
CA GLN A 118 4.99 -8.46 4.49
C GLN A 118 5.65 -9.10 3.27
N TYR A 119 6.13 -8.31 2.30
CA TYR A 119 6.67 -8.83 1.05
C TYR A 119 8.10 -8.40 0.78
N GLY A 120 8.30 -7.09 0.60
CA GLY A 120 9.47 -6.53 -0.07
C GLY A 120 8.98 -5.68 -1.25
N GLU A 121 9.91 -4.97 -1.89
CA GLU A 121 9.66 -3.91 -2.87
C GLU A 121 8.62 -4.33 -3.90
N GLN A 122 8.79 -5.52 -4.50
CA GLN A 122 8.00 -6.01 -5.60
C GLN A 122 6.51 -6.03 -5.25
N ARG A 123 6.08 -6.96 -4.39
CA ARG A 123 4.66 -7.09 -4.08
C ARG A 123 4.19 -5.92 -3.23
N ALA A 124 5.09 -5.22 -2.52
CA ALA A 124 4.66 -4.00 -1.84
C ALA A 124 4.21 -2.93 -2.85
N TRP A 125 4.57 -3.05 -4.14
CA TRP A 125 4.14 -2.15 -5.20
C TRP A 125 3.20 -2.82 -6.20
N ASP A 126 3.52 -3.98 -6.75
CA ASP A 126 2.66 -4.72 -7.70
C ASP A 126 1.24 -4.91 -7.14
N LEU A 127 1.15 -5.34 -5.89
CA LEU A 127 -0.12 -5.65 -5.26
C LEU A 127 -0.86 -4.32 -5.02
N ALA A 128 -0.11 -3.26 -4.73
CA ALA A 128 -0.64 -1.94 -4.51
C ALA A 128 -1.23 -1.38 -5.78
N LEU A 129 -0.53 -1.48 -6.92
CA LEU A 129 -1.01 -1.08 -8.23
C LEU A 129 -2.35 -1.74 -8.54
N HIS A 130 -2.48 -3.05 -8.33
CA HIS A 130 -3.79 -3.70 -8.42
C HIS A 130 -4.79 -2.98 -7.52
N THR A 131 -4.47 -2.79 -6.24
CA THR A 131 -5.44 -2.32 -5.26
C THR A 131 -5.91 -0.89 -5.58
N TRP A 132 -5.10 -0.10 -6.27
CA TRP A 132 -5.51 1.24 -6.71
C TRP A 132 -6.61 1.16 -7.76
N GLU A 133 -6.57 0.13 -8.58
CA GLU A 133 -7.56 -0.16 -9.60
C GLU A 133 -8.92 -0.51 -8.97
N GLN A 134 -8.94 -0.90 -7.69
CA GLN A 134 -10.15 -1.17 -6.93
C GLN A 134 -10.81 0.12 -6.42
N MET A 135 -10.09 1.25 -6.38
CA MET A 135 -10.62 2.54 -5.95
C MET A 135 -10.73 3.55 -7.11
N GLY A 136 -10.15 3.24 -8.27
CA GLY A 136 -10.26 4.09 -9.45
C GLY A 136 -9.34 5.31 -9.40
N LEU A 137 -8.19 5.26 -8.71
CA LEU A 137 -7.25 6.39 -8.67
C LEU A 137 -6.23 6.24 -9.80
N ARG A 138 -6.60 6.65 -11.01
CA ARG A 138 -5.74 6.54 -12.18
C ARG A 138 -4.39 7.19 -11.97
N SER A 139 -4.31 8.41 -11.41
CA SER A 139 -3.02 9.08 -11.29
C SER A 139 -2.05 8.30 -10.40
N LEU A 140 -2.55 7.52 -9.43
CA LEU A 140 -1.70 6.69 -8.59
C LEU A 140 -1.09 5.57 -9.44
N CYS A 141 -1.92 4.77 -10.12
CA CYS A 141 -1.43 3.72 -11.02
C CYS A 141 -0.51 4.28 -12.10
N ALA A 142 -0.90 5.40 -12.70
CA ALA A 142 -0.21 6.03 -13.79
C ALA A 142 1.18 6.48 -13.31
N GLN A 143 1.30 7.36 -12.31
CA GLN A 143 2.62 7.79 -11.84
C GLN A 143 3.47 6.59 -11.42
N ALA A 144 2.86 5.57 -10.79
CA ALA A 144 3.51 4.33 -10.40
C ALA A 144 3.96 3.45 -11.58
N GLN A 145 3.85 3.90 -12.84
CA GLN A 145 4.31 3.22 -14.05
C GLN A 145 4.98 4.18 -15.05
N GLU A 146 4.77 5.49 -14.92
CA GLU A 146 5.13 6.55 -15.84
C GLU A 146 6.59 6.88 -15.61
N GLY A 147 7.41 6.02 -16.16
CA GLY A 147 8.83 6.28 -16.40
C GLY A 147 9.71 5.98 -15.19
N ALA A 148 9.15 5.40 -14.14
CA ALA A 148 9.88 4.78 -13.05
C ALA A 148 9.19 3.45 -12.77
N GLY A 149 8.30 3.43 -11.78
CA GLY A 149 7.36 2.36 -11.51
C GLY A 149 8.02 1.07 -11.03
N HIS A 150 8.41 0.24 -11.99
CA HIS A 150 9.12 -1.01 -11.78
C HIS A 150 10.07 -1.16 -12.96
N SER A 151 9.50 -1.38 -14.15
CA SER A 151 10.18 -1.49 -15.44
C SER A 151 11.17 -2.66 -15.45
N MET A 59 15.33 10.44 9.52
CA MET A 59 15.01 9.03 9.67
C MET A 59 15.49 8.27 8.43
N ALA A 60 14.94 7.09 8.18
CA ALA A 60 15.03 6.35 6.94
C ALA A 60 13.66 5.76 6.63
N GLY A 61 13.53 5.21 5.43
CA GLY A 61 12.37 4.44 5.02
C GLY A 61 12.95 3.07 4.67
N GLY A 62 12.60 2.04 5.44
CA GLY A 62 13.20 0.72 5.34
C GLY A 62 12.76 0.11 4.05
N ALA A 63 13.59 0.29 3.01
CA ALA A 63 13.29 -0.12 1.65
C ALA A 63 11.94 0.47 1.16
N TRP A 64 11.64 1.70 1.58
CA TRP A 64 10.57 2.51 1.03
C TRP A 64 11.10 3.94 0.93
N GLY A 65 10.37 4.79 0.23
CA GLY A 65 10.75 6.18 0.06
C GLY A 65 9.65 6.93 -0.67
N ARG A 66 9.76 7.06 -1.99
CA ARG A 66 8.79 7.79 -2.82
C ARG A 66 7.39 7.19 -2.72
N LEU A 67 7.27 5.93 -2.32
CA LEU A 67 6.01 5.24 -2.02
C LEU A 67 5.11 6.14 -1.19
N ALA A 68 5.64 6.73 -0.10
CA ALA A 68 4.88 7.56 0.81
C ALA A 68 4.26 8.77 0.12
N CYS A 69 4.83 9.32 -0.97
CA CYS A 69 4.30 10.48 -1.67
C CYS A 69 2.88 10.18 -2.18
N TYR A 70 2.74 9.12 -2.98
CA TYR A 70 1.45 8.64 -3.50
C TYR A 70 0.49 8.23 -2.37
N LEU A 71 1.02 8.05 -1.16
CA LEU A 71 0.35 7.56 0.04
C LEU A 71 0.16 8.69 1.06
N GLU A 72 0.57 9.93 0.76
CA GLU A 72 0.52 11.09 1.62
C GLU A 72 -0.57 12.06 1.15
N PHE A 73 -1.07 11.95 -0.09
CA PHE A 73 -2.12 12.82 -0.59
C PHE A 73 -3.48 12.52 0.08
N LEU A 74 -3.72 11.25 0.42
CA LEU A 74 -4.98 10.75 0.97
C LEU A 74 -4.88 10.54 2.47
N LYS A 75 -6.05 10.48 3.10
CA LYS A 75 -6.23 10.18 4.52
C LYS A 75 -7.18 9.00 4.59
N LYS A 76 -7.65 8.65 5.79
CA LYS A 76 -8.32 7.37 6.04
C LYS A 76 -9.48 7.11 5.07
N GLU A 77 -10.14 8.16 4.60
CA GLU A 77 -11.10 8.21 3.49
C GLU A 77 -10.82 7.11 2.47
N GLU A 78 -9.58 7.05 1.97
CA GLU A 78 -9.13 6.15 0.93
C GLU A 78 -7.94 5.33 1.43
N LEU A 79 -7.08 5.85 2.33
CA LEU A 79 -5.93 5.11 2.85
C LEU A 79 -6.36 3.83 3.58
N LYS A 80 -7.48 3.86 4.31
CA LYS A 80 -8.02 2.66 4.96
C LYS A 80 -8.40 1.65 3.91
N GLU A 81 -9.11 2.08 2.87
CA GLU A 81 -9.47 1.22 1.77
C GLU A 81 -8.22 0.65 1.14
N PHE A 82 -7.22 1.47 0.82
CA PHE A 82 -5.95 1.04 0.28
C PHE A 82 -5.39 -0.15 1.07
N GLN A 83 -5.13 0.02 2.37
CA GLN A 83 -4.46 -1.03 3.14
C GLN A 83 -5.33 -2.29 3.31
N LEU A 84 -6.65 -2.19 3.16
CA LEU A 84 -7.59 -3.29 3.38
C LEU A 84 -7.87 -4.04 2.09
N LEU A 85 -8.23 -3.31 1.04
CA LEU A 85 -8.47 -3.83 -0.30
C LEU A 85 -7.22 -4.55 -0.79
N LEU A 86 -6.05 -4.13 -0.30
CA LEU A 86 -4.76 -4.74 -0.59
C LEU A 86 -4.70 -6.14 0.00
N ALA A 87 -4.94 -6.26 1.31
CA ALA A 87 -4.94 -7.56 1.97
C ALA A 87 -6.01 -8.50 1.37
N ASN A 88 -7.06 -7.96 0.75
CA ASN A 88 -8.08 -8.74 0.05
C ASN A 88 -7.59 -9.15 -1.34
N LYS A 89 -6.93 -8.27 -2.09
CA LYS A 89 -6.32 -8.54 -3.38
C LYS A 89 -5.40 -9.74 -3.28
N ALA A 90 -4.53 -9.72 -2.27
CA ALA A 90 -3.74 -10.87 -1.85
C ALA A 90 -4.69 -12.02 -1.51
N HIS A 91 -5.47 -11.83 -0.44
CA HIS A 91 -6.13 -12.86 0.33
C HIS A 91 -5.08 -13.77 1.02
N SER A 92 -5.51 -14.56 2.00
CA SER A 92 -4.73 -15.67 2.53
C SER A 92 -5.68 -16.60 3.28
N ARG A 93 -6.40 -16.05 4.28
CA ARG A 93 -6.95 -16.73 5.44
C ARG A 93 -5.85 -17.45 6.22
N SER A 94 -5.76 -17.20 7.51
CA SER A 94 -5.08 -18.05 8.48
C SER A 94 -6.17 -18.72 9.32
N SER A 95 -7.00 -17.92 9.97
CA SER A 95 -8.24 -18.33 10.64
C SER A 95 -9.21 -17.13 10.64
N SER A 96 -10.41 -17.26 11.21
CA SER A 96 -11.46 -16.23 11.18
C SER A 96 -11.88 -15.83 9.76
N GLY A 97 -12.77 -14.85 9.66
CA GLY A 97 -12.89 -13.99 8.50
C GLY A 97 -11.95 -12.81 8.74
N GLU A 98 -12.46 -11.74 9.35
CA GLU A 98 -11.70 -10.54 9.62
C GLU A 98 -10.64 -10.75 10.71
N THR A 99 -9.67 -9.84 10.73
CA THR A 99 -8.56 -9.85 11.66
C THR A 99 -9.02 -9.67 13.12
N PRO A 100 -8.28 -10.24 14.09
CA PRO A 100 -8.50 -9.97 15.51
C PRO A 100 -7.94 -8.58 15.85
N ALA A 101 -8.24 -8.14 17.08
CA ALA A 101 -7.65 -6.94 17.68
C ALA A 101 -7.88 -5.71 16.80
N GLN A 102 -7.12 -4.67 17.11
CA GLN A 102 -6.95 -3.50 16.27
C GLN A 102 -5.61 -3.63 15.52
N PRO A 103 -5.53 -3.18 14.27
CA PRO A 103 -4.30 -3.07 13.50
C PRO A 103 -3.39 -1.97 14.06
N GLU A 104 -2.22 -1.80 13.46
CA GLU A 104 -1.29 -0.73 13.80
C GLU A 104 -1.21 0.35 12.75
N LYS A 105 -2.19 0.36 11.84
CA LYS A 105 -2.13 1.28 10.72
C LYS A 105 -2.58 2.67 11.13
N THR A 106 -2.01 3.68 10.49
CA THR A 106 -2.62 4.98 10.48
C THR A 106 -2.45 5.76 9.19
N SER A 107 -1.22 5.92 8.71
CA SER A 107 -0.96 6.82 7.59
C SER A 107 -0.14 6.08 6.54
N GLY A 108 -0.23 6.50 5.28
CA GLY A 108 0.40 5.79 4.19
C GLY A 108 1.92 5.66 4.30
N MET A 109 2.62 6.67 4.84
CA MET A 109 4.06 6.59 5.07
C MET A 109 4.44 5.44 6.03
N GLU A 110 3.60 5.19 7.04
CA GLU A 110 3.85 4.19 8.08
C GLU A 110 3.37 2.82 7.59
N VAL A 111 2.23 2.78 6.90
CA VAL A 111 1.74 1.63 6.15
C VAL A 111 2.81 1.14 5.15
N ALA A 112 3.69 2.03 4.66
CA ALA A 112 4.80 1.61 3.82
C ALA A 112 5.74 0.66 4.55
N SER A 113 6.18 1.07 5.74
CA SER A 113 6.98 0.25 6.63
C SER A 113 6.30 -1.09 6.90
N TYR A 114 4.99 -1.07 7.12
CA TYR A 114 4.25 -2.27 7.51
C TYR A 114 4.26 -3.28 6.37
N LEU A 115 4.14 -2.80 5.13
CA LEU A 115 3.93 -3.65 3.96
C LEU A 115 5.24 -4.12 3.34
N VAL A 116 6.30 -3.29 3.33
CA VAL A 116 7.61 -3.77 2.88
C VAL A 116 8.11 -4.84 3.84
N ALA A 117 7.68 -4.85 5.11
CA ALA A 117 7.91 -5.97 6.02
C ALA A 117 7.15 -7.22 5.59
N GLN A 118 5.86 -7.08 5.25
CA GLN A 118 5.00 -8.19 4.83
C GLN A 118 5.54 -8.87 3.57
N TYR A 119 5.89 -8.09 2.53
CA TYR A 119 6.36 -8.61 1.24
C TYR A 119 7.83 -8.25 1.02
N GLY A 120 8.08 -6.99 0.72
CA GLY A 120 9.29 -6.49 0.08
C GLY A 120 8.83 -5.56 -1.05
N GLU A 121 9.65 -4.60 -1.47
CA GLU A 121 9.21 -3.49 -2.33
C GLU A 121 8.72 -3.92 -3.70
N GLN A 122 9.03 -5.14 -4.10
CA GLN A 122 8.44 -5.85 -5.21
C GLN A 122 6.91 -5.88 -5.03
N ARG A 123 6.42 -6.85 -4.25
CA ARG A 123 4.99 -7.09 -4.09
C ARG A 123 4.33 -6.03 -3.22
N ALA A 124 5.07 -5.32 -2.37
CA ALA A 124 4.51 -4.22 -1.61
C ALA A 124 4.09 -3.07 -2.54
N TRP A 125 4.59 -3.03 -3.79
CA TRP A 125 4.12 -2.10 -4.78
C TRP A 125 3.28 -2.81 -5.81
N ASP A 126 3.77 -3.81 -6.55
CA ASP A 126 3.02 -4.49 -7.62
C ASP A 126 1.57 -4.82 -7.26
N LEU A 127 1.39 -5.37 -6.05
CA LEU A 127 0.11 -5.87 -5.58
C LEU A 127 -0.80 -4.69 -5.19
N ALA A 128 -0.18 -3.64 -4.64
CA ALA A 128 -0.79 -2.40 -4.22
C ALA A 128 -1.11 -1.49 -5.40
N LEU A 129 -0.40 -1.59 -6.53
CA LEU A 129 -0.74 -0.91 -7.77
C LEU A 129 -2.11 -1.37 -8.20
N HIS A 130 -2.25 -2.67 -8.48
CA HIS A 130 -3.51 -3.28 -8.89
C HIS A 130 -4.66 -2.83 -7.99
N THR A 131 -4.44 -2.76 -6.68
CA THR A 131 -5.44 -2.40 -5.68
C THR A 131 -6.11 -1.03 -5.95
N TRP A 132 -5.55 -0.18 -6.81
CA TRP A 132 -6.24 1.05 -7.26
C TRP A 132 -7.64 0.74 -7.78
N GLU A 133 -7.80 -0.41 -8.43
CA GLU A 133 -8.98 -0.84 -9.17
C GLU A 133 -10.17 -0.95 -8.22
N GLN A 134 -9.89 -1.33 -6.97
CA GLN A 134 -10.89 -1.46 -5.92
C GLN A 134 -11.27 -0.09 -5.33
N MET A 135 -10.35 0.88 -5.27
CA MET A 135 -10.60 2.20 -4.70
C MET A 135 -11.20 3.18 -5.71
N GLY A 136 -10.83 3.06 -6.99
CA GLY A 136 -11.26 3.93 -8.08
C GLY A 136 -10.17 4.91 -8.55
N LEU A 137 -9.17 5.21 -7.71
CA LEU A 137 -8.07 6.16 -8.00
C LEU A 137 -6.95 5.57 -8.88
N ARG A 138 -7.28 5.23 -10.13
CA ARG A 138 -6.33 4.72 -11.11
C ARG A 138 -5.16 5.68 -11.30
N SER A 139 -5.41 6.92 -11.71
CA SER A 139 -4.37 7.88 -12.12
C SER A 139 -3.26 7.99 -11.06
N LEU A 140 -3.68 8.02 -9.79
CA LEU A 140 -2.87 8.01 -8.57
C LEU A 140 -1.70 7.05 -8.67
N CYS A 141 -2.09 5.80 -8.83
CA CYS A 141 -1.29 4.64 -8.64
C CYS A 141 -0.64 4.30 -9.96
N ALA A 142 -1.37 4.45 -11.07
CA ALA A 142 -0.83 4.43 -12.41
C ALA A 142 0.44 5.30 -12.44
N GLN A 143 0.39 6.57 -12.05
CA GLN A 143 1.56 7.46 -11.99
C GLN A 143 2.73 6.93 -11.16
N ALA A 144 2.50 5.98 -10.25
CA ALA A 144 3.57 5.30 -9.53
C ALA A 144 4.45 4.40 -10.43
N GLN A 145 4.01 4.13 -11.66
CA GLN A 145 4.68 3.32 -12.68
C GLN A 145 4.03 3.50 -14.06
N GLU A 146 3.89 4.76 -14.51
CA GLU A 146 3.39 5.18 -15.81
C GLU A 146 4.02 6.51 -16.17
N GLY A 147 5.05 6.51 -17.00
CA GLY A 147 5.54 7.69 -17.72
C GLY A 147 6.38 8.63 -16.84
N ALA A 148 6.11 8.63 -15.54
CA ALA A 148 6.94 9.13 -14.49
C ALA A 148 8.08 8.11 -14.26
N GLY A 149 8.49 7.88 -13.02
CA GLY A 149 9.44 6.84 -12.69
C GLY A 149 8.77 5.48 -12.79
N HIS A 150 9.59 4.42 -12.82
CA HIS A 150 9.28 3.05 -13.21
C HIS A 150 8.90 2.96 -14.69
N SER A 151 8.61 1.75 -15.16
CA SER A 151 8.35 1.48 -16.57
C SER A 151 6.95 1.99 -16.97
N MET A 59 15.91 7.38 0.56
CA MET A 59 15.69 7.71 1.97
C MET A 59 16.10 6.51 2.83
N ALA A 60 15.68 6.46 4.11
CA ALA A 60 16.02 5.41 5.05
C ALA A 60 14.76 4.95 5.78
N GLY A 61 14.46 3.66 5.70
CA GLY A 61 13.39 2.98 6.41
C GLY A 61 13.49 1.49 6.09
N GLY A 62 13.79 1.21 4.82
CA GLY A 62 14.33 -0.06 4.35
C GLY A 62 14.32 -0.01 2.84
N ALA A 63 13.12 0.08 2.28
CA ALA A 63 12.86 -0.04 0.84
C ALA A 63 11.61 0.72 0.41
N TRP A 64 11.30 1.82 1.10
CA TRP A 64 10.16 2.68 0.82
C TRP A 64 10.66 4.12 0.77
N GLY A 65 9.74 5.09 0.82
CA GLY A 65 10.08 6.50 0.91
C GLY A 65 9.05 7.30 0.17
N ARG A 66 9.34 7.58 -1.10
CA ARG A 66 8.50 8.27 -2.07
C ARG A 66 7.06 7.74 -2.15
N LEU A 67 6.83 6.45 -1.87
CA LEU A 67 5.51 5.84 -1.83
C LEU A 67 4.57 6.58 -0.86
N ALA A 68 5.12 7.21 0.19
CA ALA A 68 4.34 7.89 1.19
C ALA A 68 3.58 9.08 0.58
N CYS A 69 4.18 9.80 -0.38
CA CYS A 69 3.55 10.94 -1.03
C CYS A 69 2.25 10.51 -1.74
N TYR A 70 2.24 9.32 -2.34
CA TYR A 70 1.06 8.77 -2.99
C TYR A 70 0.00 8.54 -1.93
N LEU A 71 0.40 7.90 -0.82
CA LEU A 71 -0.46 7.59 0.31
C LEU A 71 -0.72 8.77 1.24
N GLU A 72 -0.44 10.01 0.82
CA GLU A 72 -0.69 11.23 1.57
C GLU A 72 -1.68 12.15 0.83
N PHE A 73 -1.94 11.92 -0.47
CA PHE A 73 -2.96 12.69 -1.19
C PHE A 73 -4.32 12.46 -0.51
N LEU A 74 -4.63 11.16 -0.31
CA LEU A 74 -5.74 10.61 0.46
C LEU A 74 -5.38 10.59 1.95
N LYS A 75 -6.42 10.39 2.76
CA LYS A 75 -6.36 10.25 4.21
C LYS A 75 -7.21 9.03 4.55
N LYS A 76 -7.59 8.86 5.81
CA LYS A 76 -8.39 7.75 6.29
C LYS A 76 -9.79 7.66 5.67
N GLU A 77 -10.19 8.58 4.81
CA GLU A 77 -11.24 8.39 3.82
C GLU A 77 -11.01 7.08 3.06
N GLU A 78 -9.80 6.80 2.55
CA GLU A 78 -9.57 5.70 1.61
C GLU A 78 -8.20 5.06 1.79
N LEU A 79 -7.22 5.69 2.49
CA LEU A 79 -5.98 5.03 2.89
C LEU A 79 -6.27 3.68 3.55
N LYS A 80 -7.28 3.70 4.43
CA LYS A 80 -7.75 2.55 5.17
C LYS A 80 -8.25 1.51 4.19
N GLU A 81 -9.18 1.86 3.30
CA GLU A 81 -9.67 0.94 2.28
C GLU A 81 -8.53 0.36 1.48
N PHE A 82 -7.60 1.17 0.98
CA PHE A 82 -6.52 0.68 0.15
C PHE A 82 -5.68 -0.34 0.93
N GLN A 83 -5.28 -0.04 2.16
CA GLN A 83 -4.52 -0.98 2.99
C GLN A 83 -5.32 -2.28 3.23
N LEU A 84 -6.64 -2.20 3.41
CA LEU A 84 -7.47 -3.33 3.81
C LEU A 84 -7.89 -4.19 2.63
N LEU A 85 -8.35 -3.57 1.55
CA LEU A 85 -8.67 -4.27 0.33
C LEU A 85 -7.39 -4.89 -0.20
N LEU A 86 -6.19 -4.35 0.10
CA LEU A 86 -4.92 -4.94 -0.29
C LEU A 86 -4.69 -6.16 0.56
N ALA A 87 -4.80 -6.05 1.89
CA ALA A 87 -4.64 -7.18 2.79
C ALA A 87 -5.57 -8.34 2.40
N ASN A 88 -6.79 -8.04 1.93
CA ASN A 88 -7.68 -9.05 1.38
C ASN A 88 -7.18 -9.54 0.01
N LYS A 89 -6.80 -8.64 -0.90
CA LYS A 89 -6.23 -8.95 -2.22
C LYS A 89 -5.13 -9.99 -2.09
N ALA A 90 -4.16 -9.73 -1.21
CA ALA A 90 -2.94 -10.48 -0.94
C ALA A 90 -2.30 -10.99 -2.25
N HIS A 91 -1.57 -12.11 -2.19
CA HIS A 91 -0.96 -12.73 -3.37
C HIS A 91 -0.93 -14.26 -3.28
N SER A 92 -1.69 -14.88 -2.37
CA SER A 92 -1.63 -16.32 -2.10
C SER A 92 -3.02 -16.84 -1.75
N ARG A 93 -3.17 -18.15 -1.53
CA ARG A 93 -4.36 -18.68 -0.88
C ARG A 93 -4.35 -18.17 0.56
N SER A 94 -5.08 -17.10 0.83
CA SER A 94 -5.27 -16.63 2.19
C SER A 94 -6.17 -17.62 2.94
N SER A 95 -6.23 -17.47 4.26
CA SER A 95 -7.09 -18.21 5.16
C SER A 95 -8.53 -17.65 5.09
N SER A 96 -9.43 -18.21 5.91
CA SER A 96 -10.72 -17.60 6.21
C SER A 96 -10.55 -16.17 6.73
N GLY A 97 -11.60 -15.35 6.65
CA GLY A 97 -11.51 -13.94 7.01
C GLY A 97 -11.44 -13.74 8.52
N GLU A 98 -12.34 -14.43 9.23
CA GLU A 98 -12.39 -14.68 10.68
C GLU A 98 -12.08 -13.46 11.57
N THR A 99 -13.14 -12.75 11.98
CA THR A 99 -13.08 -11.50 12.75
C THR A 99 -12.25 -10.43 11.99
N PRO A 100 -12.13 -9.17 12.48
CA PRO A 100 -11.19 -8.24 11.89
C PRO A 100 -9.79 -8.50 12.47
N ALA A 101 -8.75 -8.17 11.70
CA ALA A 101 -7.37 -8.46 12.05
C ALA A 101 -6.48 -7.45 11.34
N GLN A 102 -6.46 -6.21 11.80
CA GLN A 102 -5.79 -5.10 11.15
C GLN A 102 -4.79 -4.42 12.10
N PRO A 103 -3.75 -3.75 11.58
CA PRO A 103 -2.62 -3.23 12.35
C PRO A 103 -2.85 -1.80 12.86
N GLU A 104 -1.95 -1.35 13.73
CA GLU A 104 -1.93 -0.02 14.33
C GLU A 104 -1.05 0.90 13.48
N LYS A 105 -1.47 1.15 12.24
CA LYS A 105 -0.76 1.99 11.27
C LYS A 105 -1.76 2.90 10.57
N THR A 106 -1.53 4.21 10.61
CA THR A 106 -2.44 5.19 10.00
C THR A 106 -1.68 6.42 9.46
N SER A 107 -0.41 6.25 9.05
CA SER A 107 0.28 7.19 8.18
C SER A 107 0.60 6.44 6.89
N GLY A 108 0.46 7.05 5.72
CA GLY A 108 0.89 6.48 4.45
C GLY A 108 2.32 5.96 4.52
N MET A 109 3.26 6.75 5.08
CA MET A 109 4.65 6.35 5.24
C MET A 109 4.82 5.08 6.08
N GLU A 110 4.03 4.90 7.15
CA GLU A 110 4.21 3.77 8.06
C GLU A 110 3.44 2.54 7.55
N VAL A 111 2.35 2.75 6.81
CA VAL A 111 1.73 1.72 5.99
C VAL A 111 2.78 1.21 5.01
N ALA A 112 3.56 2.06 4.34
CA ALA A 112 4.62 1.60 3.44
C ALA A 112 5.64 0.70 4.16
N SER A 113 6.10 1.13 5.33
CA SER A 113 7.02 0.36 6.15
C SER A 113 6.44 -1.01 6.52
N TYR A 114 5.12 -1.09 6.75
CA TYR A 114 4.43 -2.33 7.05
C TYR A 114 4.40 -3.20 5.79
N LEU A 115 4.14 -2.59 4.64
CA LEU A 115 3.87 -3.34 3.42
C LEU A 115 5.14 -4.00 2.89
N VAL A 116 6.29 -3.33 2.95
CA VAL A 116 7.56 -3.99 2.64
C VAL A 116 7.81 -5.12 3.65
N ALA A 117 7.58 -4.90 4.95
CA ALA A 117 7.80 -5.94 5.96
C ALA A 117 6.95 -7.19 5.65
N GLN A 118 5.71 -7.00 5.22
CA GLN A 118 4.79 -8.07 4.81
C GLN A 118 5.28 -8.77 3.55
N TYR A 119 5.42 -8.03 2.44
CA TYR A 119 5.44 -8.56 1.07
C TYR A 119 6.79 -8.44 0.36
N GLY A 120 7.71 -7.63 0.88
CA GLY A 120 8.94 -7.24 0.21
C GLY A 120 8.65 -6.21 -0.88
N GLU A 121 9.67 -5.44 -1.24
CA GLU A 121 9.62 -4.26 -2.11
C GLU A 121 9.11 -4.52 -3.53
N GLN A 122 9.04 -5.79 -3.94
CA GLN A 122 8.32 -6.24 -5.11
C GLN A 122 6.82 -6.02 -4.86
N ARG A 123 6.13 -6.94 -4.17
CA ARG A 123 4.68 -6.90 -4.03
C ARG A 123 4.22 -5.67 -3.23
N ALA A 124 5.09 -5.10 -2.38
CA ALA A 124 4.81 -3.87 -1.66
C ALA A 124 4.63 -2.65 -2.58
N TRP A 125 4.87 -2.80 -3.89
CA TRP A 125 4.24 -1.91 -4.87
C TRP A 125 3.42 -2.74 -5.84
N ASP A 126 3.95 -3.82 -6.40
CA ASP A 126 3.35 -4.61 -7.48
C ASP A 126 1.90 -5.05 -7.22
N LEU A 127 1.53 -5.35 -5.98
CA LEU A 127 0.19 -5.77 -5.55
C LEU A 127 -0.62 -4.54 -5.13
N ALA A 128 0.03 -3.60 -4.46
CA ALA A 128 -0.55 -2.29 -4.16
C ALA A 128 -1.09 -1.62 -5.43
N LEU A 129 -0.37 -1.70 -6.56
CA LEU A 129 -0.83 -1.20 -7.84
C LEU A 129 -2.14 -1.88 -8.26
N HIS A 130 -2.28 -3.20 -8.18
CA HIS A 130 -3.57 -3.84 -8.46
C HIS A 130 -4.68 -3.18 -7.64
N THR A 131 -4.43 -2.92 -6.35
CA THR A 131 -5.42 -2.43 -5.40
C THR A 131 -5.97 -1.05 -5.81
N TRP A 132 -5.24 -0.29 -6.63
CA TRP A 132 -5.69 1.01 -7.13
C TRP A 132 -6.99 0.82 -7.89
N GLU A 133 -7.02 -0.20 -8.75
CA GLU A 133 -8.04 -0.40 -9.76
C GLU A 133 -9.41 -0.53 -9.10
N GLN A 134 -9.42 -1.12 -7.91
CA GLN A 134 -10.56 -1.26 -7.02
C GLN A 134 -11.15 0.10 -6.66
N MET A 135 -10.34 1.09 -6.25
CA MET A 135 -10.85 2.41 -5.88
C MET A 135 -11.08 3.32 -7.09
N GLY A 136 -10.29 3.19 -8.16
CA GLY A 136 -10.44 3.99 -9.36
C GLY A 136 -9.63 5.29 -9.37
N LEU A 137 -8.61 5.43 -8.51
CA LEU A 137 -7.78 6.64 -8.47
C LEU A 137 -6.74 6.59 -9.59
N ARG A 138 -7.15 6.95 -10.80
CA ARG A 138 -6.32 6.86 -12.00
C ARG A 138 -4.91 7.37 -11.78
N SER A 139 -4.78 8.57 -11.19
CA SER A 139 -3.50 9.23 -11.01
C SER A 139 -2.52 8.43 -10.15
N LEU A 140 -2.98 7.54 -9.27
CA LEU A 140 -2.09 6.79 -8.39
C LEU A 140 -1.32 5.76 -9.20
N CYS A 141 -2.03 5.01 -10.02
CA CYS A 141 -1.44 4.05 -10.94
C CYS A 141 -0.65 4.74 -12.04
N ALA A 142 -1.20 5.84 -12.57
CA ALA A 142 -0.59 6.62 -13.61
C ALA A 142 0.75 7.17 -13.11
N GLN A 143 0.77 8.01 -12.06
CA GLN A 143 2.01 8.52 -11.49
C GLN A 143 2.94 7.42 -10.97
N ALA A 144 2.43 6.23 -10.63
CA ALA A 144 3.31 5.11 -10.28
C ALA A 144 4.07 4.57 -11.50
N GLN A 145 3.74 4.99 -12.73
CA GLN A 145 4.19 4.36 -13.97
C GLN A 145 4.39 5.42 -15.07
N GLU A 146 4.57 6.67 -14.68
CA GLU A 146 4.76 7.84 -15.51
C GLU A 146 5.76 8.74 -14.79
N GLY A 147 7.06 8.50 -14.96
CA GLY A 147 8.13 9.29 -14.37
C GLY A 147 8.38 9.00 -12.89
N ALA A 148 7.31 8.75 -12.12
CA ALA A 148 7.30 8.33 -10.72
C ALA A 148 8.04 9.29 -9.77
N GLY A 149 8.02 10.58 -10.06
CA GLY A 149 8.69 11.61 -9.30
C GLY A 149 9.94 12.04 -10.04
N HIS A 150 10.82 12.77 -9.35
CA HIS A 150 12.20 13.01 -9.72
C HIS A 150 12.90 13.49 -8.45
N SER A 151 13.61 12.58 -7.79
CA SER A 151 14.24 12.67 -6.46
C SER A 151 13.23 12.94 -5.34
N MET A 59 16.79 5.04 8.21
CA MET A 59 15.95 4.89 9.40
C MET A 59 15.22 3.55 9.48
N ALA A 60 15.62 2.59 8.64
CA ALA A 60 14.99 1.30 8.40
C ALA A 60 13.83 1.46 7.40
N GLY A 61 14.04 1.06 6.16
CA GLY A 61 13.06 1.13 5.12
C GLY A 61 13.80 1.10 3.81
N GLY A 62 14.33 2.23 3.38
CA GLY A 62 15.14 2.36 2.16
C GLY A 62 14.25 2.44 0.92
N ALA A 63 13.42 1.41 0.79
CA ALA A 63 12.44 1.18 -0.27
C ALA A 63 11.41 2.27 -0.43
N TRP A 64 10.92 2.80 0.69
CA TRP A 64 9.66 3.51 0.59
C TRP A 64 9.97 4.89 0.04
N GLY A 65 10.80 5.64 0.74
CA GLY A 65 11.31 6.91 0.26
C GLY A 65 10.16 7.86 -0.09
N ARG A 66 9.87 8.03 -1.38
CA ARG A 66 8.77 8.85 -1.89
C ARG A 66 7.39 8.19 -1.74
N LEU A 67 7.31 6.88 -1.42
CA LEU A 67 6.08 6.10 -1.28
C LEU A 67 5.03 6.87 -0.48
N ALA A 68 5.37 7.42 0.69
CA ALA A 68 4.41 8.13 1.52
C ALA A 68 3.70 9.28 0.80
N CYS A 69 4.31 9.88 -0.24
CA CYS A 69 3.72 10.95 -1.04
C CYS A 69 2.57 10.40 -1.90
N TYR A 70 2.73 9.18 -2.43
CA TYR A 70 1.67 8.45 -3.12
C TYR A 70 0.57 8.00 -2.17
N LEU A 71 0.73 8.14 -0.85
CA LEU A 71 -0.21 7.61 0.14
C LEU A 71 -0.79 8.71 1.03
N GLU A 72 -0.56 10.00 0.72
CA GLU A 72 -1.04 11.12 1.54
C GLU A 72 -2.00 12.04 0.78
N PHE A 73 -2.16 11.83 -0.53
CA PHE A 73 -3.17 12.52 -1.33
C PHE A 73 -4.59 12.21 -0.83
N LEU A 74 -4.76 11.07 -0.16
CA LEU A 74 -5.95 10.56 0.48
C LEU A 74 -5.77 10.52 1.99
N LYS A 75 -6.87 10.32 2.69
CA LYS A 75 -6.97 10.21 4.14
C LYS A 75 -7.76 8.96 4.45
N LYS A 76 -7.96 8.65 5.73
CA LYS A 76 -8.50 7.37 6.22
C LYS A 76 -9.65 6.82 5.39
N GLU A 77 -10.52 7.70 4.92
CA GLU A 77 -11.52 7.50 3.87
C GLU A 77 -11.12 6.40 2.89
N GLU A 78 -10.08 6.65 2.09
CA GLU A 78 -9.59 5.79 1.04
C GLU A 78 -8.28 5.15 1.49
N LEU A 79 -7.50 5.76 2.40
CA LEU A 79 -6.24 5.20 2.91
C LEU A 79 -6.46 3.87 3.65
N LYS A 80 -7.56 3.74 4.38
CA LYS A 80 -7.86 2.52 5.13
C LYS A 80 -8.50 1.51 4.21
N GLU A 81 -9.33 1.93 3.25
CA GLU A 81 -9.69 1.06 2.14
C GLU A 81 -8.42 0.53 1.47
N PHE A 82 -7.44 1.38 1.19
CA PHE A 82 -6.21 0.98 0.51
C PHE A 82 -5.30 0.08 1.34
N GLN A 83 -5.46 -0.04 2.66
CA GLN A 83 -4.86 -1.16 3.40
C GLN A 83 -5.79 -2.37 3.32
N LEU A 84 -7.07 -2.18 3.60
CA LEU A 84 -8.01 -3.27 3.85
C LEU A 84 -8.25 -4.08 2.60
N LEU A 85 -8.43 -3.41 1.47
CA LEU A 85 -8.62 -4.00 0.15
C LEU A 85 -7.30 -4.60 -0.32
N LEU A 86 -6.16 -4.16 0.23
CA LEU A 86 -4.89 -4.82 -0.02
C LEU A 86 -4.98 -6.17 0.68
N ALA A 87 -5.34 -6.18 1.96
CA ALA A 87 -5.45 -7.39 2.75
C ALA A 87 -6.57 -8.31 2.25
N ASN A 88 -7.51 -7.81 1.44
CA ASN A 88 -8.53 -8.63 0.76
C ASN A 88 -7.90 -9.38 -0.41
N LYS A 89 -7.09 -8.69 -1.25
CA LYS A 89 -6.35 -9.33 -2.32
C LYS A 89 -5.28 -10.26 -1.74
N ALA A 90 -4.68 -9.88 -0.62
CA ALA A 90 -3.63 -10.64 0.04
C ALA A 90 -4.12 -12.05 0.33
N HIS A 91 -3.19 -12.99 0.28
CA HIS A 91 -3.49 -14.41 0.42
C HIS A 91 -2.45 -15.05 1.32
N SER A 92 -2.86 -16.02 2.12
CA SER A 92 -1.93 -16.64 3.06
C SER A 92 -2.44 -18.01 3.44
N ARG A 93 -1.54 -18.85 3.94
CA ARG A 93 -1.92 -20.05 4.67
C ARG A 93 -1.02 -20.18 5.89
N SER A 94 -1.56 -20.82 6.91
CA SER A 94 -0.99 -20.99 8.23
C SER A 94 -1.90 -21.97 8.97
N SER A 95 -1.60 -22.24 10.24
CA SER A 95 -2.27 -23.20 11.11
C SER A 95 -3.80 -23.14 10.94
N SER A 96 -4.46 -22.08 11.44
CA SER A 96 -5.91 -21.90 11.27
C SER A 96 -6.32 -21.53 9.84
N GLY A 97 -5.38 -21.15 8.98
CA GLY A 97 -5.58 -20.63 7.64
C GLY A 97 -4.91 -19.27 7.58
N GLU A 98 -5.43 -18.31 8.33
CA GLU A 98 -4.90 -16.95 8.43
C GLU A 98 -4.28 -16.77 9.81
N THR A 99 -3.29 -15.87 9.92
CA THR A 99 -2.62 -15.60 11.17
C THR A 99 -3.30 -14.44 11.89
N PRO A 100 -3.23 -14.39 13.23
CA PRO A 100 -3.60 -13.20 13.98
C PRO A 100 -2.61 -12.06 13.67
N ALA A 101 -3.09 -10.83 13.84
CA ALA A 101 -2.33 -9.60 14.06
C ALA A 101 -3.34 -8.53 14.45
N GLN A 102 -2.95 -7.56 15.28
CA GLN A 102 -3.76 -6.40 15.59
C GLN A 102 -3.34 -5.22 14.71
N PRO A 103 -4.29 -4.34 14.34
CA PRO A 103 -4.02 -3.19 13.49
C PRO A 103 -3.42 -2.07 14.31
N GLU A 104 -2.40 -1.44 13.74
CA GLU A 104 -1.68 -0.29 14.29
C GLU A 104 -1.25 0.65 13.17
N LYS A 105 -2.13 0.84 12.18
CA LYS A 105 -1.82 1.52 10.94
C LYS A 105 -2.91 2.54 10.64
N THR A 106 -2.56 3.82 10.63
CA THR A 106 -3.44 4.94 10.31
C THR A 106 -2.73 5.98 9.43
N SER A 107 -1.45 5.82 9.10
CA SER A 107 -0.78 6.71 8.16
C SER A 107 -0.13 5.94 7.02
N GLY A 108 -0.03 6.61 5.89
CA GLY A 108 0.50 6.06 4.65
C GLY A 108 1.97 5.72 4.82
N MET A 109 2.73 6.60 5.48
CA MET A 109 4.13 6.39 5.81
C MET A 109 4.37 5.12 6.67
N GLU A 110 3.35 4.63 7.37
CA GLU A 110 3.45 3.54 8.33
C GLU A 110 2.81 2.27 7.79
N VAL A 111 1.82 2.36 6.89
CA VAL A 111 1.42 1.23 6.06
C VAL A 111 2.58 0.92 5.10
N ALA A 112 3.27 1.93 4.57
CA ALA A 112 4.43 1.76 3.71
C ALA A 112 5.53 0.91 4.36
N SER A 113 6.03 1.33 5.53
CA SER A 113 7.06 0.60 6.25
C SER A 113 6.60 -0.79 6.71
N TYR A 114 5.29 -1.03 6.82
CA TYR A 114 4.70 -2.33 7.10
C TYR A 114 4.79 -3.19 5.84
N LEU A 115 4.42 -2.65 4.69
CA LEU A 115 4.28 -3.42 3.46
C LEU A 115 5.63 -3.94 2.99
N VAL A 116 6.67 -3.09 3.03
CA VAL A 116 8.05 -3.48 2.73
C VAL A 116 8.59 -4.48 3.77
N ALA A 117 7.92 -4.68 4.91
CA ALA A 117 8.29 -5.62 5.96
C ALA A 117 7.44 -6.89 5.95
N GLN A 118 6.45 -6.98 5.05
CA GLN A 118 5.62 -8.16 4.83
C GLN A 118 5.99 -8.82 3.50
N TYR A 119 6.37 -8.02 2.49
CA TYR A 119 6.67 -8.54 1.15
C TYR A 119 8.06 -8.22 0.59
N GLY A 120 8.68 -7.13 1.03
CA GLY A 120 9.66 -6.47 0.20
C GLY A 120 9.00 -5.88 -1.03
N GLU A 121 9.82 -5.20 -1.81
CA GLU A 121 9.39 -4.24 -2.81
C GLU A 121 8.57 -4.80 -3.96
N GLN A 122 8.60 -6.11 -4.24
CA GLN A 122 7.78 -6.70 -5.29
C GLN A 122 6.31 -6.49 -4.99
N ARG A 123 5.72 -7.28 -4.10
CA ARG A 123 4.29 -7.09 -3.83
C ARG A 123 4.06 -5.73 -3.19
N ALA A 124 5.02 -5.17 -2.45
CA ALA A 124 4.80 -3.87 -1.83
C ALA A 124 4.59 -2.74 -2.86
N TRP A 125 4.88 -2.94 -4.16
CA TRP A 125 4.40 -2.04 -5.20
C TRP A 125 3.42 -2.75 -6.11
N ASP A 126 3.71 -3.93 -6.65
CA ASP A 126 2.81 -4.72 -7.52
C ASP A 126 1.38 -4.84 -6.94
N LEU A 127 1.26 -5.16 -5.64
CA LEU A 127 -0.02 -5.36 -4.96
C LEU A 127 -0.66 -3.99 -4.69
N ALA A 128 0.14 -2.97 -4.37
CA ALA A 128 -0.34 -1.60 -4.21
C ALA A 128 -0.92 -1.07 -5.53
N LEU A 129 -0.25 -1.33 -6.65
CA LEU A 129 -0.72 -1.06 -8.01
C LEU A 129 -2.05 -1.79 -8.21
N HIS A 130 -2.13 -3.08 -7.93
CA HIS A 130 -3.40 -3.80 -8.00
C HIS A 130 -4.48 -3.14 -7.13
N THR A 131 -4.17 -2.69 -5.92
CA THR A 131 -5.16 -2.14 -4.97
C THR A 131 -5.83 -0.88 -5.55
N TRP A 132 -5.16 -0.21 -6.48
CA TRP A 132 -5.75 0.93 -7.18
C TRP A 132 -6.94 0.48 -8.02
N GLU A 133 -6.81 -0.67 -8.68
CA GLU A 133 -7.74 -1.10 -9.72
C GLU A 133 -9.15 -1.20 -9.15
N GLN A 134 -9.28 -1.51 -7.85
CA GLN A 134 -10.46 -1.43 -7.06
C GLN A 134 -10.84 0.05 -6.82
N MET A 135 -9.99 0.85 -6.15
CA MET A 135 -10.37 2.20 -5.71
C MET A 135 -10.59 3.22 -6.84
N GLY A 136 -10.02 3.03 -8.03
CA GLY A 136 -10.29 3.85 -9.21
C GLY A 136 -9.37 5.06 -9.40
N LEU A 137 -8.29 5.20 -8.61
CA LEU A 137 -7.46 6.41 -8.56
C LEU A 137 -6.49 6.47 -9.75
N ARG A 138 -6.96 6.95 -10.91
CA ARG A 138 -6.16 6.89 -12.15
C ARG A 138 -4.86 7.68 -12.00
N SER A 139 -4.95 8.86 -11.39
CA SER A 139 -3.81 9.74 -11.11
C SER A 139 -2.64 8.94 -10.53
N LEU A 140 -2.96 8.08 -9.55
CA LEU A 140 -2.00 7.29 -8.83
C LEU A 140 -1.40 6.24 -9.74
N CYS A 141 -2.22 5.42 -10.37
CA CYS A 141 -1.75 4.30 -11.18
C CYS A 141 -0.87 4.74 -12.33
N ALA A 142 -1.23 5.86 -12.96
CA ALA A 142 -0.41 6.51 -13.95
C ALA A 142 0.94 6.86 -13.30
N GLN A 143 0.96 7.80 -12.35
CA GLN A 143 2.19 8.38 -11.79
C GLN A 143 3.10 7.31 -11.15
N ALA A 144 2.51 6.23 -10.59
CA ALA A 144 3.18 5.08 -10.02
C ALA A 144 3.99 4.25 -11.02
N GLN A 145 3.89 4.55 -12.33
CA GLN A 145 4.50 3.80 -13.40
C GLN A 145 5.14 4.79 -14.36
N GLU A 146 4.31 5.54 -15.10
CA GLU A 146 4.61 6.54 -16.13
C GLU A 146 5.94 6.27 -16.83
N GLY A 147 5.86 5.44 -17.86
CA GLY A 147 6.98 5.04 -18.69
C GLY A 147 7.66 3.76 -18.18
N ALA A 148 7.25 3.23 -17.04
CA ALA A 148 7.57 1.87 -16.62
C ALA A 148 6.79 0.92 -17.54
N GLY A 149 7.46 0.40 -18.58
CA GLY A 149 6.83 -0.33 -19.68
C GLY A 149 7.37 -1.73 -19.93
N HIS A 150 8.30 -2.22 -19.09
CA HIS A 150 9.16 -3.41 -19.22
C HIS A 150 10.50 -2.96 -19.78
N SER A 151 11.56 -3.12 -19.00
CA SER A 151 12.82 -2.47 -19.28
C SER A 151 13.91 -3.17 -18.46
N MET A 59 14.63 7.89 -1.28
CA MET A 59 15.12 8.34 0.02
C MET A 59 15.68 7.19 0.86
N ALA A 60 16.23 7.53 2.01
CA ALA A 60 16.48 6.56 3.05
C ALA A 60 15.13 6.04 3.56
N GLY A 61 15.08 4.75 3.85
CA GLY A 61 13.89 4.05 4.30
C GLY A 61 14.25 2.58 4.41
N GLY A 62 13.30 1.76 4.82
CA GLY A 62 13.46 0.30 4.79
C GLY A 62 12.98 -0.19 3.43
N ALA A 63 13.63 0.25 2.34
CA ALA A 63 13.25 -0.06 0.95
C ALA A 63 11.95 0.63 0.49
N TRP A 64 11.58 1.76 1.08
CA TRP A 64 10.40 2.53 0.75
C TRP A 64 10.76 4.01 0.87
N GLY A 65 9.83 4.88 0.52
CA GLY A 65 9.97 6.31 0.70
C GLY A 65 8.87 7.02 -0.05
N ARG A 66 9.09 7.40 -1.31
CA ARG A 66 8.11 8.11 -2.14
C ARG A 66 6.76 7.43 -2.18
N LEU A 67 6.72 6.11 -2.14
CA LEU A 67 5.48 5.33 -2.06
C LEU A 67 4.56 5.80 -0.93
N ALA A 68 5.08 6.34 0.17
CA ALA A 68 4.27 6.81 1.28
C ALA A 68 3.53 8.13 0.96
N CYS A 69 3.93 8.85 -0.10
CA CYS A 69 3.33 10.14 -0.44
C CYS A 69 1.96 9.95 -1.10
N TYR A 70 1.82 8.95 -1.98
CA TYR A 70 0.52 8.56 -2.54
C TYR A 70 -0.44 8.22 -1.38
N LEU A 71 0.10 7.63 -0.31
CA LEU A 71 -0.58 7.22 0.91
C LEU A 71 -0.82 8.40 1.87
N GLU A 72 -0.63 9.63 1.40
CA GLU A 72 -0.79 10.90 2.14
C GLU A 72 -1.51 11.95 1.25
N PHE A 73 -1.79 11.65 -0.03
CA PHE A 73 -2.73 12.45 -0.81
C PHE A 73 -4.12 12.31 -0.17
N LEU A 74 -4.48 11.07 0.15
CA LEU A 74 -5.71 10.64 0.76
C LEU A 74 -5.50 10.46 2.27
N LYS A 75 -6.62 10.39 2.97
CA LYS A 75 -6.71 10.18 4.42
C LYS A 75 -7.61 8.98 4.65
N LYS A 76 -8.01 8.70 5.90
CA LYS A 76 -8.70 7.45 6.25
C LYS A 76 -10.03 7.23 5.52
N GLU A 77 -10.57 8.25 4.85
CA GLU A 77 -11.53 8.14 3.75
C GLU A 77 -11.17 6.95 2.85
N GLU A 78 -10.12 7.01 2.04
CA GLU A 78 -9.81 5.97 1.07
C GLU A 78 -8.52 5.25 1.46
N LEU A 79 -7.66 5.82 2.33
CA LEU A 79 -6.46 5.12 2.81
C LEU A 79 -6.82 3.78 3.45
N LYS A 80 -7.89 3.80 4.27
CA LYS A 80 -8.35 2.58 4.92
C LYS A 80 -8.92 1.63 3.88
N GLU A 81 -9.78 2.07 2.96
CA GLU A 81 -10.25 1.19 1.88
C GLU A 81 -9.06 0.55 1.19
N PHE A 82 -8.13 1.36 0.69
CA PHE A 82 -6.95 0.86 0.01
C PHE A 82 -6.32 -0.29 0.78
N GLN A 83 -5.94 -0.08 2.03
CA GLN A 83 -5.20 -1.08 2.76
C GLN A 83 -6.07 -2.28 3.14
N LEU A 84 -7.38 -2.09 3.29
CA LEU A 84 -8.37 -3.13 3.51
C LEU A 84 -8.42 -4.01 2.25
N LEU A 85 -8.74 -3.41 1.11
CA LEU A 85 -8.89 -4.05 -0.18
C LEU A 85 -7.59 -4.78 -0.57
N LEU A 86 -6.41 -4.17 -0.38
CA LEU A 86 -5.13 -4.79 -0.68
C LEU A 86 -4.99 -6.09 0.11
N ALA A 87 -5.35 -6.08 1.39
CA ALA A 87 -5.25 -7.28 2.22
C ALA A 87 -6.33 -8.30 1.83
N ASN A 88 -7.53 -7.84 1.48
CA ASN A 88 -8.64 -8.66 0.98
C ASN A 88 -8.15 -9.48 -0.22
N LYS A 89 -7.53 -8.82 -1.22
CA LYS A 89 -6.89 -9.43 -2.36
C LYS A 89 -5.81 -10.42 -1.92
N ALA A 90 -4.94 -10.03 -0.98
CA ALA A 90 -3.80 -10.86 -0.56
C ALA A 90 -4.21 -12.13 0.20
N HIS A 91 -5.44 -12.17 0.74
CA HIS A 91 -6.08 -13.13 1.64
C HIS A 91 -5.14 -13.85 2.64
N SER A 92 -5.15 -13.46 3.90
CA SER A 92 -4.38 -14.12 4.94
C SER A 92 -5.11 -13.95 6.28
N ARG A 93 -4.52 -14.45 7.37
CA ARG A 93 -5.11 -14.47 8.71
C ARG A 93 -4.07 -14.03 9.73
N SER A 94 -4.07 -12.76 10.08
CA SER A 94 -3.38 -12.16 11.21
C SER A 94 -4.04 -10.80 11.41
N SER A 95 -5.04 -10.70 12.29
CA SER A 95 -5.82 -9.51 12.62
C SER A 95 -6.91 -9.91 13.62
N SER A 96 -7.79 -8.98 14.01
CA SER A 96 -9.14 -9.36 14.40
C SER A 96 -9.80 -10.09 13.20
N GLY A 97 -10.89 -10.81 13.47
CA GLY A 97 -11.68 -11.40 12.40
C GLY A 97 -12.36 -10.30 11.58
N GLU A 98 -12.91 -9.30 12.26
CA GLU A 98 -13.68 -8.23 11.63
C GLU A 98 -12.78 -7.25 10.88
N THR A 99 -12.61 -7.50 9.59
CA THR A 99 -11.75 -6.74 8.69
C THR A 99 -10.29 -6.69 9.20
N PRO A 100 -9.34 -6.25 8.36
CA PRO A 100 -7.94 -6.26 8.76
C PRO A 100 -7.58 -4.99 9.57
N ALA A 101 -6.57 -5.15 10.43
CA ALA A 101 -5.98 -4.16 11.31
C ALA A 101 -4.59 -4.65 11.71
N GLN A 102 -3.62 -3.75 11.86
CA GLN A 102 -2.27 -4.04 12.28
C GLN A 102 -1.83 -2.94 13.25
N PRO A 103 -0.89 -3.22 14.17
CA PRO A 103 -0.39 -2.23 15.10
C PRO A 103 0.36 -1.14 14.33
N GLU A 104 0.13 0.11 14.74
CA GLU A 104 0.78 1.32 14.31
C GLU A 104 0.80 1.49 12.79
N LYS A 105 -0.39 1.70 12.21
CA LYS A 105 -0.60 1.99 10.80
C LYS A 105 -1.48 3.22 10.63
N THR A 106 -0.85 4.36 10.71
CA THR A 106 -1.49 5.65 10.92
C THR A 106 -0.71 6.78 10.28
N SER A 107 0.32 6.43 9.51
CA SER A 107 0.97 7.30 8.56
C SER A 107 1.06 6.54 7.26
N GLY A 108 1.28 7.23 6.14
CA GLY A 108 1.63 6.57 4.89
C GLY A 108 2.96 5.86 5.06
N MET A 109 3.92 6.56 5.68
CA MET A 109 5.27 6.09 5.99
C MET A 109 5.28 4.90 6.95
N GLU A 110 4.24 4.68 7.75
CA GLU A 110 4.19 3.50 8.61
C GLU A 110 3.80 2.29 7.79
N VAL A 111 2.71 2.41 7.03
CA VAL A 111 2.24 1.35 6.15
C VAL A 111 3.38 0.98 5.18
N ALA A 112 4.17 1.95 4.74
CA ALA A 112 5.32 1.76 3.89
C ALA A 112 6.31 0.74 4.45
N SER A 113 6.90 1.00 5.62
CA SER A 113 7.86 0.09 6.24
C SER A 113 7.21 -1.28 6.51
N TYR A 114 5.91 -1.29 6.78
CA TYR A 114 5.18 -2.51 7.07
C TYR A 114 5.02 -3.35 5.81
N LEU A 115 4.81 -2.72 4.67
CA LEU A 115 4.56 -3.40 3.40
C LEU A 115 5.83 -4.11 2.94
N VAL A 116 6.99 -3.47 3.02
CA VAL A 116 8.28 -4.14 2.76
C VAL A 116 8.45 -5.28 3.77
N ALA A 117 8.14 -5.08 5.07
CA ALA A 117 8.24 -6.16 6.03
C ALA A 117 7.37 -7.37 5.64
N GLN A 118 6.15 -7.13 5.16
CA GLN A 118 5.21 -8.15 4.76
C GLN A 118 5.60 -8.84 3.45
N TYR A 119 6.03 -8.09 2.44
CA TYR A 119 6.23 -8.61 1.07
C TYR A 119 7.62 -8.32 0.51
N GLY A 120 8.15 -7.10 0.68
CA GLY A 120 9.47 -6.69 0.21
C GLY A 120 9.45 -5.42 -0.64
N GLU A 121 9.85 -5.52 -1.89
CA GLU A 121 9.80 -4.43 -2.89
C GLU A 121 8.95 -4.76 -4.12
N GLN A 122 8.72 -6.06 -4.41
CA GLN A 122 7.78 -6.48 -5.44
C GLN A 122 6.39 -6.38 -4.83
N ARG A 123 5.90 -7.45 -4.19
CA ARG A 123 4.51 -7.45 -3.72
C ARG A 123 4.22 -6.43 -2.64
N ALA A 124 5.23 -5.75 -2.10
CA ALA A 124 4.93 -4.70 -1.15
C ALA A 124 4.29 -3.52 -1.83
N TRP A 125 4.78 -3.10 -2.98
CA TRP A 125 4.29 -1.92 -3.67
C TRP A 125 3.42 -2.37 -4.82
N ASP A 126 3.81 -3.34 -5.63
CA ASP A 126 3.04 -3.80 -6.77
C ASP A 126 1.64 -4.25 -6.41
N LEU A 127 1.47 -4.89 -5.24
CA LEU A 127 0.15 -5.30 -4.77
C LEU A 127 -0.59 -4.07 -4.22
N ALA A 128 0.14 -3.16 -3.56
CA ALA A 128 -0.34 -1.87 -3.11
C ALA A 128 -1.00 -1.16 -4.27
N LEU A 129 -0.21 -0.92 -5.30
CA LEU A 129 -0.47 0.07 -6.32
C LEU A 129 -1.48 -0.42 -7.35
N HIS A 130 -1.58 -1.74 -7.49
CA HIS A 130 -2.70 -2.41 -8.12
C HIS A 130 -4.04 -1.90 -7.53
N THR A 131 -4.12 -1.66 -6.20
CA THR A 131 -5.37 -1.26 -5.53
C THR A 131 -5.90 0.07 -6.07
N TRP A 132 -5.07 0.89 -6.70
CA TRP A 132 -5.51 2.11 -7.34
C TRP A 132 -6.41 1.82 -8.54
N GLU A 133 -6.16 0.71 -9.25
CA GLU A 133 -7.01 0.21 -10.32
C GLU A 133 -8.37 -0.15 -9.73
N GLN A 134 -8.40 -0.83 -8.58
CA GLN A 134 -9.65 -1.26 -7.95
C GLN A 134 -10.46 -0.14 -7.30
N MET A 135 -9.85 0.82 -6.56
CA MET A 135 -10.63 1.91 -5.95
C MET A 135 -11.34 2.71 -7.05
N GLY A 136 -10.58 3.32 -7.96
CA GLY A 136 -11.13 4.20 -8.99
C GLY A 136 -10.18 5.32 -9.41
N LEU A 137 -8.94 5.33 -8.93
CA LEU A 137 -7.96 6.41 -9.05
C LEU A 137 -6.62 6.01 -9.67
N ARG A 138 -6.68 5.45 -10.89
CA ARG A 138 -5.49 5.05 -11.64
C ARG A 138 -4.49 6.17 -11.95
N SER A 139 -4.84 7.45 -11.75
CA SER A 139 -3.85 8.53 -11.72
C SER A 139 -2.67 8.15 -10.82
N LEU A 140 -2.98 7.61 -9.63
CA LEU A 140 -1.99 7.17 -8.64
C LEU A 140 -1.22 5.96 -9.18
N CYS A 141 -1.90 5.02 -9.85
CA CYS A 141 -1.28 3.83 -10.46
C CYS A 141 -0.24 4.27 -11.49
N ALA A 142 -0.63 5.18 -12.37
CA ALA A 142 0.22 5.65 -13.44
C ALA A 142 1.47 6.31 -12.85
N GLN A 143 1.34 7.33 -11.97
CA GLN A 143 2.51 7.92 -11.32
C GLN A 143 3.26 6.93 -10.40
N ALA A 144 2.70 5.76 -10.07
CA ALA A 144 3.39 4.68 -9.37
C ALA A 144 4.04 3.66 -10.32
N GLN A 145 3.90 3.80 -11.64
CA GLN A 145 4.45 2.89 -12.66
C GLN A 145 5.06 3.69 -13.82
N GLU A 146 5.26 4.99 -13.68
CA GLU A 146 5.87 5.89 -14.64
C GLU A 146 7.24 6.29 -14.09
N GLY A 147 8.05 5.28 -13.75
CA GLY A 147 9.50 5.30 -13.58
C GLY A 147 10.08 6.22 -12.49
N ALA A 148 9.24 6.89 -11.71
CA ALA A 148 9.60 7.92 -10.78
C ALA A 148 9.88 7.33 -9.39
N GLY A 149 9.94 8.23 -8.42
CA GLY A 149 10.60 8.02 -7.14
C GLY A 149 10.98 9.36 -6.52
N HIS A 150 11.46 10.34 -7.31
CA HIS A 150 11.56 11.77 -6.96
C HIS A 150 11.99 12.03 -5.52
N SER A 151 12.99 11.30 -5.02
CA SER A 151 13.53 11.47 -3.68
C SER A 151 14.92 10.86 -3.63
N MET A 59 14.08 8.19 2.57
CA MET A 59 13.99 8.01 4.00
C MET A 59 14.56 6.65 4.40
N ALA A 60 14.87 6.58 5.67
CA ALA A 60 15.17 5.33 6.34
C ALA A 60 13.88 4.55 6.45
N GLY A 61 13.93 3.24 6.20
CA GLY A 61 12.94 2.33 6.71
C GLY A 61 13.09 0.98 6.03
N GLY A 62 13.33 1.00 4.71
CA GLY A 62 13.07 -0.14 3.85
C GLY A 62 12.08 0.37 2.85
N ALA A 63 12.59 0.91 1.74
CA ALA A 63 11.83 1.44 0.61
C ALA A 63 10.71 2.35 1.05
N TRP A 64 11.10 3.54 1.48
CA TRP A 64 10.21 4.53 2.03
C TRP A 64 10.11 5.67 1.05
N GLY A 65 9.21 6.61 1.34
CA GLY A 65 9.30 7.96 0.81
C GLY A 65 8.72 8.00 -0.59
N ARG A 66 9.45 7.54 -1.60
CA ARG A 66 8.93 7.37 -2.96
C ARG A 66 7.66 6.52 -2.96
N LEU A 67 7.56 5.57 -2.03
CA LEU A 67 6.36 4.78 -1.80
C LEU A 67 5.29 5.68 -1.20
N ALA A 68 5.55 6.24 -0.01
CA ALA A 68 4.57 6.96 0.79
C ALA A 68 4.04 8.22 0.11
N CYS A 69 4.73 8.82 -0.86
CA CYS A 69 4.22 9.97 -1.62
C CYS A 69 2.80 9.72 -2.15
N TYR A 70 2.57 8.53 -2.67
CA TYR A 70 1.29 8.12 -3.23
C TYR A 70 0.27 7.91 -2.11
N LEU A 71 0.74 7.47 -0.94
CA LEU A 71 -0.09 7.09 0.20
C LEU A 71 -0.34 8.29 1.12
N GLU A 72 0.31 9.42 0.89
CA GLU A 72 0.30 10.59 1.74
C GLU A 72 -0.84 11.53 1.34
N PHE A 73 -1.24 11.53 0.06
CA PHE A 73 -2.24 12.49 -0.42
C PHE A 73 -3.57 12.23 0.29
N LEU A 74 -4.00 10.97 0.22
CA LEU A 74 -5.25 10.47 0.75
C LEU A 74 -5.13 10.24 2.26
N LYS A 75 -6.29 10.09 2.91
CA LYS A 75 -6.41 10.04 4.36
C LYS A 75 -7.33 8.89 4.72
N LYS A 76 -7.74 8.76 5.98
CA LYS A 76 -8.36 7.55 6.51
C LYS A 76 -9.71 7.21 5.90
N GLU A 77 -10.25 8.08 5.06
CA GLU A 77 -11.19 7.73 4.00
C GLU A 77 -10.60 6.60 3.14
N GLU A 78 -9.65 6.91 2.26
CA GLU A 78 -9.30 6.03 1.14
C GLU A 78 -8.00 5.28 1.43
N LEU A 79 -7.14 5.82 2.29
CA LEU A 79 -5.94 5.18 2.82
C LEU A 79 -6.30 3.88 3.53
N LYS A 80 -7.44 3.90 4.22
CA LYS A 80 -7.90 2.79 5.02
C LYS A 80 -8.66 1.79 4.16
N GLU A 81 -9.46 2.24 3.19
CA GLU A 81 -9.97 1.33 2.17
C GLU A 81 -8.77 0.64 1.55
N PHE A 82 -7.81 1.36 0.98
CA PHE A 82 -6.63 0.80 0.38
C PHE A 82 -5.99 -0.26 1.28
N GLN A 83 -5.63 0.06 2.52
CA GLN A 83 -4.96 -0.89 3.42
C GLN A 83 -5.75 -2.18 3.59
N LEU A 84 -7.07 -2.06 3.69
CA LEU A 84 -7.98 -3.16 3.96
C LEU A 84 -8.23 -3.95 2.69
N LEU A 85 -8.67 -3.28 1.62
CA LEU A 85 -8.88 -3.85 0.31
C LEU A 85 -7.58 -4.43 -0.27
N LEU A 86 -6.40 -4.07 0.26
CA LEU A 86 -5.11 -4.61 -0.17
C LEU A 86 -4.92 -5.97 0.50
N ALA A 87 -5.00 -5.99 1.83
CA ALA A 87 -4.87 -7.22 2.60
C ALA A 87 -5.95 -8.24 2.22
N ASN A 88 -7.08 -7.77 1.68
CA ASN A 88 -8.12 -8.57 1.05
C ASN A 88 -7.51 -9.49 -0.02
N LYS A 89 -6.66 -8.95 -0.92
CA LYS A 89 -5.93 -9.75 -1.91
C LYS A 89 -4.93 -10.64 -1.17
N ALA A 90 -3.77 -10.07 -0.86
CA ALA A 90 -2.48 -10.75 -0.76
C ALA A 90 -2.35 -11.91 -1.78
N HIS A 91 -1.42 -12.81 -1.52
CA HIS A 91 -1.25 -14.05 -2.28
C HIS A 91 -0.79 -15.10 -1.27
N SER A 92 0.40 -14.88 -0.73
CA SER A 92 1.08 -15.75 0.21
C SER A 92 1.49 -14.86 1.37
N ARG A 93 0.93 -15.09 2.56
CA ARG A 93 0.98 -14.13 3.67
C ARG A 93 1.18 -14.83 5.02
N SER A 94 1.60 -16.10 5.00
CA SER A 94 1.05 -17.13 5.86
C SER A 94 -0.41 -17.42 5.45
N SER A 95 -1.07 -18.29 6.21
CA SER A 95 -2.31 -18.97 5.82
C SER A 95 -3.29 -18.85 6.98
N SER A 96 -4.04 -17.74 7.01
CA SER A 96 -4.91 -17.31 8.09
C SER A 96 -5.90 -16.28 7.54
N GLY A 97 -6.71 -15.68 8.42
CA GLY A 97 -7.08 -14.28 8.22
C GLY A 97 -6.02 -13.49 8.97
N GLU A 98 -6.40 -12.91 10.12
CA GLU A 98 -5.58 -12.26 11.11
C GLU A 98 -6.34 -12.26 12.44
N THR A 99 -5.67 -11.85 13.52
CA THR A 99 -6.32 -11.45 14.77
C THR A 99 -7.26 -10.24 14.53
N PRO A 100 -8.22 -10.00 15.43
CA PRO A 100 -9.16 -8.89 15.34
C PRO A 100 -8.51 -7.57 15.78
N ALA A 101 -9.25 -6.46 15.61
CA ALA A 101 -8.87 -5.09 15.94
C ALA A 101 -7.64 -4.61 15.15
N GLN A 102 -7.33 -3.31 15.25
CA GLN A 102 -6.71 -2.58 14.15
C GLN A 102 -5.38 -1.94 14.61
N PRO A 103 -4.33 -1.96 13.77
CA PRO A 103 -2.95 -1.72 14.17
C PRO A 103 -2.59 -0.25 14.30
N GLU A 104 -1.45 0.01 14.94
CA GLU A 104 -0.76 1.29 15.07
C GLU A 104 -0.12 1.77 13.75
N LYS A 105 -0.64 1.31 12.61
CA LYS A 105 -0.27 1.76 11.28
C LYS A 105 -1.55 2.31 10.65
N THR A 106 -1.73 3.64 10.69
CA THR A 106 -2.88 4.31 10.10
C THR A 106 -2.52 5.57 9.31
N SER A 107 -1.24 5.91 9.18
CA SER A 107 -0.80 6.88 8.18
C SER A 107 -0.23 6.18 6.94
N GLY A 108 -0.28 6.81 5.76
CA GLY A 108 0.37 6.29 4.57
C GLY A 108 1.89 6.19 4.71
N MET A 109 2.48 7.03 5.54
CA MET A 109 3.91 6.98 5.85
C MET A 109 4.23 5.68 6.60
N GLU A 110 3.34 5.24 7.47
CA GLU A 110 3.56 4.13 8.38
C GLU A 110 3.33 2.80 7.67
N VAL A 111 2.23 2.66 6.92
CA VAL A 111 1.84 1.42 6.29
C VAL A 111 2.90 0.95 5.29
N ALA A 112 3.67 1.87 4.71
CA ALA A 112 4.84 1.54 3.93
C ALA A 112 5.75 0.55 4.66
N SER A 113 6.07 0.79 5.94
CA SER A 113 6.89 -0.14 6.72
C SER A 113 6.22 -1.51 6.86
N TYR A 114 4.89 -1.54 6.94
CA TYR A 114 4.10 -2.75 7.09
C TYR A 114 4.15 -3.54 5.77
N LEU A 115 4.04 -2.85 4.64
CA LEU A 115 4.03 -3.41 3.30
C LEU A 115 5.40 -3.93 2.90
N VAL A 116 6.47 -3.11 3.00
CA VAL A 116 7.81 -3.54 2.64
C VAL A 116 8.30 -4.65 3.59
N ALA A 117 7.82 -4.69 4.84
CA ALA A 117 8.09 -5.82 5.75
C ALA A 117 7.29 -7.07 5.35
N GLN A 118 6.01 -6.94 4.98
CA GLN A 118 5.18 -8.06 4.53
C GLN A 118 5.77 -8.69 3.27
N TYR A 119 6.29 -7.87 2.35
CA TYR A 119 6.77 -8.31 1.06
C TYR A 119 8.20 -7.81 0.82
N GLY A 120 8.34 -6.55 0.41
CA GLY A 120 9.50 -5.99 -0.28
C GLY A 120 9.02 -5.36 -1.58
N GLU A 121 9.84 -4.51 -2.20
CA GLU A 121 9.41 -3.55 -3.22
C GLU A 121 8.67 -4.17 -4.42
N GLN A 122 8.88 -5.47 -4.69
CA GLN A 122 8.09 -6.26 -5.62
C GLN A 122 6.63 -6.22 -5.21
N ARG A 123 6.18 -7.04 -4.25
CA ARG A 123 4.76 -7.07 -3.93
C ARG A 123 4.29 -5.83 -3.20
N ALA A 124 5.16 -5.17 -2.45
CA ALA A 124 4.81 -3.92 -1.78
C ALA A 124 4.48 -2.81 -2.78
N TRP A 125 4.71 -3.01 -4.09
CA TRP A 125 4.24 -2.11 -5.13
C TRP A 125 3.28 -2.82 -6.08
N ASP A 126 3.62 -3.97 -6.62
CA ASP A 126 2.78 -4.75 -7.55
C ASP A 126 1.32 -4.90 -7.10
N LEU A 127 1.10 -5.21 -5.82
CA LEU A 127 -0.22 -5.53 -5.29
C LEU A 127 -0.93 -4.22 -4.95
N ALA A 128 -0.19 -3.30 -4.36
CA ALA A 128 -0.57 -1.91 -4.16
C ALA A 128 -1.05 -1.24 -5.46
N LEU A 129 -0.37 -1.47 -6.60
CA LEU A 129 -0.77 -0.98 -7.93
C LEU A 129 -2.18 -1.46 -8.26
N HIS A 130 -2.40 -2.78 -8.15
CA HIS A 130 -3.71 -3.39 -8.39
C HIS A 130 -4.76 -2.77 -7.48
N THR A 131 -4.43 -2.48 -6.22
CA THR A 131 -5.39 -1.96 -5.24
C THR A 131 -5.92 -0.57 -5.62
N TRP A 132 -5.29 0.11 -6.58
CA TRP A 132 -5.82 1.36 -7.11
C TRP A 132 -7.05 1.12 -8.00
N GLU A 133 -7.16 -0.03 -8.65
CA GLU A 133 -8.27 -0.39 -9.53
C GLU A 133 -9.60 -0.36 -8.76
N GLN A 134 -9.58 -0.92 -7.55
CA GLN A 134 -10.68 -0.93 -6.60
C GLN A 134 -11.22 0.49 -6.41
N MET A 135 -10.37 1.44 -6.01
CA MET A 135 -10.78 2.81 -5.74
C MET A 135 -10.90 3.64 -7.02
N GLY A 136 -10.39 3.16 -8.15
CA GLY A 136 -10.38 3.85 -9.44
C GLY A 136 -9.37 4.99 -9.49
N LEU A 137 -8.28 4.96 -8.71
CA LEU A 137 -7.24 6.01 -8.75
C LEU A 137 -6.32 5.77 -9.94
N ARG A 138 -6.83 6.14 -11.13
CA ARG A 138 -6.13 6.02 -12.39
C ARG A 138 -4.80 6.76 -12.30
N SER A 139 -4.76 8.00 -11.78
CA SER A 139 -3.51 8.74 -11.63
C SER A 139 -2.48 8.00 -10.78
N LEU A 140 -2.86 7.34 -9.68
CA LEU A 140 -1.85 6.72 -8.82
C LEU A 140 -1.27 5.49 -9.53
N CYS A 141 -2.13 4.69 -10.19
CA CYS A 141 -1.73 3.54 -10.98
C CYS A 141 -0.80 3.98 -12.14
N ALA A 142 -1.19 5.07 -12.82
CA ALA A 142 -0.48 5.69 -13.92
C ALA A 142 0.87 6.22 -13.44
N GLN A 143 0.90 7.24 -12.58
CA GLN A 143 2.08 7.94 -12.08
C GLN A 143 3.12 6.93 -11.57
N ALA A 144 2.69 5.87 -10.89
CA ALA A 144 3.56 4.82 -10.40
C ALA A 144 4.40 4.20 -11.52
N GLN A 145 3.94 4.24 -12.78
CA GLN A 145 4.43 3.51 -13.93
C GLN A 145 4.72 4.44 -15.13
N GLU A 146 4.61 5.76 -14.98
CA GLU A 146 4.59 6.73 -16.10
C GLU A 146 5.78 7.70 -16.08
N GLY A 147 6.82 7.46 -15.28
CA GLY A 147 7.98 8.34 -15.26
C GLY A 147 7.59 9.72 -14.74
N ALA A 148 6.99 9.73 -13.53
CA ALA A 148 6.54 10.88 -12.76
C ALA A 148 7.47 12.08 -12.91
N GLY A 149 8.55 12.09 -12.12
CA GLY A 149 9.66 13.05 -12.12
C GLY A 149 9.22 14.46 -12.46
N HIS A 150 8.47 15.09 -11.56
CA HIS A 150 7.92 16.42 -11.79
C HIS A 150 9.05 17.44 -11.95
N SER A 151 8.76 18.54 -12.64
CA SER A 151 9.71 19.48 -13.23
C SER A 151 10.42 18.84 -14.42
N MET A 59 12.11 11.42 4.30
CA MET A 59 13.15 10.60 4.89
C MET A 59 13.63 9.55 3.90
N ALA A 60 14.57 8.72 4.35
CA ALA A 60 14.78 7.39 3.80
C ALA A 60 13.89 6.39 4.54
N GLY A 61 13.53 5.32 3.85
CA GLY A 61 12.90 4.13 4.38
C GLY A 61 13.61 2.90 3.82
N GLY A 62 13.41 1.75 4.45
CA GLY A 62 14.02 0.49 4.06
C GLY A 62 13.27 -0.05 2.86
N ALA A 63 13.75 0.30 1.66
CA ALA A 63 13.08 0.02 0.40
C ALA A 63 11.72 0.73 0.29
N TRP A 64 11.53 1.82 1.04
CA TRP A 64 10.43 2.74 0.89
C TRP A 64 11.00 4.15 1.00
N GLY A 65 10.14 5.16 0.94
CA GLY A 65 10.54 6.55 0.97
C GLY A 65 9.47 7.34 0.26
N ARG A 66 9.68 7.60 -1.03
CA ARG A 66 8.74 8.36 -1.87
C ARG A 66 7.33 7.79 -1.90
N LEU A 67 7.19 6.48 -1.66
CA LEU A 67 5.91 5.77 -1.55
C LEU A 67 4.96 6.51 -0.60
N ALA A 68 5.44 7.00 0.54
CA ALA A 68 4.61 7.60 1.58
C ALA A 68 3.82 8.81 1.05
N CYS A 69 4.36 9.55 0.07
CA CYS A 69 3.69 10.70 -0.54
C CYS A 69 2.43 10.28 -1.31
N TYR A 70 2.46 9.12 -1.98
CA TYR A 70 1.27 8.58 -2.64
C TYR A 70 0.20 8.19 -1.61
N LEU A 71 0.61 7.97 -0.37
CA LEU A 71 -0.20 7.51 0.74
C LEU A 71 -0.44 8.68 1.72
N GLU A 72 -0.51 9.91 1.21
CA GLU A 72 -0.74 11.11 1.98
C GLU A 72 -1.84 11.97 1.31
N PHE A 73 -2.02 11.86 -0.01
CA PHE A 73 -2.96 12.69 -0.76
C PHE A 73 -4.40 12.35 -0.34
N LEU A 74 -4.73 11.05 -0.37
CA LEU A 74 -5.95 10.52 0.19
C LEU A 74 -5.84 10.53 1.71
N LYS A 75 -6.97 10.44 2.36
CA LYS A 75 -7.10 10.37 3.82
C LYS A 75 -7.87 9.09 4.12
N LYS A 76 -8.17 8.84 5.40
CA LYS A 76 -8.81 7.63 5.93
C LYS A 76 -9.87 7.02 5.01
N GLU A 77 -10.69 7.88 4.40
CA GLU A 77 -11.76 7.59 3.46
C GLU A 77 -11.32 6.52 2.46
N GLU A 78 -10.21 6.78 1.77
CA GLU A 78 -9.73 5.94 0.68
C GLU A 78 -8.43 5.27 1.08
N LEU A 79 -7.69 5.81 2.06
CA LEU A 79 -6.52 5.16 2.63
C LEU A 79 -6.86 3.77 3.15
N LYS A 80 -8.04 3.57 3.76
CA LYS A 80 -8.46 2.25 4.24
C LYS A 80 -8.93 1.37 3.07
N GLU A 81 -9.65 1.91 2.09
CA GLU A 81 -9.87 1.27 0.77
C GLU A 81 -8.58 1.05 0.00
N PHE A 82 -7.43 1.42 0.56
CA PHE A 82 -6.17 0.86 0.17
C PHE A 82 -5.70 -0.14 1.21
N GLN A 83 -5.22 0.32 2.36
CA GLN A 83 -4.52 -0.46 3.36
C GLN A 83 -5.28 -1.73 3.78
N LEU A 84 -6.61 -1.69 3.85
CA LEU A 84 -7.42 -2.80 4.33
C LEU A 84 -7.72 -3.74 3.17
N LEU A 85 -8.17 -3.19 2.04
CA LEU A 85 -8.42 -3.86 0.80
C LEU A 85 -7.18 -4.59 0.30
N LEU A 86 -5.97 -4.18 0.72
CA LEU A 86 -4.73 -4.80 0.32
C LEU A 86 -4.71 -6.22 0.87
N ALA A 87 -5.08 -6.41 2.15
CA ALA A 87 -5.17 -7.74 2.74
C ALA A 87 -6.28 -8.57 2.10
N ASN A 88 -7.33 -7.90 1.60
CA ASN A 88 -8.40 -8.56 0.84
C ASN A 88 -7.83 -9.16 -0.45
N LYS A 89 -6.97 -8.41 -1.18
CA LYS A 89 -6.20 -8.96 -2.30
C LYS A 89 -5.29 -10.07 -1.79
N ALA A 90 -4.24 -9.68 -1.06
CA ALA A 90 -3.11 -10.52 -0.68
C ALA A 90 -2.61 -11.34 -1.89
N HIS A 91 -2.05 -12.52 -1.62
CA HIS A 91 -1.79 -13.54 -2.62
C HIS A 91 -2.65 -14.76 -2.25
N SER A 92 -3.34 -15.34 -3.24
CA SER A 92 -4.35 -16.38 -3.05
C SER A 92 -5.49 -15.98 -2.11
N ARG A 93 -6.36 -16.94 -1.80
CA ARG A 93 -7.40 -16.87 -0.77
C ARG A 93 -7.18 -18.10 0.09
N SER A 94 -7.03 -17.89 1.40
CA SER A 94 -7.10 -18.92 2.43
C SER A 94 -7.74 -18.23 3.62
N SER A 95 -9.06 -18.39 3.76
CA SER A 95 -9.78 -17.98 4.97
C SER A 95 -9.36 -18.89 6.12
N SER A 96 -8.75 -18.30 7.14
CA SER A 96 -8.44 -18.94 8.41
C SER A 96 -8.44 -17.89 9.53
N GLY A 97 -7.71 -16.79 9.32
CA GLY A 97 -7.30 -15.87 10.37
C GLY A 97 -5.83 -16.05 10.74
N GLU A 98 -4.98 -16.40 9.77
CA GLU A 98 -3.52 -16.37 9.93
C GLU A 98 -3.09 -14.93 10.28
N THR A 99 -1.88 -14.76 10.79
CA THR A 99 -1.26 -13.49 11.16
C THR A 99 -1.91 -12.89 12.42
N PRO A 100 -1.26 -11.94 13.10
CA PRO A 100 -1.83 -11.21 14.24
C PRO A 100 -2.80 -10.12 13.73
N ALA A 101 -3.49 -9.44 14.65
CA ALA A 101 -4.30 -8.28 14.32
C ALA A 101 -3.44 -7.15 13.74
N GLN A 102 -4.08 -6.23 13.03
CA GLN A 102 -3.47 -5.17 12.28
C GLN A 102 -2.79 -4.16 13.22
N PRO A 103 -1.73 -3.50 12.74
CA PRO A 103 -1.05 -2.49 13.51
C PRO A 103 -1.88 -1.21 13.65
N GLU A 104 -1.76 -0.54 14.80
CA GLU A 104 -2.40 0.70 15.17
C GLU A 104 -1.67 1.88 14.53
N LYS A 105 -1.70 1.92 13.21
CA LYS A 105 -1.12 3.02 12.43
C LYS A 105 -2.13 3.61 11.47
N THR A 106 -1.88 4.86 11.10
CA THR A 106 -2.69 5.69 10.24
C THR A 106 -1.86 6.51 9.28
N SER A 107 -0.53 6.37 9.33
CA SER A 107 0.35 7.21 8.54
C SER A 107 1.02 6.36 7.47
N GLY A 108 1.03 6.87 6.23
CA GLY A 108 1.38 6.12 5.04
C GLY A 108 2.84 5.65 5.04
N MET A 109 3.74 6.44 5.63
CA MET A 109 5.12 6.03 5.87
C MET A 109 5.18 4.73 6.66
N GLU A 110 4.37 4.57 7.70
CA GLU A 110 4.53 3.43 8.59
C GLU A 110 3.82 2.19 8.05
N VAL A 111 2.76 2.38 7.28
CA VAL A 111 2.16 1.35 6.45
C VAL A 111 3.25 0.84 5.49
N ALA A 112 4.06 1.73 4.90
CA ALA A 112 5.12 1.34 3.98
C ALA A 112 6.16 0.42 4.64
N SER A 113 6.64 0.76 5.84
CA SER A 113 7.56 -0.13 6.57
C SER A 113 6.93 -1.50 6.83
N TYR A 114 5.62 -1.56 7.09
CA TYR A 114 4.89 -2.81 7.27
C TYR A 114 4.84 -3.57 5.96
N LEU A 115 4.59 -2.90 4.83
CA LEU A 115 4.35 -3.59 3.57
C LEU A 115 5.61 -4.26 3.04
N VAL A 116 6.76 -3.58 3.09
CA VAL A 116 8.03 -4.21 2.70
C VAL A 116 8.41 -5.31 3.70
N ALA A 117 7.98 -5.22 4.96
CA ALA A 117 8.23 -6.28 5.95
C ALA A 117 7.38 -7.52 5.68
N GLN A 118 6.15 -7.32 5.20
CA GLN A 118 5.24 -8.39 4.84
C GLN A 118 5.76 -9.11 3.59
N TYR A 119 5.91 -8.38 2.47
CA TYR A 119 6.02 -8.99 1.15
C TYR A 119 7.42 -8.90 0.53
N GLY A 120 8.24 -7.92 0.90
CA GLY A 120 9.34 -7.45 0.08
C GLY A 120 8.80 -6.57 -1.05
N GLU A 121 9.70 -5.84 -1.73
CA GLU A 121 9.36 -4.74 -2.65
C GLU A 121 8.28 -5.14 -3.66
N GLN A 122 8.48 -6.24 -4.39
CA GLN A 122 7.61 -6.71 -5.45
C GLN A 122 6.17 -6.76 -4.99
N ARG A 123 5.78 -7.78 -4.22
CA ARG A 123 4.37 -7.88 -3.84
C ARG A 123 3.96 -6.78 -2.87
N ALA A 124 4.89 -6.01 -2.27
CA ALA A 124 4.46 -4.80 -1.57
C ALA A 124 3.84 -3.87 -2.61
N TRP A 125 4.63 -3.38 -3.58
CA TRP A 125 4.16 -2.35 -4.49
C TRP A 125 3.23 -2.91 -5.56
N ASP A 126 3.51 -4.05 -6.18
CA ASP A 126 2.73 -4.59 -7.31
C ASP A 126 1.27 -4.89 -6.94
N LEU A 127 1.03 -5.22 -5.67
CA LEU A 127 -0.30 -5.45 -5.09
C LEU A 127 -0.94 -4.11 -4.73
N ALA A 128 -0.16 -3.20 -4.14
CA ALA A 128 -0.53 -1.83 -3.86
C ALA A 128 -1.03 -1.14 -5.15
N LEU A 129 -0.31 -1.21 -6.28
CA LEU A 129 -0.74 -0.69 -7.57
C LEU A 129 -2.17 -1.14 -7.92
N HIS A 130 -2.40 -2.46 -7.94
CA HIS A 130 -3.71 -3.04 -8.19
C HIS A 130 -4.75 -2.44 -7.24
N THR A 131 -4.42 -2.30 -5.96
CA THR A 131 -5.37 -1.89 -4.93
C THR A 131 -6.01 -0.53 -5.28
N TRP A 132 -5.29 0.37 -5.97
CA TRP A 132 -5.84 1.65 -6.44
C TRP A 132 -6.78 1.48 -7.64
N GLU A 133 -6.60 0.47 -8.48
CA GLU A 133 -7.46 0.23 -9.64
C GLU A 133 -8.86 -0.11 -9.17
N GLN A 134 -8.95 -0.92 -8.11
CA GLN A 134 -10.16 -1.27 -7.40
C GLN A 134 -10.90 -0.01 -6.92
N MET A 135 -10.19 0.95 -6.35
CA MET A 135 -10.76 2.21 -5.86
C MET A 135 -11.11 3.19 -6.99
N GLY A 136 -10.62 2.98 -8.21
CA GLY A 136 -10.85 3.84 -9.36
C GLY A 136 -9.84 4.98 -9.53
N LEU A 137 -8.77 5.04 -8.73
CA LEU A 137 -7.79 6.13 -8.79
C LEU A 137 -6.85 5.87 -9.96
N ARG A 138 -6.69 6.81 -10.91
CA ARG A 138 -5.75 6.65 -12.04
C ARG A 138 -4.48 7.49 -11.98
N SER A 139 -4.48 8.61 -11.27
CA SER A 139 -3.29 9.46 -11.10
C SER A 139 -2.16 8.65 -10.46
N LEU A 140 -2.52 7.73 -9.56
CA LEU A 140 -1.61 7.10 -8.64
C LEU A 140 -0.73 6.09 -9.37
N CYS A 141 -1.30 5.05 -9.99
CA CYS A 141 -0.53 4.04 -10.73
C CYS A 141 0.29 4.67 -11.83
N ALA A 142 -0.27 5.69 -12.47
CA ALA A 142 0.40 6.47 -13.47
C ALA A 142 1.69 7.03 -12.86
N GLN A 143 1.59 8.01 -11.96
CA GLN A 143 2.80 8.65 -11.46
C GLN A 143 3.66 7.71 -10.59
N ALA A 144 3.15 6.55 -10.18
CA ALA A 144 3.92 5.52 -9.50
C ALA A 144 4.86 4.78 -10.47
N GLN A 145 4.39 4.38 -11.65
CA GLN A 145 5.11 3.37 -12.43
C GLN A 145 4.85 3.45 -13.93
N GLU A 146 4.57 4.64 -14.45
CA GLU A 146 4.33 4.86 -15.88
C GLU A 146 5.61 5.08 -16.69
N GLY A 147 6.76 5.13 -16.03
CA GLY A 147 7.99 5.69 -16.57
C GLY A 147 8.26 7.10 -16.04
N ALA A 148 7.56 7.52 -14.97
CA ALA A 148 7.85 8.68 -14.17
C ALA A 148 8.90 8.29 -13.12
N GLY A 149 10.14 8.69 -13.33
CA GLY A 149 11.23 8.56 -12.36
C GLY A 149 12.35 7.66 -12.86
N HIS A 150 13.09 8.09 -13.88
CA HIS A 150 14.24 7.35 -14.45
C HIS A 150 13.75 6.07 -15.15
N SER A 151 14.64 5.23 -15.68
CA SER A 151 14.29 3.89 -16.16
C SER A 151 14.24 2.96 -14.94
N MET A 59 12.66 7.43 10.67
CA MET A 59 13.87 7.61 9.86
C MET A 59 13.56 7.45 8.36
N ALA A 60 14.60 7.48 7.52
CA ALA A 60 14.52 7.06 6.12
C ALA A 60 14.13 5.58 6.07
N GLY A 61 13.21 5.21 5.19
CA GLY A 61 12.83 3.83 5.02
C GLY A 61 13.95 3.12 4.30
N GLY A 62 14.29 1.92 4.76
CA GLY A 62 15.24 1.05 4.07
C GLY A 62 14.79 0.69 2.65
N ALA A 63 13.50 0.85 2.37
CA ALA A 63 12.85 0.20 1.23
C ALA A 63 11.53 0.86 0.87
N TRP A 64 11.25 2.01 1.47
CA TRP A 64 10.09 2.84 1.22
C TRP A 64 10.55 4.28 1.27
N GLY A 65 9.68 5.21 0.90
CA GLY A 65 9.99 6.63 0.77
C GLY A 65 9.15 7.21 -0.37
N ARG A 66 9.55 6.99 -1.62
CA ARG A 66 8.88 7.60 -2.78
C ARG A 66 7.39 7.29 -2.80
N LEU A 67 7.03 6.01 -2.68
CA LEU A 67 5.66 5.50 -2.58
C LEU A 67 4.83 6.22 -1.51
N ALA A 68 5.43 6.66 -0.40
CA ALA A 68 4.66 7.20 0.70
C ALA A 68 4.04 8.57 0.35
N CYS A 69 4.57 9.30 -0.64
CA CYS A 69 3.98 10.56 -1.12
C CYS A 69 2.61 10.29 -1.75
N TYR A 70 2.56 9.30 -2.65
CA TYR A 70 1.31 8.83 -3.25
C TYR A 70 0.33 8.43 -2.13
N LEU A 71 0.85 7.91 -1.03
CA LEU A 71 0.09 7.46 0.14
C LEU A 71 -0.27 8.58 1.11
N GLU A 72 0.10 9.84 0.88
CA GLU A 72 -0.27 10.97 1.73
C GLU A 72 -1.14 11.99 0.98
N PHE A 73 -1.33 11.83 -0.34
CA PHE A 73 -2.36 12.57 -1.09
C PHE A 73 -3.72 12.28 -0.46
N LEU A 74 -4.08 10.98 -0.37
CA LEU A 74 -5.32 10.51 0.22
C LEU A 74 -5.21 10.52 1.74
N LYS A 75 -6.37 10.49 2.38
CA LYS A 75 -6.55 10.56 3.83
C LYS A 75 -7.35 9.33 4.27
N LYS A 76 -7.59 9.15 5.57
CA LYS A 76 -8.05 7.86 6.12
C LYS A 76 -9.42 7.41 5.61
N GLU A 77 -10.19 8.24 4.92
CA GLU A 77 -11.25 7.79 4.01
C GLU A 77 -10.75 6.62 3.15
N GLU A 78 -9.75 6.87 2.30
CA GLU A 78 -9.38 5.94 1.25
C GLU A 78 -8.08 5.23 1.63
N LEU A 79 -7.17 5.88 2.37
CA LEU A 79 -5.94 5.29 2.88
C LEU A 79 -6.25 4.00 3.66
N LYS A 80 -7.33 4.01 4.44
CA LYS A 80 -7.87 2.83 5.13
C LYS A 80 -8.30 1.76 4.15
N GLU A 81 -9.20 2.09 3.22
CA GLU A 81 -9.68 1.13 2.23
C GLU A 81 -8.50 0.52 1.50
N PHE A 82 -7.48 1.28 1.11
CA PHE A 82 -6.34 0.77 0.39
C PHE A 82 -5.66 -0.38 1.13
N GLN A 83 -5.31 -0.21 2.41
CA GLN A 83 -4.73 -1.29 3.21
C GLN A 83 -5.67 -2.48 3.26
N LEU A 84 -6.94 -2.21 3.53
CA LEU A 84 -7.96 -3.18 3.82
C LEU A 84 -8.20 -4.07 2.60
N LEU A 85 -8.49 -3.44 1.46
CA LEU A 85 -8.72 -4.04 0.15
C LEU A 85 -7.50 -4.85 -0.27
N LEU A 86 -6.29 -4.28 -0.16
CA LEU A 86 -5.04 -4.92 -0.53
C LEU A 86 -4.85 -6.19 0.30
N ALA A 87 -5.04 -6.11 1.62
CA ALA A 87 -4.95 -7.24 2.54
C ALA A 87 -6.05 -8.28 2.31
N ASN A 88 -7.11 -7.97 1.56
CA ASN A 88 -8.06 -8.96 1.06
C ASN A 88 -7.55 -9.58 -0.24
N LYS A 89 -7.07 -8.75 -1.17
CA LYS A 89 -6.60 -9.11 -2.48
C LYS A 89 -5.55 -10.20 -2.40
N ALA A 90 -4.47 -9.89 -1.72
CA ALA A 90 -3.46 -10.86 -1.35
C ALA A 90 -4.08 -11.86 -0.39
N HIS A 91 -4.26 -13.11 -0.85
CA HIS A 91 -4.64 -14.25 -0.03
C HIS A 91 -3.66 -14.48 1.13
N SER A 92 -4.08 -15.30 2.10
CA SER A 92 -3.45 -15.54 3.40
C SER A 92 -3.25 -14.25 4.21
N ARG A 93 -3.39 -14.34 5.53
CA ARG A 93 -3.56 -13.17 6.39
C ARG A 93 -3.24 -13.57 7.82
N SER A 94 -1.95 -13.60 8.13
CA SER A 94 -1.40 -13.98 9.43
C SER A 94 -1.70 -15.44 9.77
N SER A 95 -1.12 -15.94 10.85
CA SER A 95 -1.53 -17.20 11.47
C SER A 95 -2.72 -16.95 12.42
N SER A 96 -3.07 -17.95 13.22
CA SER A 96 -4.03 -17.86 14.29
C SER A 96 -3.63 -16.78 15.30
N GLY A 97 -4.60 -16.32 16.08
CA GLY A 97 -4.44 -15.29 17.08
C GLY A 97 -5.74 -15.21 17.83
N GLU A 98 -5.90 -16.07 18.84
CA GLU A 98 -7.04 -15.99 19.74
C GLU A 98 -6.99 -14.63 20.44
N THR A 99 -8.16 -14.04 20.69
CA THR A 99 -8.41 -12.67 21.12
C THR A 99 -7.86 -11.65 20.09
N PRO A 100 -8.52 -10.49 19.91
CA PRO A 100 -8.20 -9.55 18.85
C PRO A 100 -7.08 -8.58 19.24
N ALA A 101 -6.40 -8.06 18.22
CA ALA A 101 -5.44 -6.97 18.31
C ALA A 101 -5.46 -6.25 16.95
N GLN A 102 -6.11 -5.08 16.82
CA GLN A 102 -6.02 -4.28 15.60
C GLN A 102 -4.78 -3.37 15.67
N PRO A 103 -4.13 -3.07 14.53
CA PRO A 103 -2.91 -2.28 14.47
C PRO A 103 -3.18 -0.78 14.24
N GLU A 104 -2.27 0.06 14.74
CA GLU A 104 -2.46 1.51 14.88
C GLU A 104 -1.64 2.33 13.92
N LYS A 105 -1.21 1.74 12.80
CA LYS A 105 -0.42 2.44 11.80
C LYS A 105 -1.35 3.19 10.86
N THR A 106 -1.82 4.33 11.33
CA THR A 106 -2.81 5.19 10.69
C THR A 106 -2.20 6.10 9.64
N SER A 107 -0.90 5.97 9.34
CA SER A 107 -0.23 6.83 8.40
C SER A 107 0.42 6.01 7.29
N GLY A 108 0.38 6.49 6.04
CA GLY A 108 0.72 5.71 4.86
C GLY A 108 2.19 5.32 4.78
N MET A 109 3.09 6.20 5.22
CA MET A 109 4.52 5.90 5.37
C MET A 109 4.77 4.79 6.40
N GLU A 110 3.79 4.44 7.23
CA GLU A 110 3.88 3.39 8.24
C GLU A 110 3.06 2.15 7.86
N VAL A 111 2.22 2.28 6.85
CA VAL A 111 1.77 1.16 6.04
C VAL A 111 2.92 0.75 5.10
N ALA A 112 3.86 1.64 4.79
CA ALA A 112 4.94 1.36 3.86
C ALA A 112 5.93 0.36 4.43
N SER A 113 6.47 0.62 5.63
CA SER A 113 7.28 -0.30 6.41
C SER A 113 6.61 -1.67 6.54
N TYR A 114 5.29 -1.66 6.75
CA TYR A 114 4.50 -2.85 6.96
C TYR A 114 4.41 -3.67 5.68
N LEU A 115 4.16 -3.04 4.54
CA LEU A 115 4.05 -3.74 3.27
C LEU A 115 5.38 -4.40 2.89
N VAL A 116 6.49 -3.72 3.15
CA VAL A 116 7.82 -4.30 2.95
C VAL A 116 7.96 -5.54 3.86
N ALA A 117 7.52 -5.47 5.12
CA ALA A 117 7.62 -6.61 6.01
C ALA A 117 6.77 -7.78 5.49
N GLN A 118 5.51 -7.51 5.15
CA GLN A 118 4.52 -8.53 4.84
C GLN A 118 4.76 -9.20 3.50
N TYR A 119 5.31 -8.49 2.51
CA TYR A 119 5.48 -9.01 1.15
C TYR A 119 6.90 -8.81 0.64
N GLY A 120 7.47 -7.63 0.85
CA GLY A 120 8.75 -7.23 0.30
C GLY A 120 8.54 -6.11 -0.70
N GLU A 121 9.60 -5.35 -0.98
CA GLU A 121 9.49 -4.06 -1.67
C GLU A 121 9.07 -4.13 -3.14
N GLN A 122 9.12 -5.33 -3.72
CA GLN A 122 8.41 -5.71 -4.92
C GLN A 122 6.90 -5.54 -4.73
N ARG A 123 6.20 -6.48 -4.10
CA ARG A 123 4.74 -6.44 -3.95
C ARG A 123 4.28 -5.23 -3.14
N ALA A 124 5.12 -4.72 -2.26
CA ALA A 124 4.80 -3.53 -1.48
C ALA A 124 4.54 -2.31 -2.37
N TRP A 125 4.88 -2.38 -3.67
CA TRP A 125 4.33 -1.50 -4.68
C TRP A 125 3.60 -2.32 -5.75
N ASP A 126 4.22 -3.32 -6.35
CA ASP A 126 3.68 -4.13 -7.45
C ASP A 126 2.28 -4.70 -7.22
N LEU A 127 1.93 -5.09 -5.97
CA LEU A 127 0.59 -5.52 -5.59
C LEU A 127 -0.21 -4.27 -5.27
N ALA A 128 0.34 -3.39 -4.42
CA ALA A 128 -0.32 -2.17 -3.96
C ALA A 128 -0.90 -1.33 -5.11
N LEU A 129 -0.16 -1.21 -6.21
CA LEU A 129 -0.58 -0.51 -7.42
C LEU A 129 -1.92 -1.03 -7.89
N HIS A 130 -2.11 -2.35 -8.01
CA HIS A 130 -3.34 -2.94 -8.51
C HIS A 130 -4.55 -2.48 -7.71
N THR A 131 -4.42 -2.22 -6.40
CA THR A 131 -5.51 -1.76 -5.55
C THR A 131 -6.09 -0.41 -6.02
N TRP A 132 -5.45 0.25 -6.99
CA TRP A 132 -6.07 1.35 -7.71
C TRP A 132 -7.39 0.91 -8.34
N GLU A 133 -7.44 -0.27 -8.93
CA GLU A 133 -8.56 -0.75 -9.72
C GLU A 133 -9.78 -0.95 -8.82
N GLN A 134 -9.53 -1.33 -7.56
CA GLN A 134 -10.52 -1.39 -6.51
C GLN A 134 -11.02 0.02 -6.19
N MET A 135 -10.15 0.93 -5.72
CA MET A 135 -10.59 2.24 -5.22
C MET A 135 -10.97 3.23 -6.35
N GLY A 136 -10.65 2.92 -7.60
CA GLY A 136 -10.94 3.73 -8.78
C GLY A 136 -9.87 4.79 -9.12
N LEU A 137 -8.76 4.90 -8.37
CA LEU A 137 -7.82 6.03 -8.46
C LEU A 137 -6.91 5.88 -9.68
N ARG A 138 -7.36 6.34 -10.84
CA ARG A 138 -6.62 6.26 -12.10
C ARG A 138 -5.23 6.88 -11.96
N SER A 139 -5.17 8.13 -11.48
CA SER A 139 -3.96 8.93 -11.52
C SER A 139 -2.85 8.32 -10.68
N LEU A 140 -3.18 7.52 -9.67
CA LEU A 140 -2.23 6.96 -8.73
C LEU A 140 -1.38 5.93 -9.46
N CYS A 141 -2.03 4.90 -10.01
CA CYS A 141 -1.38 3.85 -10.78
C CYS A 141 -0.60 4.43 -11.96
N ALA A 142 -1.20 5.44 -12.61
CA ALA A 142 -0.61 6.13 -13.72
C ALA A 142 0.70 6.80 -13.27
N GLN A 143 0.63 7.79 -12.37
CA GLN A 143 1.77 8.60 -11.97
C GLN A 143 2.82 7.79 -11.20
N ALA A 144 2.47 6.62 -10.65
CA ALA A 144 3.42 5.67 -10.09
C ALA A 144 4.31 5.01 -11.16
N GLN A 145 3.97 5.12 -12.46
CA GLN A 145 4.58 4.35 -13.54
C GLN A 145 4.91 5.22 -14.77
N GLU A 146 4.46 6.47 -14.79
CA GLU A 146 4.71 7.49 -15.82
C GLU A 146 6.20 7.93 -15.90
N GLY A 147 7.09 7.30 -15.12
CA GLY A 147 8.53 7.56 -15.11
C GLY A 147 8.97 8.44 -13.94
N ALA A 148 8.11 8.62 -12.94
CA ALA A 148 8.41 9.32 -11.70
C ALA A 148 9.38 8.45 -10.89
N GLY A 149 10.65 8.84 -10.89
CA GLY A 149 11.71 8.31 -10.06
C GLY A 149 13.02 9.05 -10.36
N HIS A 150 14.05 8.84 -9.53
CA HIS A 150 15.43 9.27 -9.70
C HIS A 150 16.32 8.48 -8.72
N SER A 151 17.65 8.56 -8.91
CA SER A 151 18.64 7.89 -8.06
C SER A 151 19.90 8.75 -8.02
N MET A 59 14.31 -2.15 9.49
CA MET A 59 12.90 -1.79 9.60
C MET A 59 12.15 -1.60 8.29
N ALA A 60 12.82 -1.87 7.17
CA ALA A 60 12.24 -2.09 5.85
C ALA A 60 12.09 -0.73 5.16
N GLY A 61 13.11 -0.37 4.37
CA GLY A 61 13.49 1.02 4.09
C GLY A 61 13.78 1.35 2.63
N GLY A 62 13.66 0.39 1.70
CA GLY A 62 13.88 0.65 0.28
C GLY A 62 12.69 1.37 -0.35
N ALA A 63 11.52 0.76 -0.19
CA ALA A 63 10.25 1.23 -0.69
C ALA A 63 9.77 2.32 0.26
N TRP A 64 10.39 3.47 0.17
CA TRP A 64 10.25 4.56 1.09
C TRP A 64 10.45 5.85 0.32
N GLY A 65 10.13 6.96 0.95
CA GLY A 65 10.22 8.26 0.34
C GLY A 65 9.07 8.35 -0.66
N ARG A 66 9.31 7.96 -1.91
CA ARG A 66 8.29 7.84 -2.96
C ARG A 66 7.08 7.03 -2.52
N LEU A 67 7.23 6.08 -1.59
CA LEU A 67 6.15 5.23 -1.13
C LEU A 67 5.12 6.08 -0.38
N ALA A 68 5.52 6.68 0.75
CA ALA A 68 4.64 7.51 1.55
C ALA A 68 4.18 8.76 0.80
N CYS A 69 4.95 9.24 -0.19
CA CYS A 69 4.71 10.49 -0.94
C CYS A 69 3.37 10.54 -1.69
N TYR A 70 2.67 9.41 -1.78
CA TYR A 70 1.39 9.22 -2.45
C TYR A 70 0.33 8.89 -1.40
N LEU A 71 0.72 8.06 -0.44
CA LEU A 71 -0.06 7.60 0.72
C LEU A 71 -0.31 8.73 1.74
N GLU A 72 0.10 9.95 1.41
CA GLU A 72 -0.13 11.16 2.18
C GLU A 72 -1.17 12.06 1.50
N PHE A 73 -1.49 11.87 0.22
CA PHE A 73 -2.57 12.62 -0.42
C PHE A 73 -3.89 12.24 0.27
N LEU A 74 -4.12 10.95 0.44
CA LEU A 74 -5.34 10.39 1.00
C LEU A 74 -5.18 10.03 2.48
N LYS A 75 -6.30 9.91 3.16
CA LYS A 75 -6.42 9.62 4.59
C LYS A 75 -7.51 8.57 4.75
N LYS A 76 -8.05 8.40 5.96
CA LYS A 76 -8.93 7.30 6.32
C LYS A 76 -10.16 7.11 5.41
N GLU A 77 -10.53 8.12 4.61
CA GLU A 77 -11.51 7.98 3.55
C GLU A 77 -11.16 6.79 2.64
N GLU A 78 -9.98 6.77 2.03
CA GLU A 78 -9.63 5.81 0.98
C GLU A 78 -8.33 5.06 1.33
N LEU A 79 -7.48 5.61 2.20
CA LEU A 79 -6.28 4.94 2.71
C LEU A 79 -6.65 3.69 3.51
N LYS A 80 -7.78 3.75 4.22
CA LYS A 80 -8.35 2.58 4.86
C LYS A 80 -8.64 1.52 3.81
N GLU A 81 -9.21 1.87 2.66
CA GLU A 81 -9.38 0.89 1.61
C GLU A 81 -8.04 0.39 1.06
N PHE A 82 -6.97 1.20 0.98
CA PHE A 82 -5.64 0.69 0.64
C PHE A 82 -5.29 -0.51 1.54
N GLN A 83 -5.23 -0.32 2.87
CA GLN A 83 -4.82 -1.37 3.79
C GLN A 83 -5.82 -2.55 3.85
N LEU A 84 -7.08 -2.32 3.53
CA LEU A 84 -8.14 -3.31 3.51
C LEU A 84 -8.00 -4.16 2.24
N LEU A 85 -8.17 -3.54 1.07
CA LEU A 85 -8.13 -4.14 -0.26
C LEU A 85 -6.85 -4.93 -0.46
N LEU A 86 -5.71 -4.38 -0.05
CA LEU A 86 -4.42 -5.02 -0.21
C LEU A 86 -4.40 -6.35 0.54
N ALA A 87 -4.82 -6.37 1.82
CA ALA A 87 -4.92 -7.61 2.57
C ALA A 87 -5.98 -8.55 1.96
N ASN A 88 -7.00 -8.00 1.32
CA ASN A 88 -8.05 -8.77 0.66
C ASN A 88 -7.56 -9.46 -0.62
N LYS A 89 -6.65 -8.82 -1.36
CA LYS A 89 -5.85 -9.43 -2.43
C LYS A 89 -4.88 -10.42 -1.78
N ALA A 90 -3.81 -9.90 -1.15
CA ALA A 90 -2.70 -10.67 -0.62
C ALA A 90 -2.18 -11.68 -1.65
N HIS A 91 -1.37 -12.67 -1.26
CA HIS A 91 -1.02 -13.78 -2.16
C HIS A 91 -0.76 -15.10 -1.42
N SER A 92 -1.26 -15.23 -0.18
CA SER A 92 -1.13 -16.43 0.65
C SER A 92 -2.41 -17.27 0.55
N ARG A 93 -2.46 -18.40 1.27
CA ARG A 93 -3.68 -19.19 1.48
C ARG A 93 -3.50 -20.10 2.71
N SER A 94 -4.59 -20.66 3.24
CA SER A 94 -4.61 -21.49 4.45
C SER A 94 -4.09 -20.76 5.71
N SER A 95 -4.03 -21.51 6.83
CA SER A 95 -4.11 -21.06 8.22
C SER A 95 -5.56 -20.69 8.54
N SER A 96 -5.84 -20.21 9.75
CA SER A 96 -7.12 -19.60 10.10
C SER A 96 -6.85 -18.32 10.88
N GLY A 97 -7.83 -17.42 10.90
CA GLY A 97 -7.80 -16.15 11.59
C GLY A 97 -9.22 -15.81 11.98
N GLU A 98 -9.74 -16.53 12.97
CA GLU A 98 -11.05 -16.29 13.54
C GLU A 98 -11.04 -14.88 14.16
N THR A 99 -11.94 -14.02 13.68
CA THR A 99 -12.08 -12.58 13.81
C THR A 99 -10.83 -11.82 13.28
N PRO A 100 -10.99 -10.66 12.63
CA PRO A 100 -9.90 -9.92 12.02
C PRO A 100 -9.11 -9.15 13.08
N ALA A 101 -7.83 -8.88 12.78
CA ALA A 101 -6.86 -8.34 13.73
C ALA A 101 -5.91 -7.39 12.99
N GLN A 102 -6.44 -6.23 12.58
CA GLN A 102 -5.65 -5.19 11.95
C GLN A 102 -4.62 -4.62 12.93
N PRO A 103 -3.48 -4.13 12.44
CA PRO A 103 -2.43 -3.55 13.25
C PRO A 103 -2.74 -2.08 13.58
N GLU A 104 -1.81 -1.41 14.25
CA GLU A 104 -1.92 0.00 14.64
C GLU A 104 -1.28 0.95 13.65
N LYS A 105 -0.97 0.48 12.44
CA LYS A 105 -0.18 1.26 11.50
C LYS A 105 -1.12 1.97 10.54
N THR A 106 -1.17 3.29 10.59
CA THR A 106 -2.30 4.04 10.01
C THR A 106 -1.96 5.46 9.53
N SER A 107 -0.68 5.78 9.38
CA SER A 107 -0.27 7.07 8.84
C SER A 107 0.55 6.94 7.56
N GLY A 108 0.61 8.03 6.79
CA GLY A 108 1.33 8.21 5.53
C GLY A 108 2.58 7.36 5.44
N MET A 109 3.51 7.62 6.36
CA MET A 109 4.86 7.05 6.40
C MET A 109 4.93 5.73 7.17
N GLU A 110 3.90 5.42 7.93
CA GLU A 110 3.89 4.30 8.84
C GLU A 110 3.38 3.05 8.13
N VAL A 111 2.25 3.16 7.43
CA VAL A 111 1.72 2.10 6.57
C VAL A 111 2.82 1.66 5.61
N ALA A 112 3.62 2.61 5.08
CA ALA A 112 4.75 2.32 4.20
C ALA A 112 5.73 1.34 4.83
N SER A 113 6.34 1.68 5.96
CA SER A 113 7.34 0.84 6.62
C SER A 113 6.73 -0.49 7.09
N TYR A 114 5.41 -0.55 7.32
CA TYR A 114 4.71 -1.80 7.60
C TYR A 114 4.71 -2.64 6.33
N LEU A 115 4.36 -2.04 5.19
CA LEU A 115 4.18 -2.73 3.93
C LEU A 115 5.48 -3.32 3.40
N VAL A 116 6.59 -2.58 3.45
CA VAL A 116 7.88 -3.14 3.02
C VAL A 116 8.29 -4.31 3.93
N ALA A 117 7.89 -4.33 5.21
CA ALA A 117 8.15 -5.47 6.09
C ALA A 117 7.22 -6.64 5.80
N GLN A 118 5.99 -6.38 5.33
CA GLN A 118 5.06 -7.43 4.92
C GLN A 118 5.60 -8.15 3.67
N TYR A 119 5.98 -7.40 2.64
CA TYR A 119 6.17 -7.92 1.28
C TYR A 119 7.59 -7.82 0.74
N GLY A 120 8.41 -6.91 1.26
CA GLY A 120 9.49 -6.33 0.49
C GLY A 120 8.94 -5.26 -0.43
N GLU A 121 9.87 -4.57 -1.10
CA GLU A 121 9.55 -3.49 -2.02
C GLU A 121 8.62 -3.91 -3.14
N GLN A 122 8.77 -5.16 -3.61
CA GLN A 122 8.03 -5.72 -4.73
C GLN A 122 6.54 -5.70 -4.42
N ARG A 123 6.00 -6.68 -3.71
CA ARG A 123 4.56 -6.76 -3.54
C ARG A 123 4.01 -5.57 -2.74
N ALA A 124 4.83 -4.88 -1.93
CA ALA A 124 4.37 -3.68 -1.24
C ALA A 124 3.93 -2.59 -2.22
N TRP A 125 4.33 -2.63 -3.49
CA TRP A 125 3.86 -1.71 -4.51
C TRP A 125 3.16 -2.48 -5.61
N ASP A 126 3.78 -3.52 -6.15
CA ASP A 126 3.26 -4.33 -7.26
C ASP A 126 1.90 -4.99 -6.95
N LEU A 127 1.52 -5.19 -5.69
CA LEU A 127 0.18 -5.65 -5.29
C LEU A 127 -0.67 -4.44 -4.94
N ALA A 128 -0.11 -3.46 -4.24
CA ALA A 128 -0.75 -2.15 -4.01
C ALA A 128 -1.39 -1.58 -5.28
N LEU A 129 -0.67 -1.63 -6.40
CA LEU A 129 -1.04 -1.07 -7.69
C LEU A 129 -2.14 -1.90 -8.34
N HIS A 130 -2.15 -3.21 -8.13
CA HIS A 130 -3.31 -4.05 -8.41
C HIS A 130 -4.50 -3.54 -7.56
N THR A 131 -4.33 -3.34 -6.25
CA THR A 131 -5.37 -2.82 -5.34
C THR A 131 -5.92 -1.46 -5.79
N TRP A 132 -5.13 -0.68 -6.53
CA TRP A 132 -5.50 0.64 -7.07
C TRP A 132 -6.42 0.51 -8.26
N GLU A 133 -6.38 -0.62 -8.96
CA GLU A 133 -7.21 -0.87 -10.12
C GLU A 133 -8.69 -0.92 -9.71
N GLN A 134 -8.99 -1.27 -8.44
CA GLN A 134 -10.33 -1.13 -7.88
C GLN A 134 -10.65 0.33 -7.60
N MET A 135 -9.94 0.99 -6.66
CA MET A 135 -10.42 2.28 -6.14
C MET A 135 -10.63 3.33 -7.23
N GLY A 136 -9.95 3.24 -8.37
CA GLY A 136 -10.22 4.11 -9.51
C GLY A 136 -9.43 5.40 -9.47
N LEU A 137 -8.44 5.51 -8.57
CA LEU A 137 -7.53 6.64 -8.52
C LEU A 137 -6.49 6.43 -9.61
N ARG A 138 -6.93 6.61 -10.85
CA ARG A 138 -6.09 6.42 -12.00
C ARG A 138 -4.92 7.39 -11.95
N SER A 139 -5.16 8.62 -11.49
CA SER A 139 -4.15 9.64 -11.27
C SER A 139 -2.98 9.08 -10.46
N LEU A 140 -3.27 8.39 -9.36
CA LEU A 140 -2.28 7.82 -8.46
C LEU A 140 -1.48 6.73 -9.16
N CYS A 141 -2.18 5.77 -9.76
CA CYS A 141 -1.54 4.63 -10.40
C CYS A 141 -0.67 5.07 -11.58
N ALA A 142 -1.19 5.99 -12.38
CA ALA A 142 -0.50 6.66 -13.46
C ALA A 142 0.75 7.32 -12.89
N GLN A 143 0.62 8.28 -11.96
CA GLN A 143 1.74 8.94 -11.29
C GLN A 143 2.77 7.96 -10.71
N ALA A 144 2.35 6.77 -10.27
CA ALA A 144 3.23 5.77 -9.70
C ALA A 144 3.97 4.94 -10.77
N GLN A 145 3.65 5.06 -12.08
CA GLN A 145 4.13 4.14 -13.13
C GLN A 145 4.33 4.84 -14.48
N GLU A 146 4.50 6.16 -14.53
CA GLU A 146 4.47 6.96 -15.75
C GLU A 146 5.80 7.61 -16.15
N GLY A 147 6.84 7.43 -15.34
CA GLY A 147 8.14 8.05 -15.58
C GLY A 147 8.38 9.25 -14.67
N ALA A 148 7.76 9.31 -13.49
CA ALA A 148 8.28 10.09 -12.37
C ALA A 148 9.62 9.47 -11.88
N GLY A 149 10.67 9.61 -12.68
CA GLY A 149 11.98 9.00 -12.49
C GLY A 149 12.98 9.55 -13.53
N HIS A 150 14.15 8.93 -13.62
CA HIS A 150 15.14 9.25 -14.64
C HIS A 150 14.91 8.37 -15.88
N SER A 151 15.84 8.44 -16.84
CA SER A 151 16.13 7.41 -17.82
C SER A 151 17.65 7.28 -17.89
N MET A 59 17.24 9.38 -0.18
CA MET A 59 16.88 8.22 0.62
C MET A 59 15.65 7.52 0.06
N ALA A 60 15.24 6.45 0.73
CA ALA A 60 14.24 5.50 0.28
C ALA A 60 13.37 4.96 1.40
N GLY A 61 13.38 5.58 2.58
CA GLY A 61 12.65 5.17 3.77
C GLY A 61 13.34 3.99 4.47
N GLY A 62 13.86 3.07 3.66
CA GLY A 62 14.28 1.73 3.98
C GLY A 62 13.87 0.79 2.87
N ALA A 63 12.84 1.12 2.09
CA ALA A 63 12.09 0.23 1.19
C ALA A 63 10.75 0.85 0.75
N TRP A 64 10.58 2.16 0.87
CA TRP A 64 9.35 2.83 0.53
C TRP A 64 9.66 4.28 0.19
N GLY A 65 9.98 5.09 1.21
CA GLY A 65 10.28 6.51 1.13
C GLY A 65 9.20 7.24 0.34
N ARG A 66 9.49 7.52 -0.94
CA ARG A 66 8.58 8.09 -1.93
C ARG A 66 7.16 7.54 -1.84
N LEU A 67 7.01 6.21 -1.62
CA LEU A 67 5.69 5.58 -1.55
C LEU A 67 4.78 6.33 -0.56
N ALA A 68 5.30 6.76 0.58
CA ALA A 68 4.50 7.44 1.60
C ALA A 68 3.89 8.75 1.09
N CYS A 69 4.46 9.39 0.05
CA CYS A 69 3.84 10.57 -0.57
C CYS A 69 2.54 10.15 -1.28
N TYR A 70 2.60 9.10 -2.11
CA TYR A 70 1.42 8.56 -2.77
C TYR A 70 0.38 8.18 -1.70
N LEU A 71 0.82 7.56 -0.60
CA LEU A 71 -0.04 7.10 0.48
C LEU A 71 -0.43 8.24 1.45
N GLU A 72 -0.16 9.52 1.16
CA GLU A 72 -0.60 10.63 2.01
C GLU A 72 -1.41 11.67 1.26
N PHE A 73 -1.55 11.54 -0.07
CA PHE A 73 -2.48 12.38 -0.81
C PHE A 73 -3.89 12.20 -0.23
N LEU A 74 -4.21 10.94 0.10
CA LEU A 74 -5.46 10.49 0.69
C LEU A 74 -5.33 10.41 2.21
N LYS A 75 -6.48 10.30 2.86
CA LYS A 75 -6.64 10.12 4.30
C LYS A 75 -7.53 8.91 4.55
N LYS A 76 -7.94 8.66 5.80
CA LYS A 76 -8.74 7.50 6.26
C LYS A 76 -9.95 7.22 5.38
N GLU A 77 -10.41 8.25 4.67
CA GLU A 77 -11.32 8.24 3.53
C GLU A 77 -11.05 7.03 2.64
N GLU A 78 -9.86 6.97 2.02
CA GLU A 78 -9.49 6.02 0.97
C GLU A 78 -8.23 5.24 1.36
N LEU A 79 -7.41 5.79 2.28
CA LEU A 79 -6.26 5.12 2.86
C LEU A 79 -6.68 3.83 3.56
N LYS A 80 -7.79 3.89 4.29
CA LYS A 80 -8.30 2.73 4.98
C LYS A 80 -8.70 1.68 3.96
N GLU A 81 -9.55 2.05 3.00
CA GLU A 81 -10.01 1.10 1.99
C GLU A 81 -8.81 0.52 1.24
N PHE A 82 -7.80 1.31 0.87
CA PHE A 82 -6.57 0.81 0.27
C PHE A 82 -6.00 -0.34 1.10
N GLN A 83 -5.65 -0.06 2.36
CA GLN A 83 -4.94 -1.05 3.15
C GLN A 83 -5.82 -2.27 3.45
N LEU A 84 -7.14 -2.10 3.50
CA LEU A 84 -8.15 -3.12 3.72
C LEU A 84 -8.25 -4.02 2.50
N LEU A 85 -8.55 -3.46 1.33
CA LEU A 85 -8.72 -4.17 0.06
C LEU A 85 -7.42 -4.91 -0.29
N LEU A 86 -6.27 -4.27 -0.09
CA LEU A 86 -4.96 -4.85 -0.31
C LEU A 86 -4.81 -6.07 0.59
N ALA A 87 -4.97 -5.89 1.90
CA ALA A 87 -4.82 -6.95 2.89
C ALA A 87 -5.76 -8.12 2.61
N ASN A 88 -6.98 -7.84 2.12
CA ASN A 88 -7.93 -8.86 1.73
C ASN A 88 -7.36 -9.71 0.59
N LYS A 89 -6.99 -9.05 -0.52
CA LYS A 89 -6.54 -9.71 -1.74
C LYS A 89 -5.29 -10.52 -1.52
N ALA A 90 -4.22 -9.85 -1.07
CA ALA A 90 -2.90 -10.31 -0.62
C ALA A 90 -2.11 -11.29 -1.52
N HIS A 91 -2.70 -11.88 -2.54
CA HIS A 91 -2.56 -13.27 -2.99
C HIS A 91 -3.23 -14.20 -1.96
N SER A 92 -3.64 -15.38 -2.43
CA SER A 92 -3.97 -16.52 -1.61
C SER A 92 -4.16 -17.71 -2.55
N ARG A 93 -3.78 -18.89 -2.09
CA ARG A 93 -3.99 -20.15 -2.76
C ARG A 93 -5.32 -20.71 -2.26
N SER A 94 -6.19 -21.16 -3.17
CA SER A 94 -7.54 -21.60 -2.83
C SER A 94 -8.34 -20.50 -2.10
N SER A 95 -9.53 -20.84 -1.60
CA SER A 95 -10.52 -19.93 -1.04
C SER A 95 -10.55 -20.10 0.47
N SER A 96 -10.09 -19.13 1.25
CA SER A 96 -10.10 -19.19 2.71
C SER A 96 -10.30 -17.78 3.25
N GLY A 97 -11.41 -17.57 3.99
CA GLY A 97 -11.55 -16.40 4.85
C GLY A 97 -10.57 -16.48 6.03
N GLU A 98 -10.27 -17.72 6.46
CA GLU A 98 -9.31 -18.07 7.50
C GLU A 98 -9.61 -17.32 8.79
N THR A 99 -8.70 -17.32 9.75
CA THR A 99 -8.82 -16.48 10.93
C THR A 99 -8.83 -15.02 10.48
N PRO A 100 -9.74 -14.16 10.98
CA PRO A 100 -9.74 -12.76 10.60
C PRO A 100 -8.56 -12.04 11.27
N ALA A 101 -8.11 -10.95 10.64
CA ALA A 101 -7.09 -10.05 11.17
C ALA A 101 -7.37 -8.68 10.57
N GLN A 102 -7.15 -7.60 11.32
CA GLN A 102 -7.34 -6.22 10.85
C GLN A 102 -6.07 -5.40 11.13
N PRO A 103 -5.83 -4.34 10.35
CA PRO A 103 -4.58 -3.59 10.42
C PRO A 103 -4.58 -2.49 11.47
N GLU A 104 -3.58 -2.61 12.34
CA GLU A 104 -3.37 -1.87 13.59
C GLU A 104 -2.71 -0.49 13.44
N LYS A 105 -2.71 0.08 12.24
CA LYS A 105 -2.08 1.36 11.92
C LYS A 105 -2.98 2.19 10.99
N THR A 106 -2.74 3.50 10.84
CA THR A 106 -3.75 4.40 10.24
C THR A 106 -3.20 5.55 9.39
N SER A 107 -1.89 5.59 9.15
CA SER A 107 -1.26 6.55 8.26
C SER A 107 -0.51 5.80 7.14
N GLY A 108 -0.27 6.44 6.01
CA GLY A 108 0.35 5.84 4.84
C GLY A 108 1.82 5.52 5.05
N MET A 109 2.57 6.42 5.68
CA MET A 109 3.97 6.13 6.00
C MET A 109 4.10 4.94 6.96
N GLU A 110 3.06 4.60 7.74
CA GLU A 110 3.09 3.47 8.61
C GLU A 110 3.00 2.18 7.80
N VAL A 111 1.92 2.04 7.03
CA VAL A 111 1.65 0.87 6.23
C VAL A 111 2.77 0.58 5.23
N ALA A 112 3.51 1.60 4.82
CA ALA A 112 4.70 1.48 4.01
C ALA A 112 5.67 0.39 4.53
N SER A 113 6.15 0.50 5.77
CA SER A 113 7.00 -0.54 6.36
C SER A 113 6.25 -1.88 6.55
N TYR A 114 4.93 -1.84 6.72
CA TYR A 114 4.12 -3.06 6.93
C TYR A 114 4.15 -3.89 5.66
N LEU A 115 3.89 -3.25 4.53
CA LEU A 115 3.81 -3.88 3.23
C LEU A 115 5.15 -4.54 2.90
N VAL A 116 6.27 -3.87 3.22
CA VAL A 116 7.60 -4.44 3.07
C VAL A 116 7.77 -5.62 4.05
N ALA A 117 7.29 -5.50 5.29
CA ALA A 117 7.34 -6.57 6.28
C ALA A 117 6.53 -7.79 5.85
N GLN A 118 5.47 -7.62 5.08
CA GLN A 118 4.80 -8.72 4.41
C GLN A 118 5.77 -9.28 3.35
N TYR A 119 6.05 -8.52 2.29
CA TYR A 119 6.39 -9.11 0.99
C TYR A 119 7.81 -8.85 0.48
N GLY A 120 8.56 -7.99 1.16
CA GLY A 120 9.63 -7.23 0.54
C GLY A 120 9.00 -6.11 -0.29
N GLU A 121 9.85 -5.28 -0.89
CA GLU A 121 9.41 -4.17 -1.73
C GLU A 121 8.50 -4.61 -2.88
N GLN A 122 8.61 -5.86 -3.34
CA GLN A 122 7.96 -6.35 -4.54
C GLN A 122 6.46 -6.13 -4.48
N ARG A 123 5.74 -7.01 -3.78
CA ARG A 123 4.28 -6.89 -3.69
C ARG A 123 3.90 -5.65 -2.87
N ALA A 124 4.81 -5.14 -2.04
CA ALA A 124 4.59 -3.87 -1.37
C ALA A 124 4.39 -2.69 -2.34
N TRP A 125 4.72 -2.85 -3.62
CA TRP A 125 4.27 -1.92 -4.65
C TRP A 125 3.45 -2.62 -5.73
N ASP A 126 3.87 -3.75 -6.26
CA ASP A 126 3.18 -4.54 -7.29
C ASP A 126 1.70 -4.83 -6.97
N LEU A 127 1.39 -5.19 -5.72
CA LEU A 127 0.02 -5.52 -5.32
C LEU A 127 -0.71 -4.22 -5.01
N ALA A 128 -0.03 -3.29 -4.35
CA ALA A 128 -0.47 -1.90 -4.19
C ALA A 128 -0.87 -1.25 -5.54
N LEU A 129 -0.20 -1.53 -6.66
CA LEU A 129 -0.54 -1.05 -7.99
C LEU A 129 -1.90 -1.57 -8.45
N HIS A 130 -2.22 -2.83 -8.16
CA HIS A 130 -3.57 -3.38 -8.35
C HIS A 130 -4.56 -2.62 -7.45
N THR A 131 -4.19 -2.35 -6.20
CA THR A 131 -5.07 -1.75 -5.20
C THR A 131 -5.48 -0.36 -5.66
N TRP A 132 -4.55 0.34 -6.30
CA TRP A 132 -4.80 1.66 -6.86
C TRP A 132 -5.86 1.62 -7.98
N GLU A 133 -5.87 0.57 -8.80
CA GLU A 133 -6.88 0.43 -9.84
C GLU A 133 -8.21 -0.01 -9.23
N GLN A 134 -8.18 -0.89 -8.21
CA GLN A 134 -9.34 -1.29 -7.43
C GLN A 134 -10.09 -0.07 -6.87
N MET A 135 -9.38 0.90 -6.28
CA MET A 135 -9.99 2.10 -5.73
C MET A 135 -10.39 3.11 -6.81
N GLY A 136 -9.86 2.99 -8.03
CA GLY A 136 -10.15 3.93 -9.11
C GLY A 136 -9.39 5.24 -8.95
N LEU A 137 -8.10 5.21 -8.57
CA LEU A 137 -7.23 6.38 -8.51
C LEU A 137 -6.22 6.33 -9.66
N ARG A 138 -6.63 6.76 -10.85
CA ARG A 138 -5.75 6.76 -12.02
C ARG A 138 -4.55 7.66 -11.80
N SER A 139 -4.79 8.85 -11.25
CA SER A 139 -3.78 9.87 -10.94
C SER A 139 -2.74 9.43 -9.90
N LEU A 140 -2.83 8.20 -9.40
CA LEU A 140 -1.84 7.57 -8.55
C LEU A 140 -1.10 6.53 -9.39
N CYS A 141 -1.82 5.62 -10.04
CA CYS A 141 -1.28 4.61 -10.94
C CYS A 141 -0.39 5.20 -12.04
N ALA A 142 -0.83 6.26 -12.72
CA ALA A 142 -0.09 6.89 -13.80
C ALA A 142 1.30 7.28 -13.27
N GLN A 143 1.33 8.24 -12.34
CA GLN A 143 2.53 8.69 -11.63
C GLN A 143 3.29 7.57 -10.92
N ALA A 144 2.68 6.41 -10.63
CA ALA A 144 3.36 5.31 -9.98
C ALA A 144 4.38 4.65 -10.89
N GLN A 145 4.30 4.78 -12.22
CA GLN A 145 5.33 4.24 -13.13
C GLN A 145 5.89 5.32 -14.05
N GLU A 146 5.57 6.59 -13.80
CA GLU A 146 5.99 7.74 -14.59
C GLU A 146 6.90 8.66 -13.77
N GLY A 147 7.41 8.17 -12.63
CA GLY A 147 8.50 8.80 -11.91
C GLY A 147 8.09 10.08 -11.21
N ALA A 148 6.97 10.08 -10.46
CA ALA A 148 6.73 11.06 -9.43
C ALA A 148 7.51 10.67 -8.18
N GLY A 149 7.17 11.28 -7.06
CA GLY A 149 7.91 11.27 -5.80
C GLY A 149 7.60 12.52 -4.98
N HIS A 150 8.49 12.90 -4.06
CA HIS A 150 8.42 14.19 -3.36
C HIS A 150 9.79 14.89 -3.45
N SER A 151 10.71 14.60 -2.53
CA SER A 151 11.98 15.31 -2.45
C SER A 151 12.96 14.54 -1.57
N MET A 59 14.10 -0.97 11.26
CA MET A 59 14.10 -1.51 9.92
C MET A 59 14.98 -0.63 9.03
N ALA A 60 15.28 -1.12 7.84
CA ALA A 60 15.70 -0.31 6.71
C ALA A 60 14.49 0.44 6.17
N GLY A 61 14.62 1.02 4.98
CA GLY A 61 13.52 1.68 4.30
C GLY A 61 13.91 1.71 2.84
N GLY A 62 14.15 0.52 2.26
CA GLY A 62 14.58 0.38 0.87
C GLY A 62 13.56 0.98 -0.09
N ALA A 63 12.28 0.89 0.28
CA ALA A 63 11.15 1.43 -0.46
C ALA A 63 10.42 2.42 0.43
N TRP A 64 10.80 3.69 0.38
CA TRP A 64 10.26 4.70 1.27
C TRP A 64 10.19 6.01 0.52
N GLY A 65 9.58 7.02 1.15
CA GLY A 65 9.69 8.41 0.76
C GLY A 65 8.68 8.65 -0.33
N ARG A 66 9.11 8.50 -1.58
CA ARG A 66 8.27 8.55 -2.77
C ARG A 66 7.06 7.62 -2.63
N LEU A 67 7.28 6.39 -2.14
CA LEU A 67 6.23 5.42 -1.79
C LEU A 67 5.13 6.06 -0.95
N ALA A 68 5.50 6.74 0.14
CA ALA A 68 4.51 7.34 1.04
C ALA A 68 3.98 8.67 0.50
N CYS A 69 4.60 9.32 -0.50
CA CYS A 69 4.05 10.54 -1.09
C CYS A 69 2.70 10.26 -1.74
N TYR A 70 2.59 9.12 -2.43
CA TYR A 70 1.32 8.66 -2.99
C TYR A 70 0.29 8.40 -1.89
N LEU A 71 0.73 8.14 -0.66
CA LEU A 71 -0.13 7.82 0.47
C LEU A 71 -0.39 9.07 1.31
N GLU A 72 0.29 10.19 1.03
CA GLU A 72 0.20 11.40 1.83
C GLU A 72 -1.10 12.14 1.50
N PHE A 73 -1.56 12.05 0.26
CA PHE A 73 -2.67 12.84 -0.24
C PHE A 73 -4.06 12.26 0.15
N LEU A 74 -4.07 11.04 0.71
CA LEU A 74 -5.25 10.25 1.03
C LEU A 74 -6.05 10.86 2.19
N LYS A 75 -7.25 10.30 2.45
CA LYS A 75 -7.89 10.31 3.78
C LYS A 75 -8.45 8.93 4.09
N LYS A 76 -8.88 8.71 5.34
CA LYS A 76 -9.34 7.41 5.90
C LYS A 76 -10.18 6.62 4.91
N GLU A 77 -11.14 7.29 4.30
CA GLU A 77 -12.20 6.70 3.50
C GLU A 77 -11.65 5.93 2.30
N GLU A 78 -10.39 6.17 1.91
CA GLU A 78 -9.74 5.50 0.82
C GLU A 78 -8.36 4.98 1.25
N LEU A 79 -7.73 5.57 2.27
CA LEU A 79 -6.48 5.10 2.88
C LEU A 79 -6.67 3.77 3.62
N LYS A 80 -7.79 3.66 4.32
CA LYS A 80 -8.17 2.47 5.07
C LYS A 80 -8.58 1.43 4.05
N GLU A 81 -9.50 1.76 3.16
CA GLU A 81 -9.94 0.83 2.12
C GLU A 81 -8.76 0.36 1.28
N PHE A 82 -7.77 1.20 0.96
CA PHE A 82 -6.55 0.75 0.30
C PHE A 82 -5.93 -0.40 1.08
N GLN A 83 -5.55 -0.17 2.34
CA GLN A 83 -4.84 -1.19 3.10
C GLN A 83 -5.74 -2.41 3.43
N LEU A 84 -7.05 -2.23 3.45
CA LEU A 84 -8.07 -3.24 3.59
C LEU A 84 -8.09 -4.11 2.34
N LEU A 85 -8.57 -3.57 1.21
CA LEU A 85 -8.76 -4.24 -0.07
C LEU A 85 -7.48 -4.99 -0.46
N LEU A 86 -6.31 -4.36 -0.28
CA LEU A 86 -4.99 -4.94 -0.34
C LEU A 86 -4.93 -6.26 0.43
N ALA A 87 -5.07 -6.22 1.75
CA ALA A 87 -4.89 -7.38 2.62
C ALA A 87 -6.12 -8.30 2.60
N ASN A 88 -7.16 -7.99 1.85
CA ASN A 88 -8.37 -8.80 1.70
C ASN A 88 -8.21 -9.70 0.46
N LYS A 89 -7.61 -9.17 -0.60
CA LYS A 89 -7.07 -9.91 -1.73
C LYS A 89 -5.92 -10.76 -1.21
N ALA A 90 -4.87 -10.11 -0.69
CA ALA A 90 -3.60 -10.75 -0.43
C ALA A 90 -3.62 -11.61 0.83
N HIS A 91 -2.67 -12.54 0.93
CA HIS A 91 -2.57 -13.74 1.76
C HIS A 91 -3.04 -14.94 0.93
N SER A 92 -3.18 -16.09 1.60
CA SER A 92 -3.68 -17.37 1.13
C SER A 92 -3.28 -18.36 2.20
N ARG A 93 -4.25 -18.90 2.95
CA ARG A 93 -3.98 -20.00 3.86
C ARG A 93 -5.26 -20.79 4.05
N SER A 94 -6.20 -20.23 4.81
CA SER A 94 -7.53 -20.75 5.11
C SER A 94 -8.25 -19.67 5.91
N SER A 95 -7.58 -19.08 6.92
CA SER A 95 -8.10 -18.06 7.84
C SER A 95 -9.04 -18.70 8.87
N SER A 96 -8.70 -18.62 10.16
CA SER A 96 -9.54 -19.13 11.23
C SER A 96 -10.84 -18.33 11.31
N GLY A 97 -10.76 -17.02 11.03
CA GLY A 97 -11.88 -16.11 11.18
C GLY A 97 -12.01 -15.76 12.66
N GLU A 98 -10.94 -15.19 13.22
CA GLU A 98 -11.00 -14.47 14.48
C GLU A 98 -11.90 -13.23 14.31
N THR A 99 -12.34 -12.62 15.41
CA THR A 99 -13.17 -11.43 15.37
C THR A 99 -12.45 -10.27 14.64
N PRO A 100 -13.20 -9.31 14.06
CA PRO A 100 -12.59 -8.22 13.33
C PRO A 100 -11.94 -7.24 14.31
N ALA A 101 -10.93 -6.52 13.85
CA ALA A 101 -10.20 -5.51 14.60
C ALA A 101 -9.66 -4.47 13.62
N GLN A 102 -8.97 -3.45 14.12
CA GLN A 102 -8.42 -2.38 13.31
C GLN A 102 -6.92 -2.29 13.55
N PRO A 103 -6.12 -2.09 12.50
CA PRO A 103 -4.68 -1.95 12.57
C PRO A 103 -4.30 -0.56 13.09
N GLU A 104 -3.27 -0.50 13.90
CA GLU A 104 -2.81 0.72 14.57
C GLU A 104 -1.80 1.50 13.72
N LYS A 105 -2.09 1.68 12.42
CA LYS A 105 -1.32 2.59 11.57
C LYS A 105 -2.27 3.37 10.68
N THR A 106 -2.59 4.59 11.07
CA THR A 106 -3.34 5.55 10.26
C THR A 106 -2.43 6.63 9.69
N SER A 107 -1.14 6.35 9.45
CA SER A 107 -0.28 7.20 8.63
C SER A 107 0.21 6.40 7.43
N GLY A 108 0.27 7.06 6.28
CA GLY A 108 0.70 6.45 5.04
C GLY A 108 2.12 5.88 5.14
N MET A 109 3.00 6.57 5.85
CA MET A 109 4.40 6.20 5.97
C MET A 109 4.60 4.98 6.87
N GLU A 110 3.71 4.73 7.84
CA GLU A 110 3.79 3.51 8.63
C GLU A 110 3.17 2.33 7.89
N VAL A 111 2.08 2.52 7.14
CA VAL A 111 1.55 1.53 6.21
C VAL A 111 2.67 1.14 5.22
N ALA A 112 3.45 2.12 4.75
CA ALA A 112 4.57 1.89 3.85
C ALA A 112 5.60 0.94 4.44
N SER A 113 6.27 1.35 5.52
CA SER A 113 7.30 0.52 6.13
C SER A 113 6.76 -0.85 6.55
N TYR A 114 5.48 -0.92 6.91
CA TYR A 114 4.83 -2.16 7.29
C TYR A 114 4.80 -3.07 6.07
N LEU A 115 4.24 -2.60 4.95
CA LEU A 115 4.06 -3.43 3.78
C LEU A 115 5.40 -3.87 3.20
N VAL A 116 6.37 -2.94 3.16
CA VAL A 116 7.73 -3.17 2.69
C VAL A 116 8.45 -4.24 3.54
N ALA A 117 8.07 -4.41 4.82
CA ALA A 117 8.63 -5.42 5.72
C ALA A 117 7.74 -6.64 5.91
N GLN A 118 6.53 -6.66 5.33
CA GLN A 118 5.61 -7.80 5.35
C GLN A 118 5.78 -8.64 4.09
N TYR A 119 5.98 -8.00 2.94
CA TYR A 119 6.14 -8.65 1.64
C TYR A 119 7.57 -8.51 1.13
N GLY A 120 8.06 -7.26 1.04
CA GLY A 120 9.28 -6.91 0.33
C GLY A 120 8.96 -5.96 -0.82
N GLU A 121 9.97 -5.22 -1.27
CA GLU A 121 9.82 -4.02 -2.08
C GLU A 121 9.02 -4.23 -3.36
N GLN A 122 9.09 -5.41 -3.98
CA GLN A 122 8.28 -5.74 -5.15
C GLN A 122 6.81 -5.65 -4.82
N ARG A 123 6.27 -6.63 -4.09
CA ARG A 123 4.82 -6.68 -3.89
C ARG A 123 4.37 -5.45 -3.13
N ALA A 124 5.23 -4.91 -2.26
CA ALA A 124 4.88 -3.75 -1.47
C ALA A 124 4.65 -2.50 -2.33
N TRP A 125 4.89 -2.53 -3.64
CA TRP A 125 4.26 -1.62 -4.59
C TRP A 125 3.44 -2.36 -5.65
N ASP A 126 3.97 -3.41 -6.27
CA ASP A 126 3.36 -4.17 -7.37
C ASP A 126 1.95 -4.70 -7.07
N LEU A 127 1.66 -5.06 -5.82
CA LEU A 127 0.35 -5.51 -5.34
C LEU A 127 -0.53 -4.27 -5.16
N ALA A 128 0.04 -3.27 -4.48
CA ALA A 128 -0.52 -1.95 -4.22
C ALA A 128 -0.97 -1.22 -5.50
N LEU A 129 -0.27 -1.37 -6.64
CA LEU A 129 -0.65 -0.81 -7.93
C LEU A 129 -2.05 -1.25 -8.31
N HIS A 130 -2.31 -2.56 -8.24
CA HIS A 130 -3.62 -3.13 -8.53
C HIS A 130 -4.66 -2.58 -7.55
N THR A 131 -4.30 -2.39 -6.27
CA THR A 131 -5.19 -1.87 -5.24
C THR A 131 -5.62 -0.44 -5.58
N TRP A 132 -4.77 0.32 -6.27
CA TRP A 132 -5.19 1.66 -6.73
C TRP A 132 -6.37 1.55 -7.67
N GLU A 133 -6.26 0.63 -8.64
CA GLU A 133 -7.27 0.39 -9.64
C GLU A 133 -8.56 -0.11 -9.02
N GLN A 134 -8.45 -0.86 -7.92
CA GLN A 134 -9.61 -1.32 -7.14
C GLN A 134 -10.43 -0.15 -6.59
N MET A 135 -9.81 0.91 -6.08
CA MET A 135 -10.50 2.15 -5.70
C MET A 135 -10.75 3.06 -6.92
N GLY A 136 -10.07 2.81 -8.04
CA GLY A 136 -10.20 3.54 -9.29
C GLY A 136 -9.20 4.69 -9.44
N LEU A 137 -8.19 4.85 -8.57
CA LEU A 137 -7.34 6.04 -8.51
C LEU A 137 -6.30 6.02 -9.63
N ARG A 138 -6.75 6.35 -10.83
CA ARG A 138 -5.98 6.34 -12.05
C ARG A 138 -4.73 7.18 -11.87
N SER A 139 -4.88 8.41 -11.38
CA SER A 139 -3.78 9.36 -11.24
C SER A 139 -2.70 8.84 -10.31
N LEU A 140 -3.05 8.14 -9.23
CA LEU A 140 -2.06 7.56 -8.33
C LEU A 140 -1.34 6.43 -9.05
N CYS A 141 -2.10 5.52 -9.66
CA CYS A 141 -1.56 4.42 -10.46
C CYS A 141 -0.60 4.96 -11.53
N ALA A 142 -0.95 6.09 -12.15
CA ALA A 142 -0.20 6.78 -13.20
C ALA A 142 1.11 7.35 -12.66
N GLN A 143 1.05 8.19 -11.62
CA GLN A 143 2.24 8.76 -10.99
C GLN A 143 3.17 7.64 -10.46
N ALA A 144 2.63 6.45 -10.13
CA ALA A 144 3.40 5.26 -9.72
C ALA A 144 3.99 4.47 -10.90
N GLN A 145 3.80 4.89 -12.16
CA GLN A 145 4.25 4.17 -13.36
C GLN A 145 4.90 5.10 -14.38
N GLU A 146 4.92 6.41 -14.16
CA GLU A 146 5.48 7.42 -15.05
C GLU A 146 7.00 7.30 -15.25
N GLY A 147 7.66 6.33 -14.63
CA GLY A 147 9.09 6.07 -14.67
C GLY A 147 9.56 5.43 -13.37
N ALA A 148 8.77 5.59 -12.30
CA ALA A 148 8.70 4.70 -11.17
C ALA A 148 8.39 3.31 -11.71
N GLY A 149 9.40 2.47 -11.69
CA GLY A 149 9.39 1.05 -11.98
C GLY A 149 10.58 0.42 -11.25
N HIS A 150 11.16 -0.62 -11.82
CA HIS A 150 12.29 -1.36 -11.26
C HIS A 150 13.43 -1.44 -12.29
N SER A 151 14.61 -1.91 -11.86
CA SER A 151 15.85 -1.79 -12.63
C SER A 151 16.84 -2.87 -12.21
N MET A 59 16.65 8.94 3.16
CA MET A 59 15.49 9.42 3.92
C MET A 59 14.79 8.23 4.56
N ALA A 60 13.91 8.48 5.53
CA ALA A 60 13.03 7.48 6.11
C ALA A 60 12.13 6.93 5.00
N GLY A 61 12.52 5.80 4.43
CA GLY A 61 12.09 5.39 3.12
C GLY A 61 12.73 4.08 2.70
N GLY A 62 13.26 3.28 3.63
CA GLY A 62 14.37 2.35 3.43
C GLY A 62 14.28 1.35 2.28
N ALA A 63 13.08 1.07 1.79
CA ALA A 63 12.83 0.27 0.58
C ALA A 63 11.48 0.60 -0.04
N TRP A 64 11.04 1.84 0.15
CA TRP A 64 9.69 2.24 -0.19
C TRP A 64 9.66 3.69 -0.67
N GLY A 65 10.48 4.58 -0.09
CA GLY A 65 10.64 5.99 -0.45
C GLY A 65 9.33 6.67 -0.80
N ARG A 66 9.11 6.92 -2.09
CA ARG A 66 7.98 7.70 -2.59
C ARG A 66 6.61 7.10 -2.25
N LEU A 67 6.55 5.81 -1.86
CA LEU A 67 5.34 5.15 -1.34
C LEU A 67 4.59 6.09 -0.41
N ALA A 68 5.25 6.54 0.66
CA ALA A 68 4.54 7.30 1.67
C ALA A 68 4.13 8.69 1.18
N CYS A 69 4.71 9.22 0.10
CA CYS A 69 4.25 10.47 -0.46
C CYS A 69 2.84 10.26 -1.05
N TYR A 70 2.63 9.16 -1.78
CA TYR A 70 1.30 8.83 -2.25
C TYR A 70 0.37 8.60 -1.07
N LEU A 71 0.85 7.88 -0.06
CA LEU A 71 0.08 7.56 1.14
C LEU A 71 0.02 8.75 2.12
N GLU A 72 0.48 9.94 1.70
CA GLU A 72 0.28 11.25 2.33
C GLU A 72 -0.71 12.09 1.52
N PHE A 73 -1.02 11.73 0.26
CA PHE A 73 -2.08 12.39 -0.51
C PHE A 73 -3.42 12.03 0.12
N LEU A 74 -3.74 10.74 0.16
CA LEU A 74 -5.03 10.25 0.59
C LEU A 74 -5.02 10.01 2.10
N LYS A 75 -6.19 10.18 2.68
CA LYS A 75 -6.47 10.12 4.10
C LYS A 75 -7.42 8.97 4.33
N LYS A 76 -7.94 8.83 5.55
CA LYS A 76 -8.52 7.60 6.05
C LYS A 76 -9.72 7.10 5.25
N GLU A 77 -10.33 7.92 4.41
CA GLU A 77 -11.24 7.45 3.36
C GLU A 77 -10.59 6.30 2.59
N GLU A 78 -9.60 6.63 1.78
CA GLU A 78 -9.17 5.78 0.70
C GLU A 78 -7.82 5.16 1.06
N LEU A 79 -7.10 5.70 2.05
CA LEU A 79 -5.98 5.05 2.71
C LEU A 79 -6.46 3.78 3.39
N LYS A 80 -7.63 3.83 4.07
CA LYS A 80 -8.16 2.62 4.69
C LYS A 80 -8.63 1.65 3.63
N GLU A 81 -9.40 2.06 2.61
CA GLU A 81 -9.76 1.15 1.52
C GLU A 81 -8.52 0.52 0.92
N PHE A 82 -7.47 1.29 0.65
CA PHE A 82 -6.24 0.75 0.11
C PHE A 82 -5.68 -0.36 1.00
N GLN A 83 -5.64 -0.18 2.32
CA GLN A 83 -5.21 -1.23 3.22
C GLN A 83 -6.18 -2.43 3.17
N LEU A 84 -7.48 -2.15 3.24
CA LEU A 84 -8.58 -3.08 3.41
C LEU A 84 -8.65 -4.01 2.20
N LEU A 85 -8.93 -3.42 1.04
CA LEU A 85 -9.07 -4.06 -0.25
C LEU A 85 -7.83 -4.91 -0.56
N LEU A 86 -6.62 -4.36 -0.39
CA LEU A 86 -5.36 -5.03 -0.62
C LEU A 86 -5.25 -6.22 0.33
N ALA A 87 -5.36 -6.00 1.64
CA ALA A 87 -5.17 -7.07 2.60
C ALA A 87 -6.23 -8.17 2.44
N ASN A 88 -7.40 -7.84 1.90
CA ASN A 88 -8.45 -8.81 1.56
C ASN A 88 -8.15 -9.53 0.24
N LYS A 89 -7.43 -8.90 -0.70
CA LYS A 89 -6.80 -9.57 -1.83
C LYS A 89 -5.73 -10.55 -1.33
N ALA A 90 -4.91 -10.11 -0.37
CA ALA A 90 -3.81 -10.88 0.17
C ALA A 90 -4.29 -11.90 1.22
N HIS A 91 -5.18 -12.78 0.76
CA HIS A 91 -5.56 -14.02 1.41
C HIS A 91 -4.34 -14.78 1.94
N SER A 92 -4.35 -15.10 3.23
CA SER A 92 -3.38 -15.98 3.86
C SER A 92 -4.03 -16.63 5.10
N ARG A 93 -3.30 -17.50 5.82
CA ARG A 93 -3.86 -18.62 6.59
C ARG A 93 -4.80 -19.42 5.68
N SER A 94 -5.70 -20.19 6.27
CA SER A 94 -6.89 -20.73 5.66
C SER A 94 -7.94 -20.80 6.76
N SER A 95 -9.20 -21.00 6.38
CA SER A 95 -10.39 -20.58 7.12
C SER A 95 -10.42 -19.04 7.24
N SER A 96 -11.61 -18.51 7.54
CA SER A 96 -11.94 -17.10 7.33
C SER A 96 -11.60 -16.64 5.89
N GLY A 97 -11.62 -15.32 5.66
CA GLY A 97 -11.13 -14.69 4.45
C GLY A 97 -10.08 -13.69 4.92
N GLU A 98 -10.52 -12.56 5.46
CA GLU A 98 -9.63 -11.75 6.30
C GLU A 98 -9.30 -12.55 7.56
N THR A 99 -8.03 -12.55 7.93
CA THR A 99 -7.55 -13.18 9.16
C THR A 99 -7.96 -12.35 10.39
N PRO A 100 -7.88 -12.93 11.60
CA PRO A 100 -7.94 -12.15 12.84
C PRO A 100 -6.63 -11.38 13.02
N ALA A 101 -6.55 -10.61 14.11
CA ALA A 101 -5.41 -9.77 14.51
C ALA A 101 -5.04 -8.77 13.43
N GLN A 102 -5.96 -7.84 13.16
CA GLN A 102 -5.71 -6.68 12.32
C GLN A 102 -4.62 -5.81 12.95
N PRO A 103 -3.77 -5.18 12.13
CA PRO A 103 -2.62 -4.43 12.60
C PRO A 103 -3.01 -3.06 13.16
N GLU A 104 -2.12 -2.45 13.94
CA GLU A 104 -2.36 -1.22 14.69
C GLU A 104 -1.60 -0.03 14.14
N LYS A 105 -1.09 -0.17 12.92
CA LYS A 105 -0.55 0.96 12.18
C LYS A 105 -1.71 1.66 11.48
N THR A 106 -1.56 2.96 11.20
CA THR A 106 -2.62 3.83 10.67
C THR A 106 -2.12 4.87 9.69
N SER A 107 -0.81 4.92 9.44
CA SER A 107 -0.22 6.01 8.69
C SER A 107 0.54 5.47 7.50
N GLY A 108 0.45 6.16 6.36
CA GLY A 108 1.05 5.77 5.10
C GLY A 108 2.49 5.32 5.23
N MET A 109 3.31 6.18 5.83
CA MET A 109 4.73 5.95 6.10
C MET A 109 5.02 4.65 6.87
N GLU A 110 4.10 4.15 7.70
CA GLU A 110 4.31 2.94 8.47
C GLU A 110 3.67 1.74 7.79
N VAL A 111 2.53 1.92 7.11
CA VAL A 111 1.95 0.93 6.21
C VAL A 111 3.00 0.58 5.14
N ALA A 112 3.77 1.56 4.62
CA ALA A 112 4.83 1.33 3.63
C ALA A 112 5.89 0.37 4.15
N SER A 113 6.56 0.73 5.24
CA SER A 113 7.60 -0.11 5.81
C SER A 113 7.06 -1.46 6.31
N TYR A 114 5.77 -1.53 6.63
CA TYR A 114 5.09 -2.76 7.04
C TYR A 114 4.87 -3.65 5.82
N LEU A 115 4.46 -3.07 4.70
CA LEU A 115 4.29 -3.76 3.43
C LEU A 115 5.61 -4.38 2.98
N VAL A 116 6.68 -3.58 3.00
CA VAL A 116 8.05 -4.04 2.75
C VAL A 116 8.38 -5.20 3.68
N ALA A 117 8.05 -5.13 4.98
CA ALA A 117 8.28 -6.23 5.89
C ALA A 117 7.50 -7.48 5.44
N GLN A 118 6.18 -7.38 5.34
CA GLN A 118 5.29 -8.52 5.13
C GLN A 118 5.53 -9.23 3.80
N TYR A 119 5.78 -8.48 2.72
CA TYR A 119 5.84 -9.04 1.38
C TYR A 119 7.19 -8.85 0.68
N GLY A 120 7.97 -7.85 1.07
CA GLY A 120 9.15 -7.39 0.35
C GLY A 120 8.81 -6.19 -0.53
N GLU A 121 9.81 -5.39 -0.88
CA GLU A 121 9.69 -4.13 -1.62
C GLU A 121 8.98 -4.23 -2.97
N GLN A 122 9.05 -5.41 -3.61
CA GLN A 122 8.35 -5.71 -4.85
C GLN A 122 6.86 -5.65 -4.64
N ARG A 123 6.29 -6.66 -3.99
CA ARG A 123 4.85 -6.72 -3.77
C ARG A 123 4.38 -5.54 -2.93
N ALA A 124 5.28 -4.94 -2.14
CA ALA A 124 4.92 -3.75 -1.39
C ALA A 124 4.46 -2.61 -2.31
N TRP A 125 4.78 -2.66 -3.60
CA TRP A 125 4.11 -1.87 -4.61
C TRP A 125 3.36 -2.77 -5.60
N ASP A 126 4.02 -3.70 -6.26
CA ASP A 126 3.46 -4.60 -7.30
C ASP A 126 2.16 -5.33 -6.94
N LEU A 127 1.90 -5.64 -5.66
CA LEU A 127 0.60 -6.14 -5.18
C LEU A 127 -0.25 -4.92 -4.84
N ALA A 128 0.27 -4.02 -4.00
CA ALA A 128 -0.41 -2.85 -3.50
C ALA A 128 -0.99 -1.94 -4.60
N LEU A 129 -0.41 -1.96 -5.81
CA LEU A 129 -0.86 -1.26 -7.00
C LEU A 129 -2.28 -1.65 -7.33
N HIS A 130 -2.65 -2.93 -7.21
CA HIS A 130 -3.89 -3.44 -7.78
C HIS A 130 -5.13 -2.71 -7.24
N THR A 131 -5.01 -2.06 -6.09
CA THR A 131 -6.06 -1.28 -5.44
C THR A 131 -6.47 -0.10 -6.33
N TRP A 132 -5.57 0.36 -7.21
CA TRP A 132 -5.81 1.50 -8.08
C TRP A 132 -7.02 1.21 -8.95
N GLU A 133 -7.13 -0.04 -9.41
CA GLU A 133 -8.09 -0.47 -10.40
C GLU A 133 -9.48 -0.53 -9.74
N GLN A 134 -9.56 -0.95 -8.47
CA GLN A 134 -10.78 -0.95 -7.68
C GLN A 134 -11.17 0.44 -7.22
N MET A 135 -10.28 1.16 -6.54
CA MET A 135 -10.57 2.47 -5.97
C MET A 135 -10.65 3.53 -7.07
N GLY A 136 -10.12 3.28 -8.27
CA GLY A 136 -10.21 4.12 -9.45
C GLY A 136 -9.10 5.17 -9.61
N LEU A 137 -8.06 5.18 -8.77
CA LEU A 137 -7.17 6.33 -8.65
C LEU A 137 -6.16 6.36 -9.79
N ARG A 138 -6.49 7.13 -10.83
CA ARG A 138 -5.64 7.37 -11.99
C ARG A 138 -4.29 7.91 -11.58
N SER A 139 -4.23 9.04 -10.87
CA SER A 139 -2.96 9.70 -10.62
C SER A 139 -2.07 8.88 -9.69
N LEU A 140 -2.63 7.92 -8.94
CA LEU A 140 -1.83 6.91 -8.24
C LEU A 140 -1.22 5.99 -9.27
N CYS A 141 -2.04 5.26 -10.04
CA CYS A 141 -1.55 4.30 -11.03
C CYS A 141 -0.49 4.90 -11.95
N ALA A 142 -0.71 6.16 -12.33
CA ALA A 142 0.20 7.01 -13.08
C ALA A 142 1.51 7.15 -12.30
N GLN A 143 1.60 8.07 -11.32
CA GLN A 143 2.89 8.40 -10.71
C GLN A 143 3.56 7.22 -9.99
N ALA A 144 2.79 6.23 -9.52
CA ALA A 144 3.32 4.98 -8.97
C ALA A 144 4.28 4.27 -9.92
N GLN A 145 4.18 4.50 -11.24
CA GLN A 145 4.76 3.68 -12.29
C GLN A 145 5.35 4.55 -13.41
N GLU A 146 5.76 5.78 -13.12
CA GLU A 146 6.25 6.75 -14.10
C GLU A 146 7.61 7.36 -13.70
N GLY A 147 8.47 6.52 -13.13
CA GLY A 147 9.88 6.79 -12.84
C GLY A 147 10.09 7.56 -11.53
N ALA A 148 9.01 7.75 -10.75
CA ALA A 148 8.88 8.71 -9.66
C ALA A 148 9.72 8.42 -8.41
N GLY A 149 10.61 7.43 -8.45
CA GLY A 149 11.51 7.04 -7.36
C GLY A 149 12.14 8.23 -6.65
N HIS A 150 12.08 8.21 -5.32
CA HIS A 150 12.59 9.15 -4.34
C HIS A 150 12.28 10.64 -4.56
N SER A 151 12.65 11.43 -3.55
CA SER A 151 12.35 12.84 -3.41
C SER A 151 13.22 13.29 -2.23
N MET A 59 17.53 8.55 7.81
CA MET A 59 16.75 8.53 6.59
C MET A 59 15.28 8.24 6.85
N ALA A 60 14.54 8.22 5.75
CA ALA A 60 13.16 7.86 5.57
C ALA A 60 13.10 6.98 4.34
N GLY A 61 12.29 5.93 4.36
CA GLY A 61 12.18 5.04 3.24
C GLY A 61 13.36 4.10 3.24
N GLY A 62 13.37 3.18 4.21
CA GLY A 62 14.21 1.99 4.15
C GLY A 62 14.06 1.32 2.79
N ALA A 63 12.82 1.22 2.32
CA ALA A 63 12.45 0.44 1.14
C ALA A 63 11.08 0.84 0.58
N TRP A 64 10.70 2.11 0.72
CA TRP A 64 9.39 2.58 0.31
C TRP A 64 9.50 4.01 -0.19
N GLY A 65 9.86 4.92 0.70
CA GLY A 65 10.10 6.34 0.45
C GLY A 65 8.97 6.96 -0.36
N ARG A 66 9.15 7.14 -1.67
CA ARG A 66 8.13 7.70 -2.55
C ARG A 66 6.80 6.92 -2.47
N LEU A 67 6.79 5.63 -2.12
CA LEU A 67 5.56 4.89 -1.81
C LEU A 67 4.70 5.67 -0.81
N ALA A 68 5.29 6.10 0.30
CA ALA A 68 4.59 6.87 1.33
C ALA A 68 4.08 8.20 0.77
N CYS A 69 4.65 8.73 -0.32
CA CYS A 69 4.23 9.99 -0.92
C CYS A 69 2.88 9.83 -1.65
N TYR A 70 2.68 8.74 -2.41
CA TYR A 70 1.35 8.40 -2.93
C TYR A 70 0.41 8.20 -1.73
N LEU A 71 0.88 7.53 -0.68
CA LEU A 71 0.10 7.32 0.54
C LEU A 71 0.00 8.61 1.40
N GLU A 72 0.46 9.77 0.92
CA GLU A 72 0.37 11.08 1.57
C GLU A 72 -0.61 12.00 0.81
N PHE A 73 -1.10 11.61 -0.37
CA PHE A 73 -2.19 12.33 -1.02
C PHE A 73 -3.48 12.05 -0.23
N LEU A 74 -3.87 10.77 -0.15
CA LEU A 74 -5.12 10.31 0.45
C LEU A 74 -5.08 10.37 1.96
N LYS A 75 -6.25 10.26 2.60
CA LYS A 75 -6.44 10.39 4.03
C LYS A 75 -7.19 9.20 4.61
N LYS A 76 -7.62 9.28 5.88
CA LYS A 76 -8.36 8.23 6.58
C LYS A 76 -9.62 7.71 5.87
N GLU A 77 -10.09 8.38 4.82
CA GLU A 77 -11.04 7.83 3.86
C GLU A 77 -10.40 6.67 3.10
N GLU A 78 -9.38 6.96 2.28
CA GLU A 78 -9.01 6.08 1.18
C GLU A 78 -7.75 5.30 1.55
N LEU A 79 -6.95 5.81 2.49
CA LEU A 79 -5.86 5.09 3.13
C LEU A 79 -6.42 3.81 3.80
N LYS A 80 -7.59 3.94 4.44
CA LYS A 80 -8.33 2.85 5.06
C LYS A 80 -8.68 1.80 4.01
N GLU A 81 -9.54 2.12 3.04
CA GLU A 81 -10.02 1.09 2.12
C GLU A 81 -8.85 0.46 1.35
N PHE A 82 -7.78 1.20 1.06
CA PHE A 82 -6.61 0.62 0.40
C PHE A 82 -6.07 -0.56 1.20
N GLN A 83 -5.65 -0.34 2.45
CA GLN A 83 -4.95 -1.39 3.19
C GLN A 83 -5.90 -2.55 3.51
N LEU A 84 -7.19 -2.26 3.65
CA LEU A 84 -8.28 -3.20 3.79
C LEU A 84 -8.34 -4.09 2.54
N LEU A 85 -8.64 -3.51 1.38
CA LEU A 85 -8.79 -4.23 0.12
C LEU A 85 -7.53 -4.98 -0.26
N LEU A 86 -6.36 -4.37 -0.07
CA LEU A 86 -5.08 -4.97 -0.39
C LEU A 86 -4.91 -6.25 0.43
N ALA A 87 -5.11 -6.17 1.76
CA ALA A 87 -5.00 -7.32 2.64
C ALA A 87 -6.07 -8.37 2.31
N ASN A 88 -7.24 -7.96 1.81
CA ASN A 88 -8.29 -8.89 1.36
C ASN A 88 -7.82 -9.63 0.10
N LYS A 89 -7.31 -8.89 -0.90
CA LYS A 89 -6.77 -9.35 -2.17
C LYS A 89 -5.66 -10.36 -1.94
N ALA A 90 -4.61 -9.94 -1.24
CA ALA A 90 -3.45 -10.75 -0.97
C ALA A 90 -3.84 -11.82 0.03
N HIS A 91 -4.18 -13.01 -0.47
CA HIS A 91 -4.50 -14.19 0.32
C HIS A 91 -3.48 -14.37 1.44
N SER A 92 -3.88 -14.00 2.66
CA SER A 92 -3.06 -14.03 3.86
C SER A 92 -4.03 -14.23 5.03
N ARG A 93 -3.50 -14.60 6.19
CA ARG A 93 -4.20 -15.15 7.35
C ARG A 93 -4.91 -16.47 7.02
N SER A 94 -5.77 -16.54 6.01
CA SER A 94 -6.57 -17.70 5.61
C SER A 94 -5.68 -18.91 5.30
N SER A 95 -5.35 -19.73 6.28
CA SER A 95 -4.37 -20.81 6.14
C SER A 95 -4.63 -21.89 7.19
N SER A 96 -4.71 -21.48 8.45
CA SER A 96 -4.71 -22.40 9.59
C SER A 96 -5.86 -22.10 10.56
N GLY A 97 -6.68 -21.06 10.32
CA GLY A 97 -7.86 -20.73 11.11
C GLY A 97 -7.58 -20.16 12.50
N GLU A 98 -6.32 -20.18 12.94
CA GLU A 98 -5.89 -19.92 14.31
C GLU A 98 -5.85 -18.41 14.60
N THR A 99 -6.85 -17.91 15.32
CA THR A 99 -6.86 -16.61 16.00
C THR A 99 -6.91 -15.40 15.03
N PRO A 100 -7.21 -14.18 15.54
CA PRO A 100 -7.19 -12.95 14.76
C PRO A 100 -5.76 -12.51 14.42
N ALA A 101 -5.63 -11.54 13.52
CA ALA A 101 -4.34 -10.95 13.15
C ALA A 101 -4.62 -9.58 12.52
N GLN A 102 -4.96 -8.59 13.35
CA GLN A 102 -5.17 -7.23 12.89
C GLN A 102 -3.86 -6.45 12.97
N PRO A 103 -3.54 -5.62 11.97
CA PRO A 103 -2.45 -4.66 12.02
C PRO A 103 -2.84 -3.46 12.89
N GLU A 104 -1.83 -2.69 13.30
CA GLU A 104 -1.94 -1.65 14.34
C GLU A 104 -1.42 -0.30 13.85
N LYS A 105 -1.41 -0.11 12.52
CA LYS A 105 -0.93 1.11 11.89
C LYS A 105 -2.00 1.65 10.95
N THR A 106 -2.04 2.98 10.82
CA THR A 106 -3.19 3.71 10.27
C THR A 106 -2.76 4.93 9.47
N SER A 107 -1.48 5.02 9.09
CA SER A 107 -0.97 6.11 8.30
C SER A 107 -0.06 5.55 7.23
N GLY A 108 0.01 6.21 6.08
CA GLY A 108 0.56 5.68 4.86
C GLY A 108 2.01 5.27 5.00
N MET A 109 2.83 6.12 5.61
CA MET A 109 4.24 5.82 5.79
C MET A 109 4.46 4.62 6.73
N GLU A 110 3.50 4.34 7.61
CA GLU A 110 3.61 3.26 8.57
C GLU A 110 3.05 1.94 8.00
N VAL A 111 1.99 1.97 7.19
CA VAL A 111 1.56 0.80 6.46
C VAL A 111 2.60 0.45 5.39
N ALA A 112 3.27 1.44 4.81
CA ALA A 112 4.36 1.22 3.87
C ALA A 112 5.47 0.36 4.48
N SER A 113 5.99 0.78 5.64
CA SER A 113 6.94 0.03 6.43
C SER A 113 6.43 -1.40 6.71
N TYR A 114 5.12 -1.54 6.96
CA TYR A 114 4.47 -2.82 7.24
C TYR A 114 4.45 -3.70 5.99
N LEU A 115 4.14 -3.14 4.82
CA LEU A 115 3.91 -3.92 3.63
C LEU A 115 5.22 -4.43 3.04
N VAL A 116 6.31 -3.68 3.17
CA VAL A 116 7.64 -4.20 2.87
C VAL A 116 7.97 -5.35 3.83
N ALA A 117 7.65 -5.20 5.13
CA ALA A 117 7.90 -6.26 6.09
C ALA A 117 7.13 -7.54 5.73
N GLN A 118 5.93 -7.39 5.18
CA GLN A 118 5.13 -8.50 4.69
C GLN A 118 5.79 -9.14 3.46
N TYR A 119 6.09 -8.38 2.40
CA TYR A 119 6.34 -8.97 1.07
C TYR A 119 7.58 -8.46 0.29
N GLY A 120 8.34 -7.49 0.78
CA GLY A 120 9.45 -6.90 0.05
C GLY A 120 8.98 -5.94 -1.04
N GLU A 121 9.94 -5.17 -1.58
CA GLU A 121 9.75 -4.04 -2.48
C GLU A 121 9.03 -4.39 -3.79
N GLN A 122 8.98 -5.68 -4.19
CA GLN A 122 8.11 -6.15 -5.25
C GLN A 122 6.67 -5.97 -4.81
N ARG A 123 6.11 -6.91 -4.05
CA ARG A 123 4.67 -6.96 -3.75
C ARG A 123 4.21 -5.75 -2.97
N ALA A 124 5.10 -5.14 -2.18
CA ALA A 124 4.76 -3.92 -1.46
C ALA A 124 4.44 -2.76 -2.41
N TRP A 125 4.73 -2.89 -3.71
CA TRP A 125 4.19 -2.02 -4.74
C TRP A 125 3.38 -2.81 -5.78
N ASP A 126 3.91 -3.86 -6.38
CA ASP A 126 3.27 -4.72 -7.38
C ASP A 126 1.84 -5.13 -7.03
N LEU A 127 1.56 -5.49 -5.77
CA LEU A 127 0.23 -5.92 -5.32
C LEU A 127 -0.60 -4.67 -5.03
N ALA A 128 -0.01 -3.72 -4.31
CA ALA A 128 -0.54 -2.39 -4.01
C ALA A 128 -1.04 -1.64 -5.26
N LEU A 129 -0.36 -1.78 -6.40
CA LEU A 129 -0.66 -1.13 -7.66
C LEU A 129 -2.08 -1.43 -8.11
N HIS A 130 -2.47 -2.71 -8.03
CA HIS A 130 -3.82 -3.14 -8.38
C HIS A 130 -4.85 -2.45 -7.50
N THR A 131 -4.56 -2.16 -6.23
CA THR A 131 -5.54 -1.54 -5.33
C THR A 131 -5.81 -0.09 -5.75
N TRP A 132 -4.95 0.50 -6.57
CA TRP A 132 -5.26 1.77 -7.23
C TRP A 132 -6.28 1.59 -8.35
N GLU A 133 -6.30 0.44 -9.02
CA GLU A 133 -7.34 0.09 -9.96
C GLU A 133 -8.67 -0.10 -9.23
N GLN A 134 -8.65 -0.80 -8.08
CA GLN A 134 -9.81 -1.00 -7.22
C GLN A 134 -10.47 0.33 -6.87
N MET A 135 -9.73 1.22 -6.18
CA MET A 135 -10.26 2.49 -5.71
C MET A 135 -10.47 3.49 -6.86
N GLY A 136 -10.03 3.20 -8.09
CA GLY A 136 -10.20 4.08 -9.24
C GLY A 136 -9.24 5.27 -9.26
N LEU A 137 -8.18 5.26 -8.44
CA LEU A 137 -7.17 6.30 -8.31
C LEU A 137 -6.19 6.19 -9.47
N ARG A 138 -6.66 6.51 -10.67
CA ARG A 138 -5.87 6.35 -11.87
C ARG A 138 -4.71 7.32 -11.89
N SER A 139 -4.79 8.50 -11.26
CA SER A 139 -3.64 9.38 -11.11
C SER A 139 -2.50 8.65 -10.40
N LEU A 140 -2.80 7.96 -9.30
CA LEU A 140 -1.81 7.20 -8.53
C LEU A 140 -1.29 6.01 -9.33
N CYS A 141 -2.18 5.24 -9.94
CA CYS A 141 -1.84 4.09 -10.77
C CYS A 141 -0.93 4.54 -11.93
N ALA A 142 -1.31 5.63 -12.61
CA ALA A 142 -0.58 6.22 -13.71
C ALA A 142 0.81 6.61 -13.25
N GLN A 143 0.96 7.54 -12.29
CA GLN A 143 2.28 8.05 -11.92
C GLN A 143 3.23 6.98 -11.41
N ALA A 144 2.72 5.90 -10.80
CA ALA A 144 3.52 4.72 -10.44
C ALA A 144 4.08 3.94 -11.64
N GLN A 145 3.62 4.21 -12.85
CA GLN A 145 3.85 3.50 -14.10
C GLN A 145 4.07 4.52 -15.24
N GLU A 146 4.46 5.76 -14.91
CA GLU A 146 4.66 6.86 -15.85
C GLU A 146 5.91 7.64 -15.45
N GLY A 147 7.07 6.99 -15.56
CA GLY A 147 8.37 7.60 -15.33
C GLY A 147 8.82 7.53 -13.86
N ALA A 148 8.16 6.71 -13.04
CA ALA A 148 8.60 6.43 -11.66
C ALA A 148 8.33 4.97 -11.31
N GLY A 149 8.82 4.04 -12.12
CA GLY A 149 8.63 2.62 -11.92
C GLY A 149 9.26 2.18 -10.60
N HIS A 150 10.59 2.32 -10.48
CA HIS A 150 11.42 1.70 -9.46
C HIS A 150 11.33 0.17 -9.58
N SER A 151 10.22 -0.41 -9.12
CA SER A 151 9.79 -1.76 -9.43
C SER A 151 9.42 -1.81 -10.93
N MET A 59 12.47 10.85 3.99
CA MET A 59 12.78 10.16 5.22
C MET A 59 13.89 9.13 4.92
N ALA A 60 14.03 8.17 5.82
CA ALA A 60 14.84 6.97 5.72
C ALA A 60 14.02 5.86 6.37
N GLY A 61 13.52 4.92 5.59
CA GLY A 61 12.55 3.93 6.06
C GLY A 61 12.91 2.48 5.70
N GLY A 62 13.91 2.27 4.86
CA GLY A 62 14.35 0.95 4.41
C GLY A 62 14.14 0.83 2.90
N ALA A 63 12.94 1.16 2.40
CA ALA A 63 12.66 1.15 0.97
C ALA A 63 11.60 2.15 0.52
N TRP A 64 10.89 2.83 1.42
CA TRP A 64 9.54 3.25 1.09
C TRP A 64 9.37 4.76 0.90
N GLY A 65 10.46 5.52 0.81
CA GLY A 65 10.39 6.98 0.79
C GLY A 65 9.63 7.58 -0.39
N ARG A 66 9.39 6.85 -1.49
CA ARG A 66 8.44 7.24 -2.53
C ARG A 66 7.12 6.52 -2.35
N LEU A 67 7.10 5.25 -1.93
CA LEU A 67 5.83 4.54 -1.75
C LEU A 67 4.91 5.34 -0.81
N ALA A 68 5.45 5.84 0.30
CA ALA A 68 4.73 6.70 1.23
C ALA A 68 4.33 8.04 0.61
N CYS A 69 5.08 8.58 -0.37
CA CYS A 69 4.81 9.89 -0.97
C CYS A 69 3.47 9.86 -1.72
N TYR A 70 3.19 8.77 -2.44
CA TYR A 70 1.87 8.56 -3.02
C TYR A 70 0.84 8.55 -1.88
N LEU A 71 1.09 7.70 -0.89
CA LEU A 71 0.24 7.41 0.26
C LEU A 71 0.06 8.62 1.20
N GLU A 72 0.72 9.75 0.97
CA GLU A 72 0.69 10.93 1.82
C GLU A 72 -0.42 11.89 1.38
N PHE A 73 -0.98 11.79 0.16
CA PHE A 73 -2.04 12.72 -0.28
C PHE A 73 -3.38 12.35 0.37
N LEU A 74 -3.83 11.09 0.19
CA LEU A 74 -5.05 10.56 0.79
C LEU A 74 -4.91 10.44 2.30
N LYS A 75 -6.04 10.42 3.00
CA LYS A 75 -6.16 10.11 4.42
C LYS A 75 -7.07 8.89 4.54
N LYS A 76 -7.44 8.54 5.78
CA LYS A 76 -8.22 7.36 6.12
C LYS A 76 -9.55 7.20 5.36
N GLU A 77 -10.04 8.26 4.71
CA GLU A 77 -11.21 8.30 3.83
C GLU A 77 -11.17 7.18 2.77
N GLU A 78 -9.99 6.86 2.23
CA GLU A 78 -9.77 5.69 1.39
C GLU A 78 -8.36 5.11 1.56
N LEU A 79 -7.43 5.74 2.30
CA LEU A 79 -6.19 5.08 2.74
C LEU A 79 -6.50 3.80 3.52
N LYS A 80 -7.53 3.82 4.40
CA LYS A 80 -7.98 2.62 5.10
C LYS A 80 -8.36 1.61 4.04
N GLU A 81 -9.25 1.96 3.13
CA GLU A 81 -9.75 1.08 2.09
C GLU A 81 -8.60 0.49 1.28
N PHE A 82 -7.55 1.25 0.99
CA PHE A 82 -6.38 0.67 0.37
C PHE A 82 -5.84 -0.47 1.23
N GLN A 83 -5.43 -0.21 2.47
CA GLN A 83 -4.76 -1.24 3.29
C GLN A 83 -5.70 -2.39 3.68
N LEU A 84 -7.00 -2.13 3.76
CA LEU A 84 -8.12 -3.02 3.96
C LEU A 84 -8.20 -3.98 2.77
N LEU A 85 -8.54 -3.45 1.59
CA LEU A 85 -8.75 -4.20 0.36
C LEU A 85 -7.47 -4.95 0.00
N LEU A 86 -6.32 -4.29 0.03
CA LEU A 86 -5.00 -4.87 -0.23
C LEU A 86 -4.78 -6.13 0.59
N ALA A 87 -4.98 -6.07 1.90
CA ALA A 87 -4.72 -7.20 2.77
C ALA A 87 -5.69 -8.35 2.52
N ASN A 88 -6.84 -8.06 1.93
CA ASN A 88 -7.91 -9.01 1.68
C ASN A 88 -7.70 -9.69 0.33
N LYS A 89 -7.37 -8.91 -0.70
CA LYS A 89 -6.94 -9.35 -2.02
C LYS A 89 -5.73 -10.27 -1.88
N ALA A 90 -4.64 -9.74 -1.32
CA ALA A 90 -3.36 -10.38 -1.11
C ALA A 90 -2.84 -11.13 -2.34
N HIS A 91 -1.75 -11.88 -2.14
CA HIS A 91 -1.21 -12.81 -3.13
C HIS A 91 -1.85 -14.20 -2.93
N SER A 92 -3.18 -14.26 -2.78
CA SER A 92 -3.91 -15.49 -2.44
C SER A 92 -5.25 -15.51 -3.18
N ARG A 93 -5.77 -16.71 -3.47
CA ARG A 93 -7.08 -16.92 -4.10
C ARG A 93 -7.76 -18.19 -3.61
N SER A 94 -7.01 -19.14 -3.05
CA SER A 94 -7.52 -20.31 -2.36
C SER A 94 -6.60 -20.63 -1.18
N SER A 95 -6.70 -19.84 -0.11
CA SER A 95 -5.97 -19.93 1.16
C SER A 95 -4.46 -19.67 1.07
N SER A 96 -3.78 -20.25 0.08
CA SER A 96 -2.33 -20.40 -0.01
C SER A 96 -1.84 -21.17 1.22
N GLY A 97 -1.56 -20.48 2.33
CA GLY A 97 -1.15 -21.07 3.59
C GLY A 97 -0.89 -20.02 4.68
N GLU A 98 -1.25 -18.75 4.45
CA GLU A 98 -0.99 -17.69 5.41
C GLU A 98 -1.87 -17.86 6.65
N THR A 99 -1.49 -17.16 7.72
CA THR A 99 -2.14 -17.17 9.02
C THR A 99 -2.78 -15.77 9.18
N PRO A 100 -3.92 -15.62 9.87
CA PRO A 100 -4.51 -14.32 10.06
C PRO A 100 -3.65 -13.44 10.97
N ALA A 101 -3.83 -12.13 10.80
CA ALA A 101 -3.25 -11.06 11.60
C ALA A 101 -4.12 -9.81 11.36
N GLN A 102 -3.95 -8.76 12.16
CA GLN A 102 -4.66 -7.50 12.00
C GLN A 102 -3.70 -6.31 12.13
N PRO A 103 -3.95 -5.19 11.44
CA PRO A 103 -3.04 -4.04 11.40
C PRO A 103 -3.05 -3.22 12.69
N GLU A 104 -1.98 -2.44 12.86
CA GLU A 104 -1.89 -1.34 13.80
C GLU A 104 -1.15 -0.20 13.09
N LYS A 105 -1.78 0.49 12.14
CA LYS A 105 -1.18 1.61 11.41
C LYS A 105 -2.26 2.44 10.71
N THR A 106 -2.30 3.76 10.92
CA THR A 106 -3.33 4.64 10.34
C THR A 106 -2.76 5.91 9.69
N SER A 107 -1.46 5.99 9.40
CA SER A 107 -0.95 6.94 8.40
C SER A 107 -0.69 6.16 7.11
N GLY A 108 -0.75 6.81 5.95
CA GLY A 108 -0.32 6.21 4.71
C GLY A 108 1.20 6.05 4.68
N MET A 109 1.95 6.98 5.27
CA MET A 109 3.38 6.77 5.49
C MET A 109 3.67 5.67 6.53
N GLU A 110 2.65 5.16 7.23
CA GLU A 110 2.76 4.08 8.21
C GLU A 110 2.36 2.73 7.60
N VAL A 111 1.46 2.66 6.62
CA VAL A 111 1.24 1.45 5.87
C VAL A 111 2.44 1.14 4.97
N ALA A 112 3.16 2.18 4.56
CA ALA A 112 4.36 2.09 3.75
C ALA A 112 5.37 1.07 4.30
N SER A 113 5.87 1.26 5.53
CA SER A 113 6.74 0.29 6.19
C SER A 113 6.10 -1.10 6.31
N TYR A 114 4.77 -1.19 6.43
CA TYR A 114 4.06 -2.47 6.54
C TYR A 114 4.12 -3.23 5.22
N LEU A 115 3.98 -2.54 4.10
CA LEU A 115 3.95 -3.17 2.79
C LEU A 115 5.32 -3.78 2.48
N VAL A 116 6.40 -3.06 2.77
CA VAL A 116 7.77 -3.59 2.65
C VAL A 116 8.00 -4.68 3.70
N ALA A 117 7.39 -4.59 4.87
CA ALA A 117 7.48 -5.64 5.88
C ALA A 117 6.84 -6.96 5.39
N GLN A 118 5.73 -6.88 4.65
CA GLN A 118 5.09 -8.04 4.07
C GLN A 118 5.88 -8.55 2.85
N TYR A 119 6.08 -7.69 1.84
CA TYR A 119 6.49 -8.11 0.50
C TYR A 119 7.74 -7.40 -0.05
N GLY A 120 8.42 -6.61 0.75
CA GLY A 120 9.60 -5.86 0.37
C GLY A 120 9.26 -4.71 -0.57
N GLU A 121 9.59 -4.85 -1.82
CA GLU A 121 9.30 -3.86 -2.85
C GLU A 121 8.45 -4.47 -3.94
N GLN A 122 8.82 -5.67 -4.40
CA GLN A 122 8.22 -6.37 -5.52
C GLN A 122 6.71 -6.48 -5.31
N ARG A 123 6.21 -7.45 -4.55
CA ARG A 123 4.77 -7.51 -4.30
C ARG A 123 4.31 -6.34 -3.44
N ALA A 124 5.18 -5.66 -2.71
CA ALA A 124 4.75 -4.54 -1.86
C ALA A 124 4.19 -3.40 -2.70
N TRP A 125 4.48 -3.38 -3.99
CA TRP A 125 3.94 -2.45 -4.94
C TRP A 125 3.18 -3.24 -6.01
N ASP A 126 3.78 -4.20 -6.70
CA ASP A 126 3.16 -5.02 -7.76
C ASP A 126 1.79 -5.62 -7.39
N LEU A 127 1.58 -6.04 -6.14
CA LEU A 127 0.28 -6.46 -5.67
C LEU A 127 -0.51 -5.20 -5.33
N ALA A 128 0.02 -4.36 -4.45
CA ALA A 128 -0.64 -3.16 -3.94
C ALA A 128 -1.22 -2.25 -5.05
N LEU A 129 -0.57 -2.14 -6.22
CA LEU A 129 -0.97 -1.41 -7.43
C LEU A 129 -2.39 -1.79 -7.87
N HIS A 130 -2.76 -3.07 -7.76
CA HIS A 130 -4.10 -3.55 -8.11
C HIS A 130 -5.17 -2.75 -7.38
N THR A 131 -4.91 -2.32 -6.15
CA THR A 131 -5.91 -1.67 -5.31
C THR A 131 -6.31 -0.29 -5.88
N TRP A 132 -5.56 0.23 -6.85
CA TRP A 132 -5.95 1.41 -7.62
C TRP A 132 -6.96 1.09 -8.73
N GLU A 133 -7.10 -0.18 -9.11
CA GLU A 133 -8.26 -0.67 -9.83
C GLU A 133 -9.46 -0.48 -8.90
N GLN A 134 -9.39 -1.06 -7.70
CA GLN A 134 -10.48 -1.09 -6.72
C GLN A 134 -10.95 0.32 -6.32
N MET A 135 -10.02 1.22 -5.94
CA MET A 135 -10.36 2.58 -5.53
C MET A 135 -10.51 3.54 -6.70
N GLY A 136 -10.09 3.16 -7.91
CA GLY A 136 -10.27 4.00 -9.09
C GLY A 136 -9.26 5.13 -9.25
N LEU A 137 -8.21 5.19 -8.40
CA LEU A 137 -7.23 6.27 -8.42
C LEU A 137 -6.24 6.01 -9.55
N ARG A 138 -6.67 6.38 -10.76
CA ARG A 138 -5.87 6.29 -11.96
C ARG A 138 -4.55 7.03 -11.77
N SER A 139 -4.61 8.25 -11.22
CA SER A 139 -3.48 9.07 -10.87
C SER A 139 -2.43 8.29 -10.11
N LEU A 140 -2.80 7.61 -9.03
CA LEU A 140 -1.85 6.92 -8.17
C LEU A 140 -1.22 5.74 -8.89
N CYS A 141 -2.01 4.97 -9.65
CA CYS A 141 -1.49 3.90 -10.49
C CYS A 141 -0.51 4.45 -11.52
N ALA A 142 -0.90 5.57 -12.13
CA ALA A 142 -0.16 6.24 -13.17
C ALA A 142 1.14 6.78 -12.58
N GLN A 143 1.12 7.70 -11.62
CA GLN A 143 2.30 8.23 -10.95
C GLN A 143 3.18 7.13 -10.33
N ALA A 144 2.65 5.95 -9.99
CA ALA A 144 3.47 4.81 -9.57
C ALA A 144 4.30 4.21 -10.71
N GLN A 145 3.91 4.36 -11.99
CA GLN A 145 4.43 3.54 -13.09
C GLN A 145 4.63 4.35 -14.39
N GLU A 146 4.50 5.67 -14.33
CA GLU A 146 4.63 6.59 -15.45
C GLU A 146 5.99 7.31 -15.41
N GLY A 147 6.92 6.71 -14.67
CA GLY A 147 8.20 7.29 -14.31
C GLY A 147 8.03 8.48 -13.38
N ALA A 148 6.98 8.46 -12.55
CA ALA A 148 6.45 9.59 -11.78
C ALA A 148 6.06 10.81 -12.63
N GLY A 149 6.10 10.71 -13.97
CA GLY A 149 5.73 11.76 -14.90
C GLY A 149 6.90 12.72 -15.00
N HIS A 150 8.01 12.23 -15.56
CA HIS A 150 9.26 12.98 -15.56
C HIS A 150 10.13 12.77 -16.79
N SER A 151 9.98 11.67 -17.53
CA SER A 151 10.87 11.42 -18.66
C SER A 151 10.65 12.49 -19.74
#